data_7MFP
#
_entry.id   7MFP
#
_cell.length_a   91.033
_cell.length_b   108.548
_cell.length_c   145.514
_cell.angle_alpha   90.000
_cell.angle_beta   90.000
_cell.angle_gamma   90.000
#
_symmetry.space_group_name_H-M   'P 21 21 21'
#
loop_
_entity.id
_entity.type
_entity.pdbx_description
1 polymer 'L136 aminotransferase'
2 non-polymer '(2R,3R,4S,5S,6R)-3,4-dihydroxy-5-[(E)-({3-hydroxy-2-methyl-5-[(phosphonooxy)methyl]pyridin-4-yl}methylidene)amino]-6-methyloxan-2-yl [(2R,3S,4R,5R)-5-(2,4-dioxo-3,4-dihydropyrimidin-1(2H)-yl)-3,4-dihydroxyoxolan-2-yl]methyl dihydrogen diphosphate (non-preferred name)'
3 non-polymer 'CHLORIDE ION'
4 non-polymer 1,2-ETHANEDIOL
5 non-polymer 'SODIUM ION'
6 water water
#
_entity_poly.entity_id   1
_entity_poly.type   'polypeptide(L)'
_entity_poly.pdbx_seq_one_letter_code
;GGGHMGLEKLTWVSEKKPDWSNVQKLIAACEATNQYTNIGPIISQLESFIRDSFLIEESKAVIVTSNGTSALHALVGGIN
RQLGRELKFVTQSFTFPSSNQGPLKDSIIVDIDEDGGLDLNAVKNIEYDGIIVTNIHGNVVDINKYVDFCMNHNKLLIFD
NAATGYTFYLGKNSCNYGHASIISFHHTAPFGFGEGGCIIVDRLYENNIRIGLNFGLDNSLGEKSQYSNQASNYRMCDLN
AAFILSYLQNNYKKIINRHSEIYEIYKNNLPKRFKLFPNHSKKNPVCSSICLLFDKPFRLDKIPFLSRKYYKPLDLSSPV
SLDFYQRILCIPCNIDLTDRQIYEIIGVLNEFADKN
;
_entity_poly.pdbx_strand_id   A,B,C,D
#
loop_
_chem_comp.id
_chem_comp.type
_chem_comp.name
_chem_comp.formula
CL non-polymer 'CHLORIDE ION' 'Cl -1'
EDO non-polymer 1,2-ETHANEDIOL 'C2 H6 O2'
NA non-polymer 'SODIUM ION' 'Na 1'
Z7P non-polymer '(2R,3R,4S,5S,6R)-3,4-dihydroxy-5-[(E)-({3-hydroxy-2-methyl-5-[(phosphonooxy)methyl]pyridin-4-yl}methylidene)amino]-6-methyloxan-2-yl [(2R,3S,4R,5R)-5-(2,4-dioxo-3,4-dihydropyrimidin-1(2H)-yl)-3,4-dihydroxyoxolan-2-yl]methyl dihydrogen diphosphate (non-preferred name)' 'C23 H33 N4 O20 P3'
#
# COMPACT_ATOMS: atom_id res chain seq x y z
N GLY A 6 -20.46 46.19 -8.07
CA GLY A 6 -19.42 45.30 -7.46
C GLY A 6 -19.63 43.83 -7.80
N LEU A 7 -20.91 43.42 -7.88
CA LEU A 7 -21.29 41.99 -8.06
C LEU A 7 -21.36 41.62 -9.53
N GLU A 8 -21.34 42.62 -10.44
CA GLU A 8 -21.21 42.47 -11.92
C GLU A 8 -19.96 41.62 -12.25
N LYS A 9 -18.86 41.75 -11.51
CA LYS A 9 -17.63 41.05 -11.94
C LYS A 9 -17.46 39.69 -11.22
N LEU A 10 -18.42 39.21 -10.43
CA LEU A 10 -18.36 37.83 -9.88
C LEU A 10 -18.13 36.83 -11.04
N THR A 11 -17.26 35.85 -10.81
CA THR A 11 -17.08 34.66 -11.68
C THR A 11 -17.28 33.40 -10.83
N TRP A 12 -17.74 32.31 -11.45
CA TRP A 12 -17.90 31.02 -10.78
C TRP A 12 -16.51 30.54 -10.32
N VAL A 13 -15.57 30.61 -11.24
CA VAL A 13 -14.21 30.02 -11.07
C VAL A 13 -13.24 31.18 -10.98
N SER A 14 -12.17 31.09 -10.19
CA SER A 14 -11.09 32.09 -10.31
C SER A 14 -10.53 32.06 -11.74
N GLU A 15 -10.04 33.20 -12.20
CA GLU A 15 -9.22 33.33 -13.43
C GLU A 15 -8.01 32.43 -13.28
N LYS A 16 -7.91 31.46 -14.19
CA LYS A 16 -6.81 30.47 -14.19
C LYS A 16 -6.12 30.60 -15.52
N LYS A 17 -4.80 30.57 -15.46
CA LYS A 17 -3.93 30.78 -16.62
C LYS A 17 -2.71 29.90 -16.41
N PRO A 18 -2.20 29.26 -17.48
CA PRO A 18 -1.01 28.42 -17.35
C PRO A 18 0.21 29.29 -16.98
N ASP A 19 1.00 28.77 -16.07
CA ASP A 19 2.36 29.32 -15.81
C ASP A 19 3.24 28.69 -16.89
N TRP A 20 3.31 29.31 -18.05
CA TRP A 20 3.83 28.62 -19.26
C TRP A 20 5.26 28.15 -19.05
N SER A 21 6.08 28.94 -18.36
CA SER A 21 7.52 28.60 -18.22
C SER A 21 7.61 27.30 -17.39
N ASN A 22 6.74 27.15 -16.38
CA ASN A 22 6.71 25.98 -15.47
C ASN A 22 6.07 24.78 -16.17
N VAL A 23 4.98 25.00 -16.92
CA VAL A 23 4.33 23.90 -17.69
C VAL A 23 5.32 23.34 -18.72
N GLN A 24 6.07 24.20 -19.40
CA GLN A 24 7.06 23.80 -20.45
C GLN A 24 8.18 23.00 -19.78
N LYS A 25 8.63 23.45 -18.63
CA LYS A 25 9.71 22.76 -17.86
C LYS A 25 9.21 21.36 -17.50
N LEU A 26 7.95 21.19 -17.13
CA LEU A 26 7.44 19.86 -16.74
C LEU A 26 7.37 18.95 -17.97
N ILE A 27 6.76 19.43 -19.05
CA ILE A 27 6.52 18.65 -20.29
C ILE A 27 7.83 18.42 -21.07
N ALA A 28 8.91 19.15 -20.77
CA ALA A 28 10.28 18.85 -21.29
C ALA A 28 10.63 17.38 -21.00
N ALA A 29 10.21 16.82 -19.86
CA ALA A 29 10.40 15.39 -19.55
C ALA A 29 9.72 14.49 -20.61
N CYS A 30 8.48 14.80 -21.01
CA CYS A 30 7.75 14.12 -22.12
C CYS A 30 8.49 14.32 -23.44
N GLU A 31 8.93 15.53 -23.75
CA GLU A 31 9.60 15.85 -25.05
C GLU A 31 10.86 14.98 -25.20
N ALA A 32 11.61 14.78 -24.12
CA ALA A 32 12.90 14.04 -24.12
C ALA A 32 12.69 12.57 -24.49
N THR A 33 11.57 11.94 -24.14
CA THR A 33 11.36 10.49 -24.35
C THR A 33 10.19 10.21 -25.29
N ASN A 34 9.44 11.24 -25.72
CA ASN A 34 8.22 11.08 -26.53
C ASN A 34 7.11 10.35 -25.74
N GLN A 35 7.19 10.28 -24.39
CA GLN A 35 6.17 9.61 -23.54
C GLN A 35 5.26 10.69 -22.94
N TYR A 36 4.11 10.93 -23.57
CA TYR A 36 3.16 11.99 -23.16
C TYR A 36 1.90 11.37 -22.56
N THR A 37 1.77 10.06 -22.63
CA THR A 37 0.64 9.34 -22.01
C THR A 37 1.05 7.89 -21.75
N ASN A 38 0.08 7.06 -21.38
CA ASN A 38 0.25 5.64 -20.96
C ASN A 38 1.19 5.59 -19.78
N ILE A 39 1.09 6.59 -18.89
CA ILE A 39 1.90 6.82 -17.66
C ILE A 39 3.32 7.27 -18.07
N GLY A 40 3.41 8.51 -18.56
CA GLY A 40 4.68 9.20 -18.81
C GLY A 40 5.35 9.67 -17.51
N PRO A 41 6.34 10.56 -17.59
CA PRO A 41 7.12 10.96 -16.42
C PRO A 41 6.43 11.97 -15.48
N ILE A 42 5.30 12.58 -15.88
CA ILE A 42 4.58 13.58 -15.02
C ILE A 42 3.62 12.89 -14.02
N ILE A 43 3.02 11.75 -14.36
CA ILE A 43 2.00 11.07 -13.52
C ILE A 43 2.53 10.87 -12.10
N SER A 44 3.69 10.25 -11.92
CA SER A 44 4.25 10.04 -10.56
C SER A 44 4.46 11.40 -9.89
N GLN A 45 4.85 12.44 -10.61
CA GLN A 45 5.09 13.76 -9.96
C GLN A 45 3.78 14.31 -9.38
N LEU A 46 2.67 14.21 -10.12
CA LEU A 46 1.36 14.78 -9.69
C LEU A 46 0.80 13.93 -8.55
N GLU A 47 0.82 12.61 -8.68
CA GLU A 47 0.33 11.65 -7.65
C GLU A 47 1.11 11.89 -6.32
N SER A 48 2.43 12.09 -6.38
CA SER A 48 3.29 12.44 -5.21
C SER A 48 2.81 13.73 -4.57
N PHE A 49 2.76 14.80 -5.36
CA PHE A 49 2.37 16.16 -4.91
C PHE A 49 1.00 16.10 -4.23
N ILE A 50 0.04 15.37 -4.80
CA ILE A 50 -1.33 15.24 -4.20
C ILE A 50 -1.17 14.51 -2.86
N ARG A 51 -0.40 13.42 -2.83
CA ARG A 51 -0.18 12.64 -1.58
C ARG A 51 0.35 13.59 -0.49
N ASP A 52 1.37 14.37 -0.81
CA ASP A 52 2.14 15.15 0.20
C ASP A 52 1.36 16.42 0.55
N SER A 53 0.69 17.07 -0.41
CA SER A 53 -0.02 18.35 -0.21
C SER A 53 -1.41 18.14 0.41
N PHE A 54 -2.13 17.10 -0.01
CA PHE A 54 -3.50 16.84 0.48
C PHE A 54 -3.43 15.96 1.73
N LEU A 55 -2.25 15.38 2.04
CA LEU A 55 -2.04 14.58 3.28
C LEU A 55 -2.82 13.28 3.20
N ILE A 56 -2.50 12.49 2.18
CA ILE A 56 -3.04 11.12 2.02
C ILE A 56 -2.14 10.16 2.81
N GLU A 57 -2.75 9.17 3.47
CA GLU A 57 -2.02 8.13 4.27
C GLU A 57 -1.44 7.02 3.39
N GLU A 58 -0.45 6.27 3.91
CA GLU A 58 0.35 5.22 3.20
C GLU A 58 -0.56 4.06 2.79
N SER A 59 -1.60 3.77 3.58
CA SER A 59 -2.49 2.62 3.32
C SER A 59 -3.41 2.95 2.14
N LYS A 60 -3.24 4.13 1.52
CA LYS A 60 -4.04 4.59 0.35
C LYS A 60 -3.16 4.85 -0.88
N ALA A 61 -3.57 4.29 -2.02
CA ALA A 61 -3.05 4.64 -3.37
C ALA A 61 -3.55 6.04 -3.77
N VAL A 62 -2.73 6.80 -4.49
CA VAL A 62 -3.15 8.05 -5.19
C VAL A 62 -3.04 7.79 -6.69
N ILE A 63 -4.20 7.74 -7.36
CA ILE A 63 -4.31 7.28 -8.78
C ILE A 63 -5.00 8.37 -9.60
N VAL A 64 -4.27 9.09 -10.43
CA VAL A 64 -4.91 10.15 -11.26
C VAL A 64 -5.57 9.48 -12.47
N THR A 65 -6.63 10.10 -12.94
CA THR A 65 -7.50 9.67 -14.06
C THR A 65 -7.85 10.89 -14.92
N SER A 66 -8.52 10.65 -16.05
CA SER A 66 -8.89 11.68 -17.06
C SER A 66 -9.84 12.75 -16.47
N ASN A 67 -10.73 12.38 -15.54
CA ASN A 67 -11.71 13.30 -14.95
C ASN A 67 -12.28 12.69 -13.67
N GLY A 68 -13.05 13.46 -12.90
CA GLY A 68 -13.66 12.92 -11.65
C GLY A 68 -14.54 11.73 -11.93
N THR A 69 -15.34 11.80 -12.98
CA THR A 69 -16.22 10.70 -13.40
C THR A 69 -15.40 9.42 -13.61
N SER A 70 -14.29 9.47 -14.37
CA SER A 70 -13.44 8.28 -14.69
C SER A 70 -12.70 7.83 -13.44
N ALA A 71 -12.43 8.75 -12.49
CA ALA A 71 -11.91 8.34 -11.18
C ALA A 71 -12.92 7.39 -10.51
N LEU A 72 -14.20 7.79 -10.41
CA LEU A 72 -15.25 6.96 -9.80
C LEU A 72 -15.42 5.65 -10.61
N HIS A 73 -15.46 5.73 -11.95
CA HIS A 73 -15.73 4.56 -12.83
C HIS A 73 -14.54 3.58 -12.80
N ALA A 74 -13.31 4.08 -12.88
CA ALA A 74 -12.06 3.28 -12.78
C ALA A 74 -12.03 2.57 -11.43
N LEU A 75 -12.37 3.27 -10.35
CA LEU A 75 -12.40 2.69 -8.99
C LEU A 75 -13.32 1.47 -8.97
N VAL A 76 -14.56 1.62 -9.43
CA VAL A 76 -15.60 0.56 -9.44
C VAL A 76 -15.17 -0.57 -10.38
N GLY A 77 -14.62 -0.24 -11.54
CA GLY A 77 -14.28 -1.25 -12.55
C GLY A 77 -13.13 -2.11 -12.06
N GLY A 78 -12.14 -1.48 -11.44
CA GLY A 78 -10.99 -2.14 -10.79
C GLY A 78 -11.43 -3.08 -9.69
N ILE A 79 -12.38 -2.62 -8.86
CA ILE A 79 -12.95 -3.45 -7.76
C ILE A 79 -13.73 -4.61 -8.33
N ASN A 80 -14.60 -4.38 -9.32
CA ASN A 80 -15.39 -5.44 -9.99
C ASN A 80 -14.46 -6.54 -10.54
N ARG A 81 -13.39 -6.14 -11.21
CA ARG A 81 -12.47 -7.11 -11.82
C ARG A 81 -11.83 -7.91 -10.69
N GLN A 82 -11.39 -7.24 -9.62
CA GLN A 82 -10.71 -7.92 -8.49
C GLN A 82 -11.64 -8.96 -7.86
N LEU A 83 -12.96 -8.72 -7.76
CA LEU A 83 -13.88 -9.61 -7.01
C LEU A 83 -14.56 -10.60 -7.96
N GLY A 84 -14.43 -10.40 -9.27
CA GLY A 84 -14.97 -11.33 -10.28
C GLY A 84 -16.47 -11.18 -10.42
N ARG A 85 -16.98 -10.00 -10.12
CA ARG A 85 -18.43 -9.74 -10.09
C ARG A 85 -18.68 -8.23 -10.35
N GLU A 86 -19.79 -7.89 -11.00
CA GLU A 86 -20.21 -6.47 -11.14
C GLU A 86 -20.98 -6.07 -9.89
N LEU A 87 -20.34 -5.29 -9.02
CA LEU A 87 -20.86 -4.93 -7.68
C LEU A 87 -22.03 -3.97 -7.83
N LYS A 88 -23.00 -4.07 -6.94
CA LYS A 88 -24.24 -3.26 -6.94
C LYS A 88 -24.04 -2.12 -5.93
N PHE A 89 -24.03 -0.86 -6.38
CA PHE A 89 -23.80 0.29 -5.47
C PHE A 89 -25.10 1.05 -5.26
N VAL A 90 -25.24 1.62 -4.06
CA VAL A 90 -26.28 2.63 -3.79
C VAL A 90 -25.62 4.01 -3.81
N THR A 91 -26.26 4.98 -4.42
CA THR A 91 -25.80 6.39 -4.37
C THR A 91 -26.99 7.24 -3.89
N GLN A 92 -26.74 8.48 -3.49
CA GLN A 92 -27.82 9.38 -3.01
C GLN A 92 -28.39 10.14 -4.21
N SER A 93 -29.66 10.57 -4.13
CA SER A 93 -30.33 11.33 -5.21
C SER A 93 -29.72 12.72 -5.37
N PHE A 94 -29.25 13.30 -4.27
CA PHE A 94 -28.67 14.65 -4.20
C PHE A 94 -27.18 14.53 -4.52
N THR A 95 -26.87 14.35 -5.80
CA THR A 95 -25.48 14.25 -6.32
C THR A 95 -25.46 14.46 -7.83
N PHE A 96 -24.25 14.48 -8.38
CA PHE A 96 -23.96 14.64 -9.82
C PHE A 96 -24.22 13.32 -10.53
N PRO A 97 -24.51 13.33 -11.86
CA PRO A 97 -24.83 12.09 -12.56
C PRO A 97 -23.80 10.96 -12.55
N SER A 98 -22.54 11.25 -12.22
CA SER A 98 -21.39 10.31 -12.36
C SER A 98 -21.70 8.97 -11.67
N SER A 99 -22.38 8.99 -10.51
CA SER A 99 -22.61 7.78 -9.67
C SER A 99 -23.84 6.96 -10.15
N ASN A 100 -24.43 7.31 -11.29
CA ASN A 100 -25.48 6.49 -11.97
C ASN A 100 -25.10 6.35 -13.45
N GLN A 101 -23.81 6.21 -13.77
CA GLN A 101 -23.29 6.07 -15.16
C GLN A 101 -22.16 5.06 -15.18
N GLY A 102 -21.74 4.63 -16.38
CA GLY A 102 -20.61 3.69 -16.54
C GLY A 102 -20.89 2.40 -15.76
N PRO A 103 -19.95 1.85 -14.99
CA PRO A 103 -20.22 0.61 -14.25
C PRO A 103 -21.28 0.83 -13.15
N LEU A 104 -21.69 2.09 -12.93
CA LEU A 104 -22.72 2.46 -11.93
C LEU A 104 -24.03 2.85 -12.63
N LYS A 105 -24.19 2.58 -13.92
CA LYS A 105 -25.41 3.02 -14.67
C LYS A 105 -26.67 2.39 -14.07
N ASP A 106 -26.52 1.26 -13.37
CA ASP A 106 -27.68 0.56 -12.77
C ASP A 106 -27.61 0.63 -11.23
N SER A 107 -26.83 1.56 -10.68
CA SER A 107 -26.76 1.86 -9.22
C SER A 107 -28.16 2.13 -8.70
N ILE A 108 -28.37 1.85 -7.40
CA ILE A 108 -29.66 2.12 -6.72
C ILE A 108 -29.58 3.56 -6.17
N ILE A 109 -30.61 4.35 -6.42
CA ILE A 109 -30.68 5.77 -5.96
C ILE A 109 -31.64 5.82 -4.76
N VAL A 110 -31.12 6.25 -3.61
CA VAL A 110 -31.94 6.53 -2.40
C VAL A 110 -31.82 8.03 -2.06
N ASP A 111 -32.70 8.49 -1.18
CA ASP A 111 -32.68 9.87 -0.63
C ASP A 111 -31.49 10.10 0.31
N ILE A 112 -31.16 11.37 0.48
CA ILE A 112 -30.27 11.87 1.56
C ILE A 112 -31.14 12.00 2.81
N ASP A 113 -30.49 12.10 3.97
CA ASP A 113 -31.12 12.55 5.24
C ASP A 113 -30.82 14.05 5.35
N GLU A 114 -31.30 14.69 6.41
CA GLU A 114 -31.23 16.17 6.51
C GLU A 114 -29.77 16.59 6.79
N ASP A 115 -28.86 15.65 7.01
CA ASP A 115 -27.44 15.96 7.24
C ASP A 115 -26.64 15.97 5.92
N GLY A 116 -27.29 15.78 4.77
CA GLY A 116 -26.70 16.03 3.44
C GLY A 116 -26.17 14.78 2.73
N GLY A 117 -26.21 13.61 3.37
CA GLY A 117 -25.67 12.34 2.84
C GLY A 117 -26.72 11.23 2.73
N LEU A 118 -26.39 10.20 1.96
CA LEU A 118 -27.22 9.00 1.72
C LEU A 118 -27.90 8.62 3.05
N ASP A 119 -29.21 8.45 3.00
CA ASP A 119 -30.02 8.03 4.18
C ASP A 119 -29.80 6.53 4.48
N LEU A 120 -29.00 6.22 5.50
CA LEU A 120 -28.74 4.79 5.85
C LEU A 120 -30.05 4.02 6.10
N ASN A 121 -31.15 4.68 6.46
CA ASN A 121 -32.45 4.01 6.73
C ASN A 121 -32.97 3.35 5.46
N ALA A 122 -32.68 3.92 4.29
CA ALA A 122 -33.18 3.44 2.98
C ALA A 122 -32.39 2.23 2.48
N VAL A 123 -31.30 1.81 3.12
CA VAL A 123 -30.50 0.62 2.67
C VAL A 123 -30.58 -0.49 3.72
N LYS A 124 -31.45 -0.35 4.72
CA LYS A 124 -31.62 -1.39 5.77
C LYS A 124 -32.02 -2.72 5.11
N ASN A 125 -32.97 -2.70 4.18
CA ASN A 125 -33.67 -3.93 3.73
C ASN A 125 -33.59 -4.08 2.20
N ILE A 126 -32.42 -3.87 1.61
CA ILE A 126 -32.21 -4.09 0.14
C ILE A 126 -30.83 -4.73 -0.04
N GLU A 127 -30.62 -5.40 -1.18
CA GLU A 127 -29.36 -6.08 -1.57
C GLU A 127 -28.44 -5.10 -2.30
N TYR A 128 -27.21 -4.99 -1.86
CA TYR A 128 -26.21 -4.05 -2.41
C TYR A 128 -24.87 -4.49 -1.84
N ASP A 129 -23.78 -4.13 -2.53
CA ASP A 129 -22.40 -4.48 -2.14
C ASP A 129 -21.76 -3.27 -1.47
N GLY A 130 -22.23 -2.07 -1.79
CA GLY A 130 -21.57 -0.85 -1.32
C GLY A 130 -22.41 0.39 -1.51
N ILE A 131 -21.97 1.45 -0.87
CA ILE A 131 -22.66 2.77 -0.91
C ILE A 131 -21.68 3.82 -1.38
N ILE A 132 -22.21 4.82 -2.09
CA ILE A 132 -21.49 6.05 -2.50
C ILE A 132 -22.20 7.22 -1.82
N VAL A 133 -21.45 7.93 -0.99
CA VAL A 133 -21.94 9.10 -0.21
C VAL A 133 -21.24 10.35 -0.73
N THR A 134 -21.99 11.38 -1.07
CA THR A 134 -21.43 12.63 -1.64
C THR A 134 -21.24 13.64 -0.49
N ASN A 135 -20.00 14.10 -0.31
CA ASN A 135 -19.61 15.27 0.53
C ASN A 135 -19.81 16.53 -0.32
N ILE A 136 -20.96 17.18 -0.18
CA ILE A 136 -21.46 18.26 -1.09
C ILE A 136 -20.60 19.54 -1.05
N HIS A 137 -19.92 19.87 -2.16
CA HIS A 137 -19.24 21.16 -2.41
C HIS A 137 -18.26 21.52 -1.26
N GLY A 138 -17.62 20.53 -0.65
CA GLY A 138 -16.52 20.71 0.31
C GLY A 138 -16.97 20.44 1.74
N ASN A 139 -18.28 20.48 1.96
CA ASN A 139 -18.94 20.09 3.23
C ASN A 139 -18.81 18.58 3.39
N VAL A 140 -18.75 18.08 4.60
CA VAL A 140 -18.67 16.62 4.88
C VAL A 140 -19.81 16.20 5.78
N VAL A 141 -20.32 15.00 5.50
CA VAL A 141 -21.30 14.27 6.32
C VAL A 141 -20.67 13.88 7.65
N ASP A 142 -21.47 13.29 8.54
CA ASP A 142 -20.94 12.58 9.72
C ASP A 142 -20.23 11.31 9.21
N ILE A 143 -18.97 11.41 8.85
CA ILE A 143 -18.27 10.31 8.11
C ILE A 143 -18.25 9.02 8.95
N ASN A 144 -17.99 9.11 10.25
CA ASN A 144 -17.87 7.89 11.11
C ASN A 144 -19.22 7.14 11.15
N LYS A 145 -20.37 7.78 10.97
CA LYS A 145 -21.62 7.00 10.98
C LYS A 145 -21.66 6.09 9.73
N TYR A 146 -21.09 6.54 8.60
CA TYR A 146 -21.05 5.72 7.36
C TYR A 146 -19.99 4.61 7.51
N VAL A 147 -18.79 4.95 7.95
CA VAL A 147 -17.69 3.97 8.21
C VAL A 147 -18.23 2.85 9.11
N ASP A 148 -18.93 3.20 10.20
CA ASP A 148 -19.42 2.22 11.20
C ASP A 148 -20.48 1.33 10.57
N PHE A 149 -21.47 1.91 9.91
CA PHE A 149 -22.56 1.13 9.30
C PHE A 149 -21.97 0.11 8.31
N CYS A 150 -21.13 0.56 7.37
CA CYS A 150 -20.57 -0.29 6.30
C CYS A 150 -19.68 -1.38 6.91
N MET A 151 -18.97 -1.05 7.97
CA MET A 151 -18.16 -2.03 8.75
C MET A 151 -19.11 -3.09 9.34
N ASN A 152 -20.21 -2.70 9.98
CA ASN A 152 -21.16 -3.63 10.65
C ASN A 152 -21.96 -4.44 9.62
N HIS A 153 -22.11 -3.96 8.38
CA HIS A 153 -22.92 -4.69 7.37
C HIS A 153 -22.03 -5.33 6.30
N ASN A 154 -20.71 -5.25 6.44
CA ASN A 154 -19.74 -5.80 5.46
C ASN A 154 -20.05 -5.23 4.05
N LYS A 155 -20.09 -3.90 3.92
CA LYS A 155 -20.35 -3.18 2.65
C LYS A 155 -19.15 -2.29 2.33
N LEU A 156 -18.89 -2.10 1.04
CA LEU A 156 -17.86 -1.13 0.57
C LEU A 156 -18.41 0.30 0.74
N LEU A 157 -17.53 1.23 1.09
CA LEU A 157 -17.85 2.66 1.29
C LEU A 157 -16.94 3.53 0.41
N ILE A 158 -17.56 4.23 -0.55
CA ILE A 158 -16.90 5.21 -1.45
C ILE A 158 -17.44 6.61 -1.11
N PHE A 159 -16.55 7.56 -0.88
CA PHE A 159 -16.92 9.00 -0.76
C PHE A 159 -16.73 9.66 -2.11
N ASP A 160 -17.81 10.19 -2.69
CA ASP A 160 -17.71 11.13 -3.83
C ASP A 160 -17.27 12.48 -3.26
N ASN A 161 -15.97 12.72 -3.26
CA ASN A 161 -15.30 13.99 -2.89
C ASN A 161 -14.90 14.79 -4.12
N ALA A 162 -15.64 14.68 -5.22
CA ALA A 162 -15.32 15.44 -6.46
C ALA A 162 -14.98 16.89 -6.08
N ALA A 163 -15.79 17.48 -5.21
CA ALA A 163 -15.77 18.91 -4.87
C ALA A 163 -15.13 19.13 -3.50
N THR A 164 -14.44 18.11 -2.95
CA THR A 164 -14.11 18.06 -1.52
C THR A 164 -12.68 17.52 -1.38
N GLY A 165 -11.68 18.26 -1.83
CA GLY A 165 -10.27 17.79 -1.83
C GLY A 165 -9.56 18.06 -0.53
N TYR A 166 -10.04 19.04 0.27
CA TYR A 166 -9.26 19.47 1.47
C TYR A 166 -10.21 19.94 2.58
N THR A 167 -11.12 19.07 2.97
CA THR A 167 -11.91 19.21 4.23
C THR A 167 -11.49 18.11 5.20
N PHE A 168 -11.08 18.49 6.41
CA PHE A 168 -10.48 17.57 7.40
C PHE A 168 -11.58 17.08 8.36
N TYR A 169 -11.53 15.79 8.66
CA TYR A 169 -12.46 15.09 9.57
C TYR A 169 -11.65 14.31 10.60
N LEU A 170 -11.87 14.66 11.87
CA LEU A 170 -11.16 14.12 13.05
C LEU A 170 -9.69 13.99 12.73
N GLY A 171 -9.11 15.08 12.23
CA GLY A 171 -7.66 15.28 12.10
C GLY A 171 -7.06 14.71 10.83
N LYS A 172 -7.85 14.19 9.90
CA LYS A 172 -7.25 13.81 8.59
C LYS A 172 -8.14 14.19 7.40
N ASN A 173 -7.50 14.24 6.23
CA ASN A 173 -8.22 14.61 4.98
C ASN A 173 -9.37 13.63 4.85
N SER A 174 -10.60 14.14 4.63
CA SER A 174 -11.81 13.29 4.52
C SER A 174 -11.58 12.22 3.45
N CYS A 175 -10.67 12.45 2.50
CA CYS A 175 -10.39 11.52 1.37
C CYS A 175 -9.85 10.17 1.89
N ASN A 176 -9.31 10.14 3.13
CA ASN A 176 -8.67 8.97 3.79
C ASN A 176 -9.73 8.03 4.38
N TYR A 177 -10.99 8.42 4.40
CA TYR A 177 -12.05 7.57 5.01
C TYR A 177 -12.76 6.78 3.93
N GLY A 178 -13.51 5.75 4.36
CA GLY A 178 -14.10 4.73 3.49
C GLY A 178 -13.03 3.86 2.88
N HIS A 179 -13.39 2.91 2.05
CA HIS A 179 -12.42 2.09 1.28
C HIS A 179 -11.77 2.97 0.21
N ALA A 180 -12.49 4.00 -0.27
CA ALA A 180 -11.97 4.90 -1.32
C ALA A 180 -12.70 6.23 -1.31
N SER A 181 -12.05 7.24 -1.87
CA SER A 181 -12.73 8.48 -2.32
C SER A 181 -12.21 8.89 -3.70
N ILE A 182 -12.95 9.78 -4.35
CA ILE A 182 -12.51 10.40 -5.63
C ILE A 182 -12.55 11.92 -5.50
N ILE A 183 -11.65 12.60 -6.19
CA ILE A 183 -11.56 14.07 -6.29
C ILE A 183 -11.63 14.46 -7.77
N SER A 184 -12.20 15.63 -8.08
CA SER A 184 -12.20 16.16 -9.45
C SER A 184 -11.19 17.31 -9.54
N PHE A 185 -10.44 17.35 -10.64
CA PHE A 185 -9.56 18.45 -11.07
C PHE A 185 -10.16 19.10 -12.31
N HIS A 186 -11.47 19.00 -12.47
CA HIS A 186 -12.20 19.81 -13.47
C HIS A 186 -11.89 21.30 -13.28
N HIS A 187 -11.96 22.09 -14.36
CA HIS A 187 -11.65 23.54 -14.32
C HIS A 187 -12.50 24.20 -13.23
N THR A 188 -13.73 23.72 -13.04
CA THR A 188 -14.69 24.34 -12.08
C THR A 188 -14.36 24.00 -10.63
N ALA A 189 -13.52 23.00 -10.35
CA ALA A 189 -13.10 22.67 -8.97
C ALA A 189 -12.04 23.67 -8.49
N PRO A 190 -12.00 23.98 -7.18
CA PRO A 190 -11.00 24.90 -6.65
C PRO A 190 -9.59 24.44 -7.01
N PHE A 191 -9.35 23.13 -7.05
CA PHE A 191 -7.97 22.61 -7.25
C PHE A 191 -7.73 22.29 -8.73
N GLY A 192 -8.75 22.46 -9.58
CA GLY A 192 -8.73 21.89 -10.95
C GLY A 192 -8.18 22.83 -11.99
N PHE A 193 -7.88 22.28 -13.14
CA PHE A 193 -7.36 23.00 -14.31
C PHE A 193 -7.66 22.12 -15.52
N GLY A 194 -8.63 22.49 -16.34
CA GLY A 194 -9.01 21.71 -17.53
C GLY A 194 -9.89 20.55 -17.13
N GLU A 195 -9.39 19.32 -17.26
CA GLU A 195 -10.08 18.07 -16.86
C GLU A 195 -9.09 17.23 -16.05
N GLY A 196 -9.59 16.52 -15.05
CA GLY A 196 -8.78 15.55 -14.31
C GLY A 196 -9.52 15.00 -13.12
N GLY A 197 -9.06 13.86 -12.63
CA GLY A 197 -9.61 13.18 -11.45
C GLY A 197 -8.53 12.41 -10.71
N CYS A 198 -8.84 11.98 -9.50
CA CYS A 198 -7.89 11.24 -8.63
C CYS A 198 -8.68 10.27 -7.78
N ILE A 199 -8.16 9.06 -7.63
CA ILE A 199 -8.73 8.03 -6.72
C ILE A 199 -7.78 7.95 -5.53
N ILE A 200 -8.36 8.03 -4.34
CA ILE A 200 -7.70 7.68 -3.05
C ILE A 200 -8.33 6.37 -2.62
N VAL A 201 -7.56 5.28 -2.56
CA VAL A 201 -8.16 3.92 -2.39
C VAL A 201 -7.22 3.01 -1.58
N ASP A 202 -7.82 2.11 -0.80
CA ASP A 202 -7.14 0.98 -0.09
C ASP A 202 -6.20 0.26 -1.08
N ARG A 203 -4.96 -0.05 -0.63
CA ARG A 203 -3.91 -0.69 -1.47
C ARG A 203 -4.40 -2.03 -2.04
N LEU A 204 -5.28 -2.75 -1.35
CA LEU A 204 -5.88 -4.02 -1.82
C LEU A 204 -6.27 -3.92 -3.31
N TYR A 205 -6.77 -2.76 -3.76
CA TYR A 205 -7.37 -2.62 -5.10
C TYR A 205 -6.44 -1.87 -6.06
N GLU A 206 -5.30 -1.38 -5.61
CA GLU A 206 -4.51 -0.39 -6.37
C GLU A 206 -4.13 -0.98 -7.73
N ASN A 207 -3.45 -2.12 -7.72
CA ASN A 207 -2.93 -2.71 -8.98
C ASN A 207 -4.07 -2.88 -9.97
N ASN A 208 -5.16 -3.53 -9.62
CA ASN A 208 -6.31 -3.77 -10.55
C ASN A 208 -6.91 -2.46 -11.05
N ILE A 209 -6.94 -1.41 -10.22
CA ILE A 209 -7.46 -0.08 -10.65
C ILE A 209 -6.47 0.54 -11.66
N ARG A 210 -5.16 0.50 -11.38
CA ARG A 210 -4.10 1.16 -12.20
C ARG A 210 -4.05 0.49 -13.58
N ILE A 211 -4.05 -0.85 -13.64
CA ILE A 211 -4.03 -1.57 -14.94
C ILE A 211 -5.40 -1.36 -15.62
N GLY A 212 -6.46 -1.17 -14.84
CA GLY A 212 -7.84 -0.93 -15.33
C GLY A 212 -7.98 0.43 -16.01
N LEU A 213 -7.04 1.35 -15.83
CA LEU A 213 -6.96 2.64 -16.59
C LEU A 213 -6.48 2.34 -18.02
N ASN A 214 -5.86 1.17 -18.20
CA ASN A 214 -5.15 0.77 -19.44
C ASN A 214 -5.83 -0.50 -19.98
N PHE A 215 -7.17 -0.49 -20.05
CA PHE A 215 -8.01 -1.58 -20.60
C PHE A 215 -7.90 -2.90 -19.81
N GLY A 216 -7.21 -2.88 -18.67
CA GLY A 216 -6.95 -4.05 -17.80
C GLY A 216 -5.55 -4.59 -18.06
N LEU A 217 -4.84 -4.01 -19.03
CA LEU A 217 -3.57 -4.57 -19.56
C LEU A 217 -2.42 -4.19 -18.65
N ASP A 218 -1.47 -5.12 -18.48
CA ASP A 218 -0.27 -4.95 -17.64
C ASP A 218 0.92 -5.44 -18.48
N ASN A 219 1.72 -4.51 -19.02
CA ASN A 219 2.84 -4.86 -19.94
C ASN A 219 3.85 -5.80 -19.25
N SER A 220 4.08 -5.59 -17.95
CA SER A 220 5.02 -6.41 -17.12
C SER A 220 4.65 -7.91 -17.15
N LEU A 221 3.43 -8.28 -17.52
CA LEU A 221 2.97 -9.70 -17.58
C LEU A 221 3.22 -10.30 -18.98
N GLY A 222 3.82 -9.52 -19.88
CA GLY A 222 4.10 -9.94 -21.27
C GLY A 222 2.88 -10.60 -21.88
N GLU A 223 2.98 -11.89 -22.14
CA GLU A 223 2.03 -12.67 -22.97
C GLU A 223 0.74 -12.92 -22.19
N LYS A 224 0.79 -12.91 -20.86
CA LYS A 224 -0.41 -13.19 -20.01
C LYS A 224 -1.12 -11.87 -19.65
N SER A 225 -0.63 -10.72 -20.12
CA SER A 225 -1.38 -9.43 -20.08
C SER A 225 -2.76 -9.71 -20.64
N GLN A 226 -3.82 -9.34 -19.94
CA GLN A 226 -5.21 -9.74 -20.26
C GLN A 226 -6.11 -8.52 -20.11
N TYR A 227 -6.87 -8.12 -21.14
CA TYR A 227 -7.84 -7.00 -20.97
C TYR A 227 -8.95 -7.48 -20.05
N SER A 228 -9.69 -6.54 -19.44
CA SER A 228 -10.95 -6.80 -18.71
C SER A 228 -12.09 -6.02 -19.35
N ASN A 229 -13.24 -6.66 -19.51
CA ASN A 229 -14.48 -5.96 -19.98
C ASN A 229 -14.99 -4.97 -18.91
N GLN A 230 -14.37 -4.92 -17.73
CA GLN A 230 -14.72 -3.98 -16.62
C GLN A 230 -13.87 -2.71 -16.72
N ALA A 231 -12.88 -2.69 -17.62
CA ALA A 231 -11.90 -1.61 -17.75
C ALA A 231 -12.24 -0.71 -18.95
N SER A 232 -11.34 0.22 -19.22
CA SER A 232 -11.49 1.25 -20.28
C SER A 232 -10.19 2.04 -20.39
N ASN A 233 -10.22 3.08 -21.20
CA ASN A 233 -9.18 4.12 -21.21
C ASN A 233 -9.60 5.16 -20.19
N TYR A 234 -9.02 5.10 -18.99
CA TYR A 234 -9.42 5.98 -17.88
C TYR A 234 -8.24 6.83 -17.43
N ARG A 235 -7.06 6.68 -18.06
CA ARG A 235 -5.80 7.30 -17.57
C ARG A 235 -5.84 8.83 -17.71
N MET A 236 -5.04 9.52 -16.91
CA MET A 236 -4.73 10.94 -17.14
C MET A 236 -3.55 11.02 -18.11
N CYS A 237 -3.67 11.89 -19.12
CA CYS A 237 -2.59 12.26 -20.06
C CYS A 237 -1.56 13.13 -19.34
N ASP A 238 -0.28 12.95 -19.63
CA ASP A 238 0.80 13.67 -18.89
C ASP A 238 0.71 15.16 -19.22
N LEU A 239 0.22 15.52 -20.39
CA LEU A 239 -0.05 16.96 -20.70
C LEU A 239 -0.94 17.55 -19.59
N ASN A 240 -2.10 16.94 -19.35
CA ASN A 240 -3.09 17.42 -18.33
C ASN A 240 -2.42 17.39 -16.96
N ALA A 241 -1.66 16.36 -16.66
CA ALA A 241 -0.99 16.23 -15.33
C ALA A 241 -0.11 17.47 -15.13
N ALA A 242 0.61 17.92 -16.16
CA ALA A 242 1.51 19.10 -16.07
C ALA A 242 0.69 20.35 -15.73
N PHE A 243 -0.40 20.61 -16.46
CA PHE A 243 -1.22 21.81 -16.20
C PHE A 243 -1.77 21.77 -14.78
N ILE A 244 -2.20 20.60 -14.29
CA ILE A 244 -2.82 20.50 -12.94
C ILE A 244 -1.71 20.65 -11.88
N LEU A 245 -0.61 19.92 -12.02
CA LEU A 245 0.52 20.00 -11.06
C LEU A 245 1.03 21.43 -10.96
N SER A 246 1.23 22.11 -12.09
CA SER A 246 1.68 23.52 -12.12
C SER A 246 0.67 24.42 -11.37
N TYR A 247 -0.64 24.27 -11.64
CA TYR A 247 -1.68 25.09 -10.98
C TYR A 247 -1.61 24.83 -9.47
N LEU A 248 -1.50 23.57 -9.06
CA LEU A 248 -1.44 23.17 -7.62
C LEU A 248 -0.18 23.73 -6.95
N GLN A 249 1.00 23.55 -7.56
CA GLN A 249 2.28 24.11 -7.03
C GLN A 249 2.10 25.60 -6.71
N ASN A 250 1.44 26.34 -7.59
CA ASN A 250 1.43 27.81 -7.51
C ASN A 250 0.27 28.26 -6.62
N ASN A 251 -0.76 27.46 -6.36
CA ASN A 251 -1.99 28.07 -5.79
C ASN A 251 -2.60 27.31 -4.63
N TYR A 252 -2.22 26.06 -4.40
CA TYR A 252 -3.02 25.17 -3.54
C TYR A 252 -3.11 25.76 -2.11
N LYS A 253 -2.02 26.35 -1.61
CA LYS A 253 -2.01 26.81 -0.19
C LYS A 253 -2.92 28.02 -0.05
N LYS A 254 -2.84 28.96 -1.01
CA LYS A 254 -3.69 30.17 -1.10
C LYS A 254 -5.16 29.73 -1.19
N ILE A 255 -5.47 28.70 -1.99
CA ILE A 255 -6.88 28.26 -2.17
C ILE A 255 -7.43 27.78 -0.83
N ILE A 256 -6.66 26.96 -0.12
CA ILE A 256 -7.07 26.38 1.18
C ILE A 256 -7.34 27.51 2.18
N ASN A 257 -6.39 28.43 2.33
CA ASN A 257 -6.48 29.55 3.30
C ASN A 257 -7.64 30.46 2.91
N ARG A 258 -7.72 30.88 1.66
CA ARG A 258 -8.70 31.95 1.28
C ARG A 258 -10.12 31.36 1.31
N HIS A 259 -10.31 30.11 0.88
CA HIS A 259 -11.65 29.48 0.90
C HIS A 259 -12.12 29.36 2.35
N SER A 260 -11.22 29.02 3.25
CA SER A 260 -11.52 28.93 4.70
C SER A 260 -11.92 30.30 5.26
N GLU A 261 -11.24 31.38 4.84
CA GLU A 261 -11.54 32.77 5.23
C GLU A 261 -12.91 33.23 4.68
N ILE A 262 -13.27 32.80 3.47
CA ILE A 262 -14.56 33.18 2.83
C ILE A 262 -15.66 32.51 3.66
N TYR A 263 -15.46 31.23 3.99
CA TYR A 263 -16.39 30.46 4.82
C TYR A 263 -16.60 31.17 6.17
N GLU A 264 -15.50 31.62 6.80
CA GLU A 264 -15.53 32.33 8.10
C GLU A 264 -16.48 33.53 8.03
N ILE A 265 -16.44 34.32 6.95
CA ILE A 265 -17.26 35.54 6.85
C ILE A 265 -18.74 35.16 6.81
N TYR A 266 -19.10 34.13 6.04
CA TYR A 266 -20.53 33.71 5.96
C TYR A 266 -20.95 33.18 7.33
N LYS A 267 -20.08 32.41 7.99
CA LYS A 267 -20.39 31.70 9.26
C LYS A 267 -20.70 32.75 10.35
N ASN A 268 -19.98 33.86 10.36
CA ASN A 268 -20.07 34.95 11.37
C ASN A 268 -21.04 36.05 10.92
N ASN A 269 -21.59 35.99 9.71
CA ASN A 269 -22.47 37.05 9.18
C ASN A 269 -23.61 36.42 8.36
N LEU A 270 -24.21 35.34 8.86
CA LEU A 270 -25.26 34.57 8.13
C LEU A 270 -26.40 35.51 7.76
N PRO A 271 -26.79 35.53 6.48
CA PRO A 271 -27.95 36.29 6.05
C PRO A 271 -29.25 35.76 6.68
N LYS A 272 -30.26 36.61 6.73
CA LYS A 272 -31.55 36.31 7.41
C LYS A 272 -32.24 35.13 6.74
N ARG A 273 -32.68 34.16 7.55
CA ARG A 273 -33.48 32.97 7.15
C ARG A 273 -32.67 32.02 6.27
N PHE A 274 -31.33 32.17 6.22
CA PHE A 274 -30.39 31.23 5.56
C PHE A 274 -29.58 30.51 6.64
N LYS A 275 -29.28 29.24 6.37
CA LYS A 275 -28.37 28.42 7.20
C LYS A 275 -27.26 27.89 6.31
N LEU A 276 -26.09 27.64 6.89
CA LEU A 276 -25.00 26.90 6.22
C LEU A 276 -25.51 25.51 5.86
N PHE A 277 -25.13 25.02 4.69
CA PHE A 277 -25.31 23.61 4.34
C PHE A 277 -24.74 22.74 5.44
N PRO A 278 -25.43 21.67 5.86
CA PRO A 278 -24.93 20.80 6.94
C PRO A 278 -23.48 20.35 6.70
N ASN A 279 -22.63 20.57 7.70
CA ASN A 279 -21.19 20.19 7.67
C ASN A 279 -20.81 19.60 9.03
N HIS A 280 -19.84 18.69 9.08
CA HIS A 280 -19.41 17.98 10.32
C HIS A 280 -17.90 18.07 10.51
N SER A 281 -17.22 19.04 9.90
CA SER A 281 -15.78 19.29 10.15
C SER A 281 -15.65 20.28 11.31
N LYS A 282 -14.66 20.09 12.19
CA LYS A 282 -14.32 21.06 13.26
C LYS A 282 -13.76 22.36 12.67
N LYS A 283 -12.86 22.27 11.69
CA LYS A 283 -12.31 23.46 11.00
C LYS A 283 -13.15 23.80 9.76
N ASN A 284 -13.08 25.03 9.29
CA ASN A 284 -13.93 25.46 8.15
C ASN A 284 -13.61 24.57 6.96
N PRO A 285 -14.63 24.10 6.23
CA PRO A 285 -14.39 23.30 5.03
C PRO A 285 -13.83 24.20 3.91
N VAL A 286 -13.12 23.58 2.96
CA VAL A 286 -12.66 24.22 1.69
C VAL A 286 -13.71 23.92 0.61
N CYS A 287 -14.52 24.93 0.29
CA CYS A 287 -15.77 24.73 -0.51
C CYS A 287 -15.53 25.08 -1.98
N SER A 288 -16.27 24.39 -2.85
CA SER A 288 -16.31 24.68 -4.31
C SER A 288 -17.33 25.79 -4.60
N SER A 289 -18.32 25.97 -3.72
CA SER A 289 -19.24 27.13 -3.66
C SER A 289 -19.76 27.23 -2.22
N ILE A 290 -20.19 28.41 -1.80
CA ILE A 290 -20.78 28.56 -0.44
C ILE A 290 -22.26 28.20 -0.58
N CYS A 291 -22.64 27.05 -0.04
CA CYS A 291 -24.00 26.47 -0.08
C CYS A 291 -24.78 26.94 1.16
N LEU A 292 -25.85 27.68 0.94
CA LEU A 292 -26.78 28.15 1.99
C LEU A 292 -28.14 27.52 1.69
N LEU A 293 -28.91 27.24 2.73
CA LEU A 293 -30.30 26.80 2.61
C LEU A 293 -31.22 27.92 3.10
N PHE A 294 -32.06 28.44 2.21
CA PHE A 294 -33.20 29.31 2.60
C PHE A 294 -34.22 28.47 3.39
N ASP A 295 -35.11 29.14 4.14
CA ASP A 295 -36.13 28.48 5.01
C ASP A 295 -37.30 27.98 4.16
N LYS A 296 -37.39 28.36 2.88
CA LYS A 296 -38.47 27.91 1.98
C LYS A 296 -37.99 27.87 0.55
N PRO A 297 -38.69 27.12 -0.32
CA PRO A 297 -38.39 27.08 -1.75
C PRO A 297 -38.36 28.48 -2.35
N PHE A 298 -37.45 28.70 -3.29
CA PHE A 298 -37.31 29.96 -4.04
C PHE A 298 -36.67 29.64 -5.38
N ARG A 299 -36.86 30.54 -6.34
CA ARG A 299 -36.26 30.45 -7.69
C ARG A 299 -34.98 31.29 -7.72
N LEU A 300 -33.95 30.76 -8.38
CA LEU A 300 -32.68 31.46 -8.71
C LEU A 300 -32.93 32.79 -9.38
N ASP A 301 -33.97 32.92 -10.21
CA ASP A 301 -34.16 34.16 -11.00
C ASP A 301 -34.53 35.30 -10.06
N LYS A 302 -34.75 35.06 -8.76
CA LYS A 302 -35.02 36.12 -7.75
C LYS A 302 -33.69 36.67 -7.22
N ILE A 303 -32.59 35.92 -7.41
CA ILE A 303 -31.24 36.29 -6.88
C ILE A 303 -30.51 37.11 -7.93
N PRO A 304 -30.22 38.40 -7.66
CA PRO A 304 -29.65 39.31 -8.67
C PRO A 304 -28.11 39.36 -8.74
N PHE A 305 -27.48 38.22 -8.57
CA PHE A 305 -26.03 38.06 -8.81
C PHE A 305 -25.77 36.60 -9.23
N LEU A 306 -24.60 36.35 -9.79
CA LEU A 306 -24.16 35.02 -10.22
C LEU A 306 -24.34 34.04 -9.06
N SER A 307 -25.14 33.01 -9.27
CA SER A 307 -25.39 31.94 -8.29
C SER A 307 -25.98 30.73 -9.01
N ARG A 308 -25.97 29.58 -8.34
CA ARG A 308 -26.50 28.33 -8.94
C ARG A 308 -27.22 27.52 -7.87
N LYS A 309 -27.88 26.47 -8.34
CA LYS A 309 -28.43 25.39 -7.51
C LYS A 309 -27.80 24.09 -7.98
N TYR A 310 -27.22 23.36 -7.06
CA TYR A 310 -26.85 21.93 -7.23
C TYR A 310 -27.46 21.19 -6.04
N TYR A 311 -27.75 19.89 -6.13
CA TYR A 311 -27.78 19.07 -7.33
C TYR A 311 -29.25 18.76 -7.68
N LYS A 312 -29.64 18.93 -8.93
CA LYS A 312 -31.02 18.52 -9.35
C LYS A 312 -31.09 17.03 -9.00
N PRO A 313 -32.07 16.56 -8.19
CA PRO A 313 -32.07 15.15 -7.80
C PRO A 313 -32.03 14.17 -8.98
N LEU A 314 -31.19 13.13 -8.90
CA LEU A 314 -31.08 12.10 -9.97
C LEU A 314 -32.43 11.40 -10.09
N ASP A 315 -33.07 11.19 -8.96
CA ASP A 315 -34.44 10.65 -8.83
C ASP A 315 -35.25 11.81 -8.24
N LEU A 316 -36.12 12.38 -9.05
CA LEU A 316 -36.87 13.61 -8.69
C LEU A 316 -37.92 13.30 -7.60
N SER A 317 -38.19 12.01 -7.32
CA SER A 317 -39.17 11.54 -6.30
C SER A 317 -38.57 11.51 -4.89
N SER A 318 -37.26 11.72 -4.70
CA SER A 318 -36.60 11.66 -3.37
C SER A 318 -36.92 12.95 -2.65
N PRO A 319 -37.75 12.95 -1.58
CA PRO A 319 -38.27 14.18 -0.98
C PRO A 319 -37.23 15.11 -0.34
N VAL A 320 -36.29 14.61 0.46
CA VAL A 320 -35.30 15.51 1.12
C VAL A 320 -34.41 16.12 0.02
N SER A 321 -33.94 15.31 -0.93
CA SER A 321 -33.12 15.80 -2.07
C SER A 321 -33.83 16.97 -2.74
N LEU A 322 -35.12 16.82 -3.03
CA LEU A 322 -35.87 17.86 -3.78
C LEU A 322 -36.00 19.11 -2.90
N ASP A 323 -36.30 18.92 -1.63
CA ASP A 323 -36.40 20.04 -0.66
C ASP A 323 -35.07 20.81 -0.65
N PHE A 324 -33.94 20.14 -0.46
CA PHE A 324 -32.61 20.78 -0.52
C PHE A 324 -32.48 21.53 -1.85
N TYR A 325 -32.75 20.90 -2.98
CA TYR A 325 -32.52 21.54 -4.30
C TYR A 325 -33.36 22.84 -4.36
N GLN A 326 -34.57 22.80 -3.81
CA GLN A 326 -35.53 23.94 -3.87
C GLN A 326 -35.08 25.08 -2.95
N ARG A 327 -34.30 24.79 -1.91
CA ARG A 327 -33.98 25.74 -0.83
C ARG A 327 -32.52 26.16 -0.94
N ILE A 328 -31.73 25.54 -1.83
CA ILE A 328 -30.26 25.77 -1.79
C ILE A 328 -29.96 27.02 -2.61
N LEU A 329 -28.93 27.74 -2.19
CA LEU A 329 -28.21 28.73 -3.03
C LEU A 329 -26.73 28.40 -2.97
N CYS A 330 -26.15 28.18 -4.15
CA CYS A 330 -24.71 27.94 -4.35
C CYS A 330 -24.09 29.25 -4.84
N ILE A 331 -23.35 29.90 -3.94
CA ILE A 331 -22.70 31.23 -4.13
C ILE A 331 -21.27 31.02 -4.61
N PRO A 332 -20.74 31.81 -5.58
CA PRO A 332 -19.36 31.68 -6.00
C PRO A 332 -18.42 31.75 -4.78
N CYS A 333 -17.48 30.83 -4.78
CA CYS A 333 -16.42 30.73 -3.77
C CYS A 333 -15.11 30.49 -4.50
N ASN A 334 -14.29 31.53 -4.63
CA ASN A 334 -12.99 31.41 -5.33
C ASN A 334 -12.05 32.51 -4.85
N ILE A 335 -10.77 32.34 -5.18
CA ILE A 335 -9.67 33.21 -4.70
C ILE A 335 -9.71 34.60 -5.37
N ASP A 336 -10.59 34.85 -6.34
CA ASP A 336 -10.77 36.21 -6.91
C ASP A 336 -11.80 37.04 -6.10
N LEU A 337 -12.60 36.41 -5.25
CA LEU A 337 -13.67 37.07 -4.45
C LEU A 337 -13.04 38.08 -3.49
N THR A 338 -13.57 39.29 -3.37
CA THR A 338 -13.08 40.23 -2.31
C THR A 338 -14.01 40.18 -1.08
N ASP A 339 -13.51 40.60 0.08
CA ASP A 339 -14.34 40.63 1.30
C ASP A 339 -15.48 41.60 1.03
N ARG A 340 -15.20 42.66 0.31
CA ARG A 340 -16.20 43.66 -0.05
C ARG A 340 -17.34 42.98 -0.85
N GLN A 341 -17.02 42.13 -1.84
CA GLN A 341 -18.06 41.41 -2.64
C GLN A 341 -18.86 40.49 -1.72
N ILE A 342 -18.19 39.81 -0.79
CA ILE A 342 -18.87 38.87 0.14
C ILE A 342 -19.88 39.62 1.02
N TYR A 343 -19.49 40.74 1.64
CA TYR A 343 -20.44 41.53 2.45
C TYR A 343 -21.55 42.09 1.57
N GLU A 344 -21.29 42.45 0.30
CA GLU A 344 -22.36 42.93 -0.62
C GLU A 344 -23.35 41.78 -0.87
N ILE A 345 -22.86 40.58 -1.19
CA ILE A 345 -23.70 39.35 -1.37
C ILE A 345 -24.60 39.18 -0.13
N ILE A 346 -24.05 39.25 1.07
CA ILE A 346 -24.79 39.01 2.35
C ILE A 346 -25.90 40.08 2.48
N GLY A 347 -25.58 41.32 2.13
CA GLY A 347 -26.55 42.43 2.17
C GLY A 347 -27.68 42.22 1.20
N VAL A 348 -27.38 41.72 0.00
CA VAL A 348 -28.40 41.41 -1.03
C VAL A 348 -29.30 40.27 -0.51
N LEU A 349 -28.73 39.25 0.12
CA LEU A 349 -29.53 38.10 0.60
C LEU A 349 -30.41 38.50 1.81
N ASN A 350 -29.96 39.41 2.67
CA ASN A 350 -30.77 40.03 3.75
C ASN A 350 -32.00 40.71 3.12
N GLU A 351 -31.77 41.44 2.05
CA GLU A 351 -32.82 42.18 1.30
C GLU A 351 -33.77 41.17 0.67
N PHE A 352 -33.22 40.11 0.06
CA PHE A 352 -34.01 39.00 -0.53
C PHE A 352 -34.96 38.45 0.54
N ALA A 353 -34.45 38.15 1.72
CA ALA A 353 -35.24 37.56 2.83
C ALA A 353 -36.39 38.51 3.21
N ASP A 354 -36.12 39.81 3.27
CA ASP A 354 -37.09 40.86 3.69
C ASP A 354 -38.28 40.88 2.70
N LYS A 355 -38.00 40.76 1.41
CA LYS A 355 -38.99 40.78 0.31
C LYS A 355 -39.68 39.43 0.12
N ASN A 356 -39.18 38.35 0.72
CA ASN A 356 -39.63 36.98 0.36
C ASN A 356 -39.97 36.24 1.66
N GLY B 3 24.85 -6.07 -34.73
CA GLY B 3 25.37 -5.74 -36.09
C GLY B 3 24.45 -4.83 -36.89
N HIS B 4 23.44 -4.25 -36.26
CA HIS B 4 22.39 -3.41 -36.92
C HIS B 4 22.12 -2.15 -36.10
N MET B 5 23.17 -1.53 -35.52
CA MET B 5 23.06 -0.28 -34.70
C MET B 5 22.40 0.85 -35.52
N GLY B 6 22.35 0.75 -36.85
CA GLY B 6 21.56 1.66 -37.72
C GLY B 6 20.06 1.60 -37.44
N LEU B 7 19.58 0.48 -36.87
CA LEU B 7 18.14 0.25 -36.55
C LEU B 7 17.87 0.47 -35.07
N GLU B 8 18.91 0.69 -34.26
CA GLU B 8 18.80 0.90 -32.79
C GLU B 8 17.97 2.15 -32.51
N LYS B 9 17.94 3.10 -33.46
CA LYS B 9 17.30 4.42 -33.26
C LYS B 9 15.80 4.39 -33.65
N LEU B 10 15.31 3.36 -34.35
CA LEU B 10 13.87 3.14 -34.65
C LEU B 10 13.02 3.44 -33.40
N THR B 11 11.94 4.20 -33.56
CA THR B 11 10.89 4.38 -32.53
C THR B 11 9.53 3.97 -33.13
N TRP B 12 8.59 3.59 -32.28
CA TRP B 12 7.25 3.17 -32.75
C TRP B 12 6.55 4.40 -33.36
N VAL B 13 6.71 5.51 -32.67
CA VAL B 13 6.02 6.81 -32.99
C VAL B 13 7.12 7.80 -33.38
N SER B 14 6.83 8.68 -34.34
CA SER B 14 7.72 9.83 -34.64
CA SER B 14 7.65 9.88 -34.67
C SER B 14 7.92 10.66 -33.37
N GLU B 15 9.11 11.26 -33.24
CA GLU B 15 9.40 12.21 -32.15
C GLU B 15 8.42 13.38 -32.31
N LYS B 16 7.50 13.55 -31.36
CA LYS B 16 6.48 14.65 -31.41
C LYS B 16 6.81 15.64 -30.29
N LYS B 17 6.79 16.92 -30.60
CA LYS B 17 7.05 18.00 -29.62
C LYS B 17 6.06 19.10 -29.92
N PRO B 18 5.52 19.78 -28.88
CA PRO B 18 4.63 20.90 -29.12
C PRO B 18 5.32 22.01 -29.93
N ASP B 19 4.58 22.58 -30.86
CA ASP B 19 4.83 23.94 -31.40
C ASP B 19 4.31 24.90 -30.33
N TRP B 20 5.14 25.25 -29.34
CA TRP B 20 4.69 25.96 -28.12
C TRP B 20 3.99 27.28 -28.50
N SER B 21 4.53 28.02 -29.46
CA SER B 21 3.96 29.33 -29.88
C SER B 21 2.56 29.10 -30.46
N ASN B 22 2.39 28.08 -31.31
CA ASN B 22 1.08 27.78 -31.90
C ASN B 22 0.13 27.31 -30.79
N VAL B 23 0.58 26.45 -29.88
CA VAL B 23 -0.33 25.91 -28.82
C VAL B 23 -0.77 27.07 -27.90
N GLN B 24 0.17 27.91 -27.50
CA GLN B 24 -0.07 29.11 -26.64
C GLN B 24 -1.02 30.09 -27.35
N LYS B 25 -0.88 30.30 -28.66
CA LYS B 25 -1.81 31.16 -29.43
C LYS B 25 -3.21 30.55 -29.28
N LEU B 26 -3.35 29.24 -29.49
CA LEU B 26 -4.70 28.62 -29.50
C LEU B 26 -5.30 28.74 -28.10
N ILE B 27 -4.53 28.42 -27.07
CA ILE B 27 -5.04 28.38 -25.68
C ILE B 27 -5.27 29.82 -25.16
N ALA B 28 -4.72 30.86 -25.80
CA ALA B 28 -4.99 32.27 -25.39
C ALA B 28 -6.50 32.52 -25.47
N ALA B 29 -7.24 31.84 -26.35
CA ALA B 29 -8.72 31.96 -26.44
C ALA B 29 -9.32 31.48 -25.13
N CYS B 30 -8.80 30.37 -24.59
CA CYS B 30 -9.24 29.84 -23.27
C CYS B 30 -8.86 30.82 -22.13
N GLU B 31 -7.65 31.37 -22.14
CA GLU B 31 -7.21 32.29 -21.07
C GLU B 31 -8.13 33.53 -21.01
N ALA B 32 -8.62 34.01 -22.15
CA ALA B 32 -9.43 35.25 -22.28
C ALA B 32 -10.80 35.12 -21.59
N THR B 33 -11.37 33.91 -21.60
CA THR B 33 -12.75 33.63 -21.12
C THR B 33 -12.74 32.71 -19.90
N ASN B 34 -11.60 32.10 -19.56
CA ASN B 34 -11.47 31.05 -18.51
C ASN B 34 -12.23 29.76 -18.91
N GLN B 35 -12.57 29.59 -20.20
CA GLN B 35 -13.28 28.38 -20.69
C GLN B 35 -12.25 27.44 -21.32
N TYR B 36 -11.74 26.52 -20.52
CA TYR B 36 -10.74 25.50 -20.92
C TYR B 36 -11.39 24.16 -21.19
N THR B 37 -12.64 23.96 -20.77
CA THR B 37 -13.37 22.69 -21.01
C THR B 37 -14.88 22.98 -21.11
N ASN B 38 -15.69 21.94 -21.12
CA ASN B 38 -17.17 22.01 -21.28
C ASN B 38 -17.49 22.67 -22.60
N ILE B 39 -16.65 22.40 -23.61
CA ILE B 39 -16.74 22.93 -24.99
C ILE B 39 -16.36 24.41 -24.94
N GLY B 40 -15.06 24.65 -24.77
CA GLY B 40 -14.45 25.97 -24.90
C GLY B 40 -14.29 26.37 -26.36
N PRO B 41 -13.48 27.40 -26.63
CA PRO B 41 -13.43 28.00 -27.96
C PRO B 41 -12.55 27.19 -28.94
N ILE B 42 -11.83 26.15 -28.50
CA ILE B 42 -10.92 25.37 -29.41
C ILE B 42 -11.65 24.18 -30.04
N ILE B 43 -12.62 23.62 -29.34
CA ILE B 43 -13.34 22.41 -29.82
C ILE B 43 -13.83 22.64 -31.26
N SER B 44 -14.63 23.68 -31.53
CA SER B 44 -15.14 23.91 -32.92
C SER B 44 -13.99 24.03 -33.94
N GLN B 45 -12.86 24.62 -33.56
CA GLN B 45 -11.71 24.81 -34.49
C GLN B 45 -11.11 23.44 -34.87
N LEU B 46 -10.95 22.55 -33.88
CA LEU B 46 -10.38 21.19 -34.13
C LEU B 46 -11.39 20.39 -34.95
N GLU B 47 -12.68 20.48 -34.63
CA GLU B 47 -13.71 19.67 -35.35
C GLU B 47 -13.77 20.15 -36.82
N SER B 48 -13.69 21.48 -37.04
CA SER B 48 -13.59 22.11 -38.38
C SER B 48 -12.34 21.63 -39.10
N PHE B 49 -11.19 21.66 -38.43
CA PHE B 49 -9.93 21.30 -39.10
C PHE B 49 -10.05 19.84 -39.57
N ILE B 50 -10.58 18.94 -38.74
CA ILE B 50 -10.67 17.50 -39.10
C ILE B 50 -11.58 17.38 -40.33
N ARG B 51 -12.73 18.06 -40.32
CA ARG B 51 -13.70 17.96 -41.44
C ARG B 51 -13.00 18.35 -42.75
N ASP B 52 -12.31 19.49 -42.75
CA ASP B 52 -11.74 20.13 -43.97
C ASP B 52 -10.48 19.39 -44.40
N SER B 53 -9.66 18.92 -43.45
CA SER B 53 -8.38 18.23 -43.73
C SER B 53 -8.61 16.75 -44.09
N PHE B 54 -9.51 16.03 -43.41
CA PHE B 54 -9.73 14.58 -43.61
C PHE B 54 -10.81 14.34 -44.65
N LEU B 55 -11.55 15.40 -45.02
CA LEU B 55 -12.64 15.40 -46.03
C LEU B 55 -13.82 14.55 -45.54
N ILE B 56 -14.45 14.98 -44.44
CA ILE B 56 -15.65 14.37 -43.85
C ILE B 56 -16.87 15.05 -44.51
N GLU B 57 -17.80 14.29 -45.07
CA GLU B 57 -19.02 14.82 -45.75
C GLU B 57 -19.90 15.59 -44.75
N GLU B 58 -20.64 16.57 -45.27
CA GLU B 58 -21.56 17.41 -44.47
C GLU B 58 -22.68 16.58 -43.84
N SER B 59 -23.00 15.38 -44.34
CA SER B 59 -24.01 14.47 -43.75
C SER B 59 -23.55 13.97 -42.36
N LYS B 60 -22.25 14.10 -42.03
CA LYS B 60 -21.63 13.60 -40.77
C LYS B 60 -21.35 14.77 -39.84
N ALA B 61 -21.65 14.61 -38.56
CA ALA B 61 -21.13 15.43 -37.44
C ALA B 61 -19.70 14.98 -37.14
N VAL B 62 -18.84 15.90 -36.78
CA VAL B 62 -17.45 15.64 -36.32
C VAL B 62 -17.44 16.05 -34.85
N ILE B 63 -17.26 15.08 -33.94
CA ILE B 63 -17.46 15.26 -32.48
C ILE B 63 -16.19 14.74 -31.78
N VAL B 64 -15.34 15.66 -31.31
CA VAL B 64 -14.12 15.23 -30.57
C VAL B 64 -14.47 14.77 -29.15
N THR B 65 -13.62 13.87 -28.60
CA THR B 65 -13.84 13.20 -27.30
C THR B 65 -12.46 13.04 -26.62
N SER B 66 -12.44 12.65 -25.35
CA SER B 66 -11.21 12.47 -24.56
C SER B 66 -10.22 11.48 -25.18
N ASN B 67 -10.70 10.42 -25.83
CA ASN B 67 -9.81 9.36 -26.38
C ASN B 67 -10.61 8.52 -27.39
N GLY B 68 -9.94 7.62 -28.15
CA GLY B 68 -10.66 6.85 -29.18
C GLY B 68 -11.69 5.95 -28.53
N THR B 69 -11.35 5.41 -27.37
CA THR B 69 -12.27 4.58 -26.58
C THR B 69 -13.53 5.39 -26.23
N SER B 70 -13.41 6.61 -25.67
CA SER B 70 -14.60 7.47 -25.37
C SER B 70 -15.35 7.88 -26.65
N ALA B 71 -14.71 8.00 -27.81
CA ALA B 71 -15.45 8.27 -29.06
C ALA B 71 -16.42 7.10 -29.33
N LEU B 72 -15.92 5.88 -29.24
CA LEU B 72 -16.71 4.66 -29.45
C LEU B 72 -17.82 4.57 -28.41
N HIS B 73 -17.50 4.84 -27.14
CA HIS B 73 -18.46 4.64 -26.02
C HIS B 73 -19.53 5.74 -26.09
N ALA B 74 -19.11 6.97 -26.36
CA ALA B 74 -20.06 8.13 -26.44
C ALA B 74 -20.98 7.93 -27.65
N LEU B 75 -20.45 7.41 -28.75
CA LEU B 75 -21.23 7.07 -29.96
C LEU B 75 -22.31 6.05 -29.60
N VAL B 76 -21.94 4.94 -28.99
CA VAL B 76 -22.92 3.88 -28.59
C VAL B 76 -23.89 4.41 -27.51
N GLY B 77 -23.41 5.16 -26.52
CA GLY B 77 -24.25 5.69 -25.44
C GLY B 77 -25.25 6.68 -25.99
N GLY B 78 -24.86 7.51 -26.95
CA GLY B 78 -25.81 8.45 -27.56
C GLY B 78 -26.89 7.73 -28.37
N ILE B 79 -26.49 6.74 -29.17
CA ILE B 79 -27.43 5.93 -30.00
C ILE B 79 -28.36 5.16 -29.05
N ASN B 80 -27.82 4.57 -27.96
CA ASN B 80 -28.65 3.87 -26.94
C ASN B 80 -29.73 4.82 -26.42
N ARG B 81 -29.35 6.05 -26.07
CA ARG B 81 -30.32 7.03 -25.52
C ARG B 81 -31.39 7.33 -26.58
N GLN B 82 -31.00 7.53 -27.84
CA GLN B 82 -31.94 7.92 -28.92
C GLN B 82 -32.97 6.79 -29.19
N LEU B 83 -32.54 5.54 -29.16
CA LEU B 83 -33.37 4.36 -29.49
C LEU B 83 -34.12 3.88 -28.22
N GLY B 84 -33.72 4.34 -27.03
CA GLY B 84 -34.39 4.01 -25.77
C GLY B 84 -34.04 2.64 -25.21
N ARG B 85 -32.91 2.04 -25.61
CA ARG B 85 -32.45 0.77 -24.99
C ARG B 85 -30.95 0.59 -25.19
N GLU B 86 -30.41 -0.36 -24.45
CA GLU B 86 -28.97 -0.70 -24.53
C GLU B 86 -28.78 -1.64 -25.72
N LEU B 87 -28.21 -1.12 -26.79
CA LEU B 87 -28.11 -1.86 -28.04
C LEU B 87 -27.03 -2.93 -27.90
N LYS B 88 -27.27 -4.03 -28.60
CA LYS B 88 -26.43 -5.23 -28.61
C LYS B 88 -25.56 -5.16 -29.88
N PHE B 89 -24.25 -5.04 -29.73
CA PHE B 89 -23.29 -4.98 -30.85
C PHE B 89 -22.50 -6.27 -30.91
N VAL B 90 -22.14 -6.64 -32.15
CA VAL B 90 -21.12 -7.68 -32.44
C VAL B 90 -19.82 -6.97 -32.83
N THR B 91 -18.69 -7.40 -32.27
CA THR B 91 -17.33 -6.92 -32.63
C THR B 91 -16.48 -8.15 -33.01
N GLN B 92 -15.27 -7.91 -33.52
CA GLN B 92 -14.37 -8.95 -34.08
C GLN B 92 -13.33 -9.25 -32.99
N SER B 93 -12.83 -10.46 -32.91
CA SER B 93 -11.88 -10.86 -31.85
C SER B 93 -10.53 -10.17 -32.11
N PHE B 94 -10.19 -9.96 -33.38
CA PHE B 94 -8.91 -9.32 -33.81
C PHE B 94 -9.11 -7.81 -33.80
N THR B 95 -9.14 -7.23 -32.60
CA THR B 95 -9.26 -5.77 -32.37
C THR B 95 -8.78 -5.44 -30.95
N PHE B 96 -8.79 -4.16 -30.62
CA PHE B 96 -8.36 -3.59 -29.32
C PHE B 96 -9.51 -3.74 -28.33
N PRO B 97 -9.25 -3.76 -27.01
CA PRO B 97 -10.32 -4.01 -26.03
C PRO B 97 -11.54 -3.06 -26.05
N SER B 98 -11.39 -1.86 -26.60
CA SER B 98 -12.38 -0.74 -26.49
C SER B 98 -13.77 -1.21 -26.87
N SER B 99 -13.91 -2.07 -27.89
CA SER B 99 -15.23 -2.50 -28.42
C SER B 99 -15.85 -3.66 -27.59
N ASN B 100 -15.26 -4.04 -26.45
CA ASN B 100 -15.89 -4.96 -25.45
C ASN B 100 -15.79 -4.31 -24.05
N GLN B 101 -15.99 -2.99 -23.95
CA GLN B 101 -15.85 -2.20 -22.70
C GLN B 101 -16.93 -1.13 -22.64
N GLY B 102 -17.14 -0.54 -21.46
CA GLY B 102 -18.17 0.49 -21.26
C GLY B 102 -19.55 0.00 -21.68
N PRO B 103 -20.27 0.77 -22.52
CA PRO B 103 -21.58 0.33 -22.98
C PRO B 103 -21.49 -0.90 -23.92
N LEU B 104 -20.26 -1.29 -24.29
CA LEU B 104 -20.01 -2.48 -25.14
C LEU B 104 -19.42 -3.63 -24.29
N LYS B 105 -19.44 -3.53 -22.96
CA LYS B 105 -18.73 -4.52 -22.10
C LYS B 105 -19.30 -5.93 -22.34
N ASP B 106 -20.54 -6.04 -22.81
CA ASP B 106 -21.24 -7.31 -23.09
C ASP B 106 -21.46 -7.47 -24.60
N SER B 107 -20.72 -6.75 -25.44
CA SER B 107 -20.80 -6.97 -26.92
C SER B 107 -20.47 -8.44 -27.22
N ILE B 108 -21.04 -8.95 -28.30
CA ILE B 108 -20.74 -10.33 -28.80
C ILE B 108 -19.44 -10.27 -29.61
N ILE B 109 -18.53 -11.21 -29.37
CA ILE B 109 -17.24 -11.31 -30.08
C ILE B 109 -17.34 -12.44 -31.10
N VAL B 110 -16.98 -12.18 -32.36
CA VAL B 110 -16.89 -13.23 -33.42
C VAL B 110 -15.54 -13.10 -34.14
N ASP B 111 -15.19 -14.13 -34.90
CA ASP B 111 -13.88 -14.19 -35.60
C ASP B 111 -13.91 -13.19 -36.76
N ILE B 112 -12.72 -12.87 -37.25
CA ILE B 112 -12.52 -12.19 -38.55
C ILE B 112 -12.55 -13.28 -39.62
N ASP B 113 -12.74 -12.88 -40.88
CA ASP B 113 -12.41 -13.69 -42.08
C ASP B 113 -10.96 -13.34 -42.47
N GLU B 114 -10.39 -14.01 -43.45
CA GLU B 114 -8.94 -13.82 -43.74
C GLU B 114 -8.71 -12.47 -44.45
N ASP B 115 -9.75 -11.66 -44.68
CA ASP B 115 -9.63 -10.24 -45.17
C ASP B 115 -9.45 -9.23 -44.02
N GLY B 116 -9.50 -9.68 -42.76
CA GLY B 116 -9.07 -8.89 -41.57
C GLY B 116 -10.24 -8.23 -40.83
N GLY B 117 -11.45 -8.33 -41.37
CA GLY B 117 -12.67 -7.80 -40.76
C GLY B 117 -13.56 -8.88 -40.19
N LEU B 118 -14.54 -8.43 -39.39
CA LEU B 118 -15.65 -9.23 -38.79
C LEU B 118 -16.21 -10.23 -39.80
N ASP B 119 -16.17 -11.52 -39.46
CA ASP B 119 -16.73 -12.59 -40.34
C ASP B 119 -18.26 -12.52 -40.34
N LEU B 120 -18.85 -11.95 -41.39
CA LEU B 120 -20.31 -11.74 -41.49
C LEU B 120 -21.04 -13.10 -41.45
N ASN B 121 -20.38 -14.20 -41.85
CA ASN B 121 -21.03 -15.54 -41.86
C ASN B 121 -21.27 -16.00 -40.42
N ALA B 122 -20.50 -15.47 -39.47
CA ALA B 122 -20.50 -15.85 -38.04
C ALA B 122 -21.71 -15.27 -37.28
N VAL B 123 -22.47 -14.31 -37.84
CA VAL B 123 -23.61 -13.65 -37.13
C VAL B 123 -24.92 -14.24 -37.65
N LYS B 124 -24.85 -15.25 -38.52
CA LYS B 124 -26.05 -15.88 -39.13
C LYS B 124 -27.20 -15.99 -38.12
N ASN B 125 -26.97 -16.54 -36.93
CA ASN B 125 -28.07 -17.00 -36.02
C ASN B 125 -27.99 -16.25 -34.69
N ILE B 126 -27.45 -15.04 -34.70
CA ILE B 126 -27.29 -14.17 -33.51
C ILE B 126 -28.39 -13.10 -33.52
N GLU B 127 -28.86 -12.71 -32.32
CA GLU B 127 -29.69 -11.51 -32.06
C GLU B 127 -28.76 -10.33 -31.76
N TYR B 128 -28.84 -9.27 -32.56
CA TYR B 128 -27.92 -8.12 -32.47
C TYR B 128 -28.54 -6.95 -33.22
N ASP B 129 -28.04 -5.76 -32.89
CA ASP B 129 -28.58 -4.47 -33.38
C ASP B 129 -27.57 -3.85 -34.33
N GLY B 130 -26.28 -4.14 -34.17
CA GLY B 130 -25.28 -3.57 -35.06
C GLY B 130 -23.97 -4.26 -34.95
N ILE B 131 -23.03 -3.90 -35.80
CA ILE B 131 -21.68 -4.50 -35.79
C ILE B 131 -20.67 -3.37 -35.81
N ILE B 132 -19.50 -3.71 -35.32
CA ILE B 132 -18.32 -2.84 -35.20
C ILE B 132 -17.22 -3.59 -35.96
N VAL B 133 -16.74 -3.01 -37.05
CA VAL B 133 -15.68 -3.61 -37.91
C VAL B 133 -14.42 -2.78 -37.77
N THR B 134 -13.27 -3.43 -37.51
CA THR B 134 -11.97 -2.73 -37.31
C THR B 134 -11.15 -2.74 -38.61
N ASN B 135 -10.86 -1.54 -39.12
CA ASN B 135 -9.94 -1.26 -40.26
C ASN B 135 -8.54 -1.23 -39.64
N ILE B 136 -7.81 -2.34 -39.79
CA ILE B 136 -6.62 -2.65 -38.98
C ILE B 136 -5.44 -1.75 -39.40
N HIS B 137 -4.97 -0.90 -38.48
CA HIS B 137 -3.70 -0.13 -38.61
C HIS B 137 -3.68 0.67 -39.92
N GLY B 138 -4.82 1.18 -40.38
CA GLY B 138 -4.90 2.01 -41.60
C GLY B 138 -5.32 1.22 -42.83
N ASN B 139 -5.23 -0.12 -42.77
CA ASN B 139 -5.78 -1.02 -43.81
C ASN B 139 -7.29 -0.92 -43.71
N VAL B 140 -8.00 -1.05 -44.82
CA VAL B 140 -9.49 -1.11 -44.81
C VAL B 140 -9.94 -2.47 -45.37
N VAL B 141 -11.08 -2.91 -44.85
CA VAL B 141 -11.85 -4.11 -45.26
C VAL B 141 -12.56 -3.74 -46.55
N ASP B 142 -13.21 -4.74 -47.15
CA ASP B 142 -14.15 -4.51 -48.26
C ASP B 142 -15.34 -3.77 -47.64
N ILE B 143 -15.23 -2.44 -47.51
CA ILE B 143 -16.22 -1.60 -46.76
C ILE B 143 -17.64 -1.83 -47.30
N ASN B 144 -17.84 -1.85 -48.62
CA ASN B 144 -19.20 -1.96 -49.24
C ASN B 144 -19.86 -3.33 -48.95
N LYS B 145 -19.09 -4.40 -48.80
CA LYS B 145 -19.64 -5.71 -48.33
C LYS B 145 -20.42 -5.48 -47.02
N TYR B 146 -19.80 -4.79 -46.05
CA TYR B 146 -20.40 -4.51 -44.70
C TYR B 146 -21.58 -3.55 -44.85
N VAL B 147 -21.46 -2.53 -45.70
CA VAL B 147 -22.54 -1.54 -45.89
C VAL B 147 -23.79 -2.23 -46.45
N ASP B 148 -23.61 -3.04 -47.49
CA ASP B 148 -24.74 -3.75 -48.17
C ASP B 148 -25.36 -4.71 -47.14
N PHE B 149 -24.53 -5.44 -46.40
CA PHE B 149 -25.04 -6.43 -45.42
C PHE B 149 -25.91 -5.71 -44.38
N CYS B 150 -25.39 -4.65 -43.76
CA CYS B 150 -26.10 -3.89 -42.71
C CYS B 150 -27.34 -3.21 -43.30
N MET B 151 -27.31 -2.79 -44.56
CA MET B 151 -28.53 -2.23 -45.21
C MET B 151 -29.60 -3.31 -45.37
N ASN B 152 -29.23 -4.45 -45.98
CA ASN B 152 -30.15 -5.60 -46.24
C ASN B 152 -30.74 -6.12 -44.92
N HIS B 153 -29.96 -6.12 -43.83
CA HIS B 153 -30.34 -6.76 -42.55
C HIS B 153 -30.80 -5.71 -41.53
N ASN B 154 -30.82 -4.42 -41.90
CA ASN B 154 -31.35 -3.31 -41.05
C ASN B 154 -30.55 -3.29 -39.74
N LYS B 155 -29.24 -3.25 -39.89
CA LYS B 155 -28.30 -3.27 -38.74
C LYS B 155 -27.50 -1.96 -38.77
N LEU B 156 -27.17 -1.41 -37.61
CA LEU B 156 -26.19 -0.30 -37.49
C LEU B 156 -24.79 -0.84 -37.80
N LEU B 157 -24.01 -0.01 -38.50
CA LEU B 157 -22.62 -0.28 -38.91
C LEU B 157 -21.73 0.83 -38.33
N ILE B 158 -20.80 0.45 -37.47
CA ILE B 158 -19.72 1.31 -36.94
C ILE B 158 -18.38 0.79 -37.42
N PHE B 159 -17.54 1.64 -38.00
CA PHE B 159 -16.12 1.31 -38.30
C PHE B 159 -15.27 1.83 -37.14
N ASP B 160 -14.55 0.91 -36.50
CA ASP B 160 -13.46 1.27 -35.58
C ASP B 160 -12.28 1.67 -36.46
N ASN B 161 -12.15 2.98 -36.74
CA ASN B 161 -11.02 3.58 -37.50
C ASN B 161 -10.00 4.20 -36.55
N ALA B 162 -9.89 3.69 -35.33
CA ALA B 162 -8.96 4.26 -34.33
C ALA B 162 -7.64 4.58 -35.03
N ALA B 163 -7.14 3.63 -35.86
CA ALA B 163 -5.79 3.71 -36.44
C ALA B 163 -5.85 4.08 -37.92
N THR B 164 -7.01 4.56 -38.40
CA THR B 164 -7.36 4.66 -39.84
C THR B 164 -8.05 6.01 -40.14
N GLY B 165 -7.30 7.11 -40.05
CA GLY B 165 -7.89 8.47 -40.19
C GLY B 165 -7.87 8.93 -41.64
N TYR B 166 -7.05 8.35 -42.51
CA TYR B 166 -6.90 8.86 -43.90
C TYR B 166 -6.54 7.71 -44.86
N THR B 167 -7.40 6.70 -44.90
CA THR B 167 -7.39 5.66 -45.95
C THR B 167 -8.69 5.82 -46.77
N PHE B 168 -8.55 6.02 -48.08
CA PHE B 168 -9.70 6.34 -48.97
C PHE B 168 -10.23 5.06 -49.59
N TYR B 169 -11.55 5.00 -49.68
CA TYR B 169 -12.29 3.90 -50.31
C TYR B 169 -13.27 4.50 -51.31
N LEU B 170 -13.16 4.13 -52.59
CA LEU B 170 -13.99 4.67 -53.70
C LEU B 170 -14.06 6.20 -53.64
N GLY B 171 -12.91 6.82 -53.43
CA GLY B 171 -12.71 8.27 -53.60
C GLY B 171 -13.13 9.10 -52.40
N LYS B 172 -13.57 8.49 -51.27
CA LYS B 172 -13.91 9.27 -50.05
C LYS B 172 -13.25 8.64 -48.83
N ASN B 173 -12.92 9.46 -47.83
CA ASN B 173 -12.29 8.98 -46.57
C ASN B 173 -13.15 7.80 -46.05
N SER B 174 -12.53 6.71 -45.65
CA SER B 174 -13.25 5.49 -45.15
C SER B 174 -14.12 5.83 -43.93
N CYS B 175 -13.77 6.89 -43.19
CA CYS B 175 -14.51 7.40 -42.00
C CYS B 175 -15.94 7.80 -42.40
N ASN B 176 -16.19 8.06 -43.68
CA ASN B 176 -17.51 8.50 -44.24
C ASN B 176 -18.48 7.33 -44.38
N TYR B 177 -18.01 6.09 -44.26
CA TYR B 177 -18.88 4.91 -44.48
C TYR B 177 -19.46 4.38 -43.16
N GLY B 178 -20.58 3.63 -43.29
CA GLY B 178 -21.38 3.12 -42.17
C GLY B 178 -22.19 4.25 -41.56
N HIS B 179 -22.84 4.01 -40.41
CA HIS B 179 -23.59 5.07 -39.66
C HIS B 179 -22.56 5.97 -38.95
N ALA B 180 -21.40 5.44 -38.62
CA ALA B 180 -20.37 6.19 -37.87
C ALA B 180 -19.03 5.48 -38.00
N SER B 181 -17.98 6.27 -37.78
CA SER B 181 -16.65 5.75 -37.45
C SER B 181 -16.10 6.55 -36.28
N ILE B 182 -15.04 6.01 -35.71
CA ILE B 182 -14.24 6.72 -34.69
C ILE B 182 -12.77 6.63 -35.08
N ILE B 183 -12.03 7.68 -34.75
CA ILE B 183 -10.55 7.76 -34.93
C ILE B 183 -9.93 8.10 -33.57
N SER B 184 -8.68 7.70 -33.37
CA SER B 184 -7.91 7.96 -32.15
C SER B 184 -6.85 9.00 -32.50
N PHE B 185 -6.69 9.99 -31.63
CA PHE B 185 -5.59 10.96 -31.62
C PHE B 185 -4.68 10.66 -30.42
N HIS B 186 -4.67 9.41 -29.97
CA HIS B 186 -3.67 8.91 -29.02
C HIS B 186 -2.25 9.22 -29.54
N HIS B 187 -1.28 9.46 -28.65
CA HIS B 187 0.12 9.74 -29.05
C HIS B 187 0.61 8.65 -30.03
N THR B 188 0.20 7.40 -29.88
CA THR B 188 0.70 6.28 -30.75
C THR B 188 0.09 6.33 -32.15
N ALA B 189 -0.98 7.09 -32.39
CA ALA B 189 -1.62 7.19 -33.71
C ALA B 189 -0.83 8.19 -34.55
N PRO B 190 -0.69 7.96 -35.87
CA PRO B 190 0.03 8.88 -36.73
C PRO B 190 -0.41 10.33 -36.52
N PHE B 191 -1.72 10.56 -36.44
CA PHE B 191 -2.29 11.94 -36.37
C PHE B 191 -2.42 12.41 -34.92
N GLY B 192 -1.95 11.61 -33.95
CA GLY B 192 -2.29 11.81 -32.54
C GLY B 192 -1.26 12.65 -31.79
N PHE B 193 -1.67 13.18 -30.63
CA PHE B 193 -0.78 13.93 -29.73
C PHE B 193 -1.40 13.91 -28.34
N GLY B 194 -0.79 13.15 -27.44
CA GLY B 194 -1.30 12.92 -26.07
C GLY B 194 -2.42 11.90 -26.05
N GLU B 195 -3.63 12.38 -25.82
CA GLU B 195 -4.88 11.60 -25.86
C GLU B 195 -5.93 12.39 -26.62
N GLY B 196 -6.80 11.70 -27.34
CA GLY B 196 -7.95 12.33 -27.99
C GLY B 196 -8.65 11.32 -28.84
N GLY B 197 -9.89 11.64 -29.16
CA GLY B 197 -10.67 10.82 -30.09
C GLY B 197 -11.58 11.68 -30.91
N CYS B 198 -12.20 11.06 -31.90
CA CYS B 198 -13.19 11.76 -32.74
C CYS B 198 -14.23 10.76 -33.24
N ILE B 199 -15.47 11.21 -33.19
CA ILE B 199 -16.62 10.50 -33.76
C ILE B 199 -16.98 11.19 -35.08
N ILE B 200 -17.21 10.38 -36.10
CA ILE B 200 -17.78 10.81 -37.40
C ILE B 200 -19.11 10.10 -37.51
N VAL B 201 -20.23 10.82 -37.47
CA VAL B 201 -21.53 10.11 -37.28
C VAL B 201 -22.63 10.80 -38.09
N ASP B 202 -23.57 10.01 -38.62
CA ASP B 202 -24.79 10.57 -39.26
C ASP B 202 -25.41 11.62 -38.33
N ARG B 203 -25.79 12.78 -38.87
CA ARG B 203 -26.38 13.90 -38.09
C ARG B 203 -27.60 13.44 -37.27
N LEU B 204 -28.36 12.46 -37.75
CA LEU B 204 -29.52 11.87 -37.04
C LEU B 204 -29.21 11.74 -35.53
N TYR B 205 -27.98 11.39 -35.16
CA TYR B 205 -27.58 11.05 -33.78
C TYR B 205 -26.74 12.16 -33.13
N GLU B 206 -26.42 13.21 -33.89
CA GLU B 206 -25.44 14.25 -33.46
C GLU B 206 -25.78 14.77 -32.06
N ASN B 207 -27.01 15.26 -31.87
CA ASN B 207 -27.36 15.96 -30.62
C ASN B 207 -27.22 15.01 -29.43
N ASN B 208 -27.83 13.81 -29.49
CA ASN B 208 -27.78 12.87 -28.34
C ASN B 208 -26.32 12.55 -28.02
N ILE B 209 -25.47 12.42 -29.03
CA ILE B 209 -24.02 12.08 -28.79
C ILE B 209 -23.31 13.29 -28.15
N ARG B 210 -23.52 14.51 -28.65
CA ARG B 210 -22.84 15.72 -28.11
C ARG B 210 -23.28 15.95 -26.65
N ILE B 211 -24.58 15.89 -26.35
CA ILE B 211 -25.04 16.13 -24.93
C ILE B 211 -24.60 14.94 -24.08
N GLY B 212 -24.38 13.78 -24.69
CA GLY B 212 -23.90 12.55 -24.02
C GLY B 212 -22.44 12.68 -23.57
N LEU B 213 -21.67 13.63 -24.11
CA LEU B 213 -20.30 13.96 -23.63
C LEU B 213 -20.36 14.63 -22.26
N ASN B 214 -21.50 15.23 -21.95
CA ASN B 214 -21.74 16.11 -20.78
C ASN B 214 -22.83 15.46 -19.92
N PHE B 215 -22.76 14.15 -19.71
CA PHE B 215 -23.64 13.43 -18.75
C PHE B 215 -25.08 13.31 -19.29
N GLY B 216 -25.28 13.68 -20.55
CA GLY B 216 -26.61 13.77 -21.18
C GLY B 216 -27.27 15.12 -20.98
N LEU B 217 -26.63 16.04 -20.24
CA LEU B 217 -27.17 17.37 -19.89
C LEU B 217 -27.09 18.29 -21.11
N ASP B 218 -28.15 19.05 -21.36
CA ASP B 218 -28.23 20.08 -22.45
C ASP B 218 -28.63 21.40 -21.77
N ASN B 219 -27.66 22.31 -21.56
CA ASN B 219 -27.89 23.62 -20.87
C ASN B 219 -28.96 24.42 -21.62
N SER B 220 -29.13 24.22 -22.93
CA SER B 220 -30.13 24.96 -23.77
C SER B 220 -31.57 24.52 -23.46
N LEU B 221 -31.76 23.42 -22.73
CA LEU B 221 -33.10 22.99 -22.28
C LEU B 221 -33.46 23.61 -20.92
N GLY B 222 -32.56 24.38 -20.28
CA GLY B 222 -32.82 24.97 -18.95
C GLY B 222 -33.26 23.91 -17.95
N GLU B 223 -34.43 24.08 -17.30
CA GLU B 223 -34.91 23.20 -16.20
C GLU B 223 -35.27 21.80 -16.75
N LYS B 224 -35.49 21.66 -18.06
CA LYS B 224 -35.81 20.37 -18.72
C LYS B 224 -34.51 19.60 -19.04
N SER B 225 -33.33 20.18 -18.82
CA SER B 225 -32.05 19.44 -19.00
C SER B 225 -32.11 18.19 -18.11
N GLN B 226 -31.70 17.03 -18.65
CA GLN B 226 -31.86 15.70 -17.99
C GLN B 226 -30.65 14.80 -18.28
N TYR B 227 -30.01 14.30 -17.25
CA TYR B 227 -28.89 13.35 -17.40
C TYR B 227 -29.41 12.02 -17.94
N SER B 228 -28.54 11.22 -18.53
CA SER B 228 -28.85 9.84 -19.00
C SER B 228 -27.90 8.88 -18.34
N ASN B 229 -28.40 7.73 -17.88
CA ASN B 229 -27.52 6.68 -17.33
C ASN B 229 -26.69 6.06 -18.48
N GLN B 230 -26.98 6.42 -19.73
CA GLN B 230 -26.23 5.98 -20.96
C GLN B 230 -25.05 6.92 -21.24
N ALA B 231 -24.93 8.03 -20.49
CA ALA B 231 -23.94 9.09 -20.79
C ALA B 231 -22.81 9.05 -19.76
N SER B 232 -21.85 9.94 -19.92
CA SER B 232 -20.70 10.09 -19.00
C SER B 232 -20.02 11.43 -19.24
N ASN B 233 -18.84 11.62 -18.64
CA ASN B 233 -17.88 12.67 -19.02
C ASN B 233 -17.01 12.10 -20.16
N TYR B 234 -17.29 12.44 -21.41
CA TYR B 234 -16.55 11.88 -22.58
C TYR B 234 -15.92 12.99 -23.42
N ARG B 235 -16.07 14.25 -22.98
CA ARG B 235 -15.73 15.42 -23.84
C ARG B 235 -14.22 15.52 -23.97
N MET B 236 -13.75 16.22 -25.01
CA MET B 236 -12.32 16.55 -25.12
C MET B 236 -12.11 17.89 -24.41
N CYS B 237 -11.08 17.96 -23.59
CA CYS B 237 -10.61 19.22 -22.96
C CYS B 237 -9.99 20.12 -24.05
N ASP B 238 -10.32 21.41 -24.06
CA ASP B 238 -9.76 22.36 -25.05
C ASP B 238 -8.22 22.38 -24.97
N LEU B 239 -7.61 22.10 -23.82
CA LEU B 239 -6.12 22.07 -23.75
C LEU B 239 -5.64 21.00 -24.75
N ASN B 240 -6.20 19.81 -24.67
CA ASN B 240 -5.86 18.65 -25.53
C ASN B 240 -6.16 19.00 -26.98
N ALA B 241 -7.30 19.64 -27.26
CA ALA B 241 -7.72 20.04 -28.61
C ALA B 241 -6.62 20.91 -29.21
N ALA B 242 -6.05 21.80 -28.41
CA ALA B 242 -5.03 22.75 -28.93
C ALA B 242 -3.76 21.98 -29.33
N PHE B 243 -3.29 21.05 -28.49
CA PHE B 243 -2.09 20.25 -28.84
C PHE B 243 -2.32 19.40 -30.10
N ILE B 244 -3.51 18.77 -30.21
CA ILE B 244 -3.89 17.93 -31.39
C ILE B 244 -4.02 18.83 -32.61
N LEU B 245 -4.77 19.93 -32.54
CA LEU B 245 -4.96 20.85 -33.70
C LEU B 245 -3.58 21.30 -34.18
N SER B 246 -2.72 21.77 -33.26
CA SER B 246 -1.38 22.31 -33.64
C SER B 246 -0.60 21.20 -34.36
N TYR B 247 -0.65 19.96 -33.85
CA TYR B 247 0.12 18.84 -34.45
C TYR B 247 -0.43 18.57 -35.84
N LEU B 248 -1.76 18.53 -36.00
CA LEU B 248 -2.38 18.27 -37.31
C LEU B 248 -1.95 19.38 -38.29
N GLN B 249 -2.08 20.64 -37.86
CA GLN B 249 -1.78 21.82 -38.72
C GLN B 249 -0.36 21.70 -39.28
N ASN B 250 0.60 21.29 -38.46
CA ASN B 250 2.04 21.28 -38.82
C ASN B 250 2.43 20.02 -39.61
N ASN B 251 1.66 18.92 -39.52
CA ASN B 251 2.21 17.58 -39.87
C ASN B 251 1.28 16.74 -40.76
N TYR B 252 -0.04 16.98 -40.77
CA TYR B 252 -0.98 15.96 -41.33
C TYR B 252 -0.65 15.70 -42.81
N LYS B 253 -0.23 16.72 -43.59
CA LYS B 253 0.00 16.47 -45.05
C LYS B 253 1.26 15.62 -45.24
N LYS B 254 2.31 15.94 -44.50
CA LYS B 254 3.58 15.16 -44.52
C LYS B 254 3.31 13.72 -44.05
N ILE B 255 2.53 13.52 -42.99
CA ILE B 255 2.19 12.15 -42.49
C ILE B 255 1.50 11.39 -43.63
N ILE B 256 0.51 11.97 -44.29
CA ILE B 256 -0.19 11.21 -45.36
C ILE B 256 0.83 10.84 -46.45
N ASN B 257 1.65 11.78 -46.95
CA ASN B 257 2.52 11.50 -48.12
C ASN B 257 3.60 10.51 -47.71
N ARG B 258 4.24 10.73 -46.56
CA ARG B 258 5.41 9.91 -46.12
C ARG B 258 4.92 8.47 -45.83
N HIS B 259 3.77 8.32 -45.17
CA HIS B 259 3.25 6.98 -44.82
C HIS B 259 2.92 6.26 -46.13
N SER B 260 2.37 6.95 -47.13
CA SER B 260 2.10 6.35 -48.45
C SER B 260 3.45 5.93 -49.09
N GLU B 261 4.49 6.77 -48.99
CA GLU B 261 5.83 6.43 -49.57
C GLU B 261 6.37 5.17 -48.90
N ILE B 262 6.20 5.04 -47.59
CA ILE B 262 6.78 3.92 -46.81
C ILE B 262 6.03 2.66 -47.24
N TYR B 263 4.72 2.74 -47.42
CA TYR B 263 3.92 1.58 -47.84
C TYR B 263 4.45 1.10 -49.20
N GLU B 264 4.72 2.06 -50.09
CA GLU B 264 5.11 1.79 -51.49
C GLU B 264 6.40 0.96 -51.48
N ILE B 265 7.36 1.31 -50.63
CA ILE B 265 8.63 0.54 -50.57
C ILE B 265 8.32 -0.91 -50.19
N TYR B 266 7.47 -1.16 -49.18
CA TYR B 266 7.13 -2.54 -48.71
C TYR B 266 6.42 -3.28 -49.85
N LYS B 267 5.49 -2.60 -50.51
CA LYS B 267 4.65 -3.19 -51.57
C LYS B 267 5.57 -3.76 -52.69
N ASN B 268 6.63 -3.03 -53.05
CA ASN B 268 7.55 -3.34 -54.18
C ASN B 268 8.79 -4.13 -53.71
N ASN B 269 9.02 -4.34 -52.40
CA ASN B 269 10.22 -5.06 -51.92
C ASN B 269 9.85 -6.06 -50.81
N LEU B 270 8.70 -6.72 -50.94
CA LEU B 270 8.16 -7.65 -49.90
C LEU B 270 9.20 -8.71 -49.55
N PRO B 271 9.55 -8.92 -48.28
CA PRO B 271 10.48 -9.99 -47.94
C PRO B 271 9.84 -11.33 -48.36
N LYS B 272 10.73 -12.32 -48.56
CA LYS B 272 10.37 -13.74 -48.86
C LYS B 272 9.37 -14.22 -47.80
N ARG B 273 8.22 -14.72 -48.24
CA ARG B 273 7.24 -15.53 -47.44
C ARG B 273 6.46 -14.63 -46.46
N PHE B 274 6.50 -13.32 -46.69
CA PHE B 274 5.64 -12.32 -46.00
C PHE B 274 4.65 -11.77 -47.03
N LYS B 275 3.45 -11.44 -46.59
CA LYS B 275 2.42 -10.73 -47.39
C LYS B 275 2.04 -9.43 -46.70
N LEU B 276 1.59 -8.44 -47.46
CA LEU B 276 0.97 -7.21 -46.90
C LEU B 276 -0.31 -7.64 -46.18
N PHE B 277 -0.59 -7.08 -45.00
CA PHE B 277 -1.89 -7.29 -44.35
C PHE B 277 -2.97 -7.00 -45.40
N PRO B 278 -4.08 -7.75 -45.44
CA PRO B 278 -5.13 -7.49 -46.42
C PRO B 278 -5.63 -6.06 -46.32
N ASN B 279 -5.90 -5.46 -47.49
CA ASN B 279 -6.32 -4.04 -47.63
C ASN B 279 -7.12 -3.91 -48.91
N HIS B 280 -8.19 -3.12 -48.92
CA HIS B 280 -9.11 -2.97 -50.07
C HIS B 280 -9.15 -1.54 -50.62
N SER B 281 -8.16 -0.68 -50.33
CA SER B 281 -8.10 0.68 -50.93
C SER B 281 -7.31 0.62 -52.26
N LYS B 282 -7.72 1.39 -53.27
CA LYS B 282 -7.00 1.51 -54.57
C LYS B 282 -5.67 2.24 -54.36
N LYS B 283 -5.64 3.34 -53.62
CA LYS B 283 -4.36 4.03 -53.30
C LYS B 283 -3.80 3.48 -51.99
N ASN B 284 -2.48 3.63 -51.76
CA ASN B 284 -1.82 3.13 -50.54
C ASN B 284 -2.61 3.64 -49.34
N PRO B 285 -2.81 2.77 -48.33
CA PRO B 285 -3.37 3.25 -47.07
C PRO B 285 -2.36 4.07 -46.26
N VAL B 286 -2.87 4.81 -45.28
CA VAL B 286 -1.99 5.57 -44.34
C VAL B 286 -2.02 4.79 -43.01
N CYS B 287 -0.89 4.14 -42.70
CA CYS B 287 -0.80 3.03 -41.70
C CYS B 287 -0.15 3.53 -40.43
N SER B 288 -0.65 3.03 -39.29
CA SER B 288 -0.10 3.30 -37.94
C SER B 288 1.11 2.39 -37.73
N SER B 289 1.19 1.33 -38.51
CA SER B 289 2.38 0.44 -38.60
C SER B 289 2.25 -0.37 -39.90
N ILE B 290 3.38 -0.82 -40.43
CA ILE B 290 3.39 -1.76 -41.58
C ILE B 290 3.21 -3.18 -41.05
N CYS B 291 2.01 -3.69 -41.29
CA CYS B 291 1.54 -5.02 -40.89
C CYS B 291 1.83 -6.02 -42.03
N LEU B 292 2.77 -6.93 -41.80
CA LEU B 292 3.04 -8.11 -42.67
C LEU B 292 2.56 -9.40 -41.97
N LEU B 293 2.09 -10.37 -42.75
CA LEU B 293 1.85 -11.76 -42.33
C LEU B 293 2.96 -12.66 -42.87
N PHE B 294 3.78 -13.22 -41.98
CA PHE B 294 4.66 -14.39 -42.27
C PHE B 294 3.77 -15.56 -42.66
N ASP B 295 4.30 -16.54 -43.40
CA ASP B 295 3.49 -17.69 -43.87
C ASP B 295 3.30 -18.66 -42.70
N LYS B 296 4.15 -18.60 -41.67
CA LYS B 296 4.08 -19.50 -40.49
C LYS B 296 4.08 -18.71 -39.16
N PRO B 297 3.46 -19.27 -38.10
CA PRO B 297 3.58 -18.74 -36.74
C PRO B 297 5.02 -18.46 -36.32
N PHE B 298 5.30 -17.34 -35.66
CA PHE B 298 6.66 -17.06 -35.16
C PHE B 298 6.58 -16.14 -33.94
N ARG B 299 7.67 -16.08 -33.18
CA ARG B 299 7.80 -15.25 -31.96
C ARG B 299 8.54 -13.95 -32.30
N LEU B 300 8.09 -12.84 -31.71
CA LEU B 300 8.72 -11.49 -31.84
C LEU B 300 10.18 -11.53 -31.43
N ASP B 301 10.57 -12.41 -30.50
CA ASP B 301 11.97 -12.42 -29.96
C ASP B 301 12.92 -12.95 -31.04
N LYS B 302 12.42 -13.42 -32.18
CA LYS B 302 13.25 -13.77 -33.35
C LYS B 302 13.55 -12.52 -34.20
N ILE B 303 12.87 -11.38 -33.99
CA ILE B 303 13.04 -10.16 -34.82
C ILE B 303 14.03 -9.22 -34.14
N PRO B 304 15.24 -9.01 -34.72
CA PRO B 304 16.28 -8.26 -34.04
C PRO B 304 16.17 -6.74 -34.22
N PHE B 305 14.94 -6.21 -34.27
CA PHE B 305 14.67 -4.76 -34.32
C PHE B 305 13.26 -4.47 -33.77
N LEU B 306 13.03 -3.22 -33.37
CA LEU B 306 11.73 -2.76 -32.79
C LEU B 306 10.59 -3.18 -33.70
N SER B 307 9.66 -3.97 -33.18
CA SER B 307 8.47 -4.50 -33.89
C SER B 307 7.44 -5.00 -32.88
N ARG B 308 6.19 -5.16 -33.29
CA ARG B 308 5.11 -5.57 -32.37
C ARG B 308 4.19 -6.57 -33.03
N LYS B 309 3.33 -7.18 -32.20
CA LYS B 309 2.15 -7.93 -32.66
C LYS B 309 0.93 -7.24 -32.09
N TYR B 310 -0.06 -6.99 -32.95
CA TYR B 310 -1.46 -6.60 -32.65
C TYR B 310 -2.34 -7.43 -33.56
N TYR B 311 -3.60 -7.74 -33.18
CA TYR B 311 -4.15 -7.60 -31.85
C TYR B 311 -4.23 -8.99 -31.19
N LYS B 312 -3.82 -9.13 -29.94
CA LYS B 312 -4.11 -10.35 -29.16
C LYS B 312 -5.62 -10.57 -29.26
N PRO B 313 -6.10 -11.76 -29.64
CA PRO B 313 -7.54 -11.95 -29.81
C PRO B 313 -8.30 -11.69 -28.49
N LEU B 314 -9.45 -11.00 -28.57
CA LEU B 314 -10.27 -10.69 -27.35
C LEU B 314 -10.84 -12.00 -26.81
N ASP B 315 -11.27 -12.85 -27.73
CA ASP B 315 -11.67 -14.26 -27.51
C ASP B 315 -10.58 -15.15 -28.13
N LEU B 316 -9.79 -15.83 -27.31
CA LEU B 316 -8.58 -16.59 -27.74
C LEU B 316 -9.00 -17.89 -28.47
N SER B 317 -10.30 -18.17 -28.53
CA SER B 317 -10.94 -19.29 -29.29
C SER B 317 -11.40 -18.83 -30.70
N SER B 318 -10.91 -17.69 -31.17
CA SER B 318 -11.20 -17.18 -32.52
C SER B 318 -10.03 -17.60 -33.41
N PRO B 319 -10.17 -18.66 -34.23
CA PRO B 319 -9.02 -19.29 -34.88
C PRO B 319 -8.30 -18.40 -35.91
N VAL B 320 -9.06 -17.73 -36.78
CA VAL B 320 -8.45 -16.80 -37.78
C VAL B 320 -7.76 -15.66 -37.03
N SER B 321 -8.44 -15.09 -36.03
CA SER B 321 -7.84 -14.03 -35.20
C SER B 321 -6.51 -14.52 -34.60
N LEU B 322 -6.43 -15.74 -34.05
CA LEU B 322 -5.19 -16.23 -33.36
C LEU B 322 -4.09 -16.47 -34.41
N ASP B 323 -4.48 -16.99 -35.55
CA ASP B 323 -3.57 -17.30 -36.69
C ASP B 323 -2.86 -16.00 -37.13
N PHE B 324 -3.64 -14.96 -37.41
CA PHE B 324 -3.12 -13.60 -37.75
C PHE B 324 -2.17 -13.10 -36.66
N TYR B 325 -2.59 -13.20 -35.40
CA TYR B 325 -1.80 -12.74 -34.24
C TYR B 325 -0.44 -13.44 -34.29
N GLN B 326 -0.44 -14.76 -34.50
CA GLN B 326 0.77 -15.62 -34.44
C GLN B 326 1.67 -15.33 -35.66
N ARG B 327 1.08 -14.94 -36.78
CA ARG B 327 1.79 -14.74 -38.07
C ARG B 327 2.12 -13.27 -38.32
N ILE B 328 1.55 -12.33 -37.55
CA ILE B 328 1.69 -10.88 -37.89
C ILE B 328 3.04 -10.34 -37.42
N LEU B 329 3.56 -9.36 -38.17
CA LEU B 329 4.65 -8.50 -37.72
C LEU B 329 4.22 -7.05 -37.98
N CYS B 330 4.18 -6.25 -36.92
CA CYS B 330 3.83 -4.80 -36.99
C CYS B 330 5.15 -4.03 -36.91
N ILE B 331 5.54 -3.44 -38.03
CA ILE B 331 6.83 -2.72 -38.20
C ILE B 331 6.57 -1.23 -38.02
N PRO B 332 7.46 -0.50 -37.31
CA PRO B 332 7.31 0.94 -37.11
C PRO B 332 7.01 1.61 -38.46
N CYS B 333 6.01 2.47 -38.48
CA CYS B 333 5.69 3.32 -39.65
C CYS B 333 5.48 4.76 -39.18
N ASN B 334 6.49 5.62 -39.36
CA ASN B 334 6.41 7.04 -38.94
C ASN B 334 7.32 7.91 -39.80
N ILE B 335 7.20 9.21 -39.64
CA ILE B 335 7.88 10.21 -40.52
C ILE B 335 9.35 10.38 -40.12
N ASP B 336 9.87 9.65 -39.12
CA ASP B 336 11.31 9.76 -38.74
C ASP B 336 12.14 8.70 -39.48
N LEU B 337 11.52 7.60 -39.88
CA LEU B 337 12.13 6.43 -40.58
C LEU B 337 12.76 6.88 -41.90
N THR B 338 14.03 6.50 -42.15
CA THR B 338 14.70 6.73 -43.45
C THR B 338 14.43 5.55 -44.39
N ASP B 339 14.42 5.79 -45.71
CA ASP B 339 14.41 4.69 -46.70
C ASP B 339 15.57 3.73 -46.42
N ARG B 340 16.77 4.24 -46.11
CA ARG B 340 17.96 3.41 -45.75
C ARG B 340 17.55 2.43 -44.64
N GLN B 341 16.86 2.89 -43.60
CA GLN B 341 16.43 2.02 -42.47
C GLN B 341 15.47 0.95 -42.98
N ILE B 342 14.52 1.33 -43.83
CA ILE B 342 13.48 0.40 -44.33
C ILE B 342 14.16 -0.74 -45.08
N TYR B 343 15.17 -0.47 -45.92
CA TYR B 343 15.90 -1.52 -46.68
C TYR B 343 16.73 -2.38 -45.70
N GLU B 344 17.30 -1.80 -44.63
CA GLU B 344 18.03 -2.59 -43.61
C GLU B 344 17.05 -3.52 -42.91
N ILE B 345 15.83 -3.05 -42.58
CA ILE B 345 14.68 -3.86 -42.06
C ILE B 345 14.34 -5.03 -43.01
N ILE B 346 14.12 -4.75 -44.30
CA ILE B 346 13.76 -5.80 -45.31
C ILE B 346 14.93 -6.79 -45.42
N GLY B 347 16.19 -6.33 -45.37
CA GLY B 347 17.38 -7.21 -45.36
C GLY B 347 17.30 -8.19 -44.20
N VAL B 348 17.04 -7.69 -43.00
CA VAL B 348 16.88 -8.50 -41.76
C VAL B 348 15.75 -9.52 -41.99
N LEU B 349 14.64 -9.13 -42.60
CA LEU B 349 13.45 -10.02 -42.67
C LEU B 349 13.65 -11.14 -43.71
N ASN B 350 14.38 -10.89 -44.80
CA ASN B 350 14.79 -11.98 -45.73
C ASN B 350 15.67 -12.99 -45.01
N GLU B 351 16.64 -12.51 -44.24
CA GLU B 351 17.57 -13.30 -43.39
C GLU B 351 16.77 -14.13 -42.37
N PHE B 352 15.81 -13.53 -41.66
CA PHE B 352 14.80 -14.24 -40.80
C PHE B 352 14.10 -15.34 -41.60
N ALA B 353 13.52 -15.02 -42.76
CA ALA B 353 12.72 -15.95 -43.60
C ALA B 353 13.54 -17.20 -43.96
N ASP B 354 14.75 -17.01 -44.50
CA ASP B 354 15.63 -18.12 -44.92
C ASP B 354 15.93 -19.08 -43.76
N LYS B 355 15.93 -18.61 -42.52
CA LYS B 355 16.31 -19.41 -41.31
C LYS B 355 15.10 -19.92 -40.53
N ASN B 356 13.86 -19.73 -41.00
CA ASN B 356 12.63 -20.11 -40.26
C ASN B 356 11.60 -20.61 -41.27
N GLY C 6 4.27 26.32 33.26
CA GLY C 6 5.52 25.52 33.57
C GLY C 6 5.37 24.05 33.22
N LEU C 7 4.13 23.58 33.08
CA LEU C 7 3.85 22.13 32.98
C LEU C 7 3.70 21.68 31.52
N GLU C 8 3.77 22.63 30.58
CA GLU C 8 3.67 22.32 29.14
C GLU C 8 4.96 21.60 28.74
N LYS C 9 6.07 21.80 29.45
CA LYS C 9 7.39 21.20 29.09
C LYS C 9 7.56 19.79 29.70
N LEU C 10 6.65 19.32 30.55
CA LEU C 10 6.74 17.95 31.14
C LEU C 10 6.93 16.96 30.00
N THR C 11 7.83 16.00 30.19
CA THR C 11 7.92 14.78 29.37
C THR C 11 7.80 13.55 30.28
N TRP C 12 7.35 12.43 29.72
CA TRP C 12 7.16 11.18 30.47
C TRP C 12 8.53 10.65 30.86
N VAL C 13 9.45 10.66 29.90
CA VAL C 13 10.82 10.10 29.97
C VAL C 13 11.79 11.28 29.97
N SER C 14 12.92 11.21 30.65
CA SER C 14 13.96 12.26 30.45
C SER C 14 14.46 12.19 29.00
N GLU C 15 14.95 13.31 28.50
CA GLU C 15 15.65 13.36 27.20
C GLU C 15 16.85 12.44 27.31
N LYS C 16 16.90 11.40 26.48
CA LYS C 16 18.01 10.42 26.48
C LYS C 16 18.65 10.52 25.10
N LYS C 17 19.96 10.52 25.07
CA LYS C 17 20.77 10.67 23.84
C LYS C 17 21.99 9.79 24.00
N PRO C 18 22.40 9.08 22.93
CA PRO C 18 23.60 8.26 22.99
C PRO C 18 24.82 9.15 23.27
N ASP C 19 25.65 8.71 24.19
CA ASP C 19 27.07 9.12 24.26
C ASP C 19 27.77 8.43 23.09
N TRP C 20 27.83 9.08 21.91
CA TRP C 20 28.26 8.41 20.66
C TRP C 20 29.71 7.92 20.75
N SER C 21 30.62 8.70 21.35
N SER C 21 30.60 8.73 21.35
CA SER C 21 32.02 8.28 21.56
CA SER C 21 32.01 8.37 21.63
C SER C 21 32.06 6.96 22.35
C SER C 21 32.08 7.03 22.35
N ASN C 22 31.37 6.91 23.49
CA ASN C 22 31.34 5.68 24.32
C ASN C 22 30.67 4.52 23.55
N VAL C 23 29.55 4.77 22.88
CA VAL C 23 28.83 3.70 22.14
C VAL C 23 29.73 3.16 21.01
N GLN C 24 30.43 4.05 20.28
CA GLN C 24 31.36 3.62 19.20
C GLN C 24 32.49 2.80 19.83
N LYS C 25 33.01 3.25 20.98
CA LYS C 25 34.11 2.52 21.64
C LYS C 25 33.64 1.11 22.02
N LEU C 26 32.43 0.98 22.57
CA LEU C 26 31.88 -0.35 22.93
C LEU C 26 31.71 -1.21 21.67
N ILE C 27 31.08 -0.69 20.62
CA ILE C 27 30.74 -1.50 19.41
C ILE C 27 32.00 -1.83 18.58
N ALA C 28 33.12 -1.17 18.86
CA ALA C 28 34.46 -1.47 18.29
C ALA C 28 34.82 -2.95 18.47
N ALA C 29 34.50 -3.53 19.62
CA ALA C 29 34.66 -4.96 19.95
C ALA C 29 33.88 -5.83 18.95
N CYS C 30 32.64 -5.44 18.59
CA CYS C 30 31.82 -6.15 17.57
C CYS C 30 32.45 -5.94 16.18
N GLU C 31 32.96 -4.74 15.88
CA GLU C 31 33.48 -4.41 14.54
C GLU C 31 34.75 -5.22 14.29
N ALA C 32 35.51 -5.49 15.34
CA ALA C 32 36.78 -6.26 15.26
C ALA C 32 36.54 -7.71 14.83
N THR C 33 35.47 -8.35 15.32
CA THR C 33 35.23 -9.83 15.18
C THR C 33 34.04 -10.14 14.28
N ASN C 34 33.24 -9.13 13.92
CA ASN C 34 31.95 -9.26 13.18
C ASN C 34 30.88 -9.95 14.03
N GLN C 35 31.01 -10.02 15.35
CA GLN C 35 30.00 -10.66 16.24
C GLN C 35 29.16 -9.55 16.90
N TYR C 36 28.00 -9.25 16.32
CA TYR C 36 27.07 -8.22 16.82
C TYR C 36 25.84 -8.83 17.50
N THR C 37 25.70 -10.15 17.46
CA THR C 37 24.63 -10.86 18.15
C THR C 37 25.07 -12.30 18.40
N ASN C 38 24.13 -13.10 18.89
CA ASN C 38 24.33 -14.53 19.22
C ASN C 38 25.38 -14.55 20.35
N ILE C 39 25.24 -13.60 21.27
CA ILE C 39 26.13 -13.40 22.46
C ILE C 39 27.54 -13.04 21.95
N GLY C 40 27.70 -11.81 21.52
CA GLY C 40 29.00 -11.21 21.18
C GLY C 40 29.65 -10.61 22.43
N PRO C 41 30.60 -9.68 22.23
CA PRO C 41 31.48 -9.26 23.32
C PRO C 41 30.87 -8.27 24.32
N ILE C 42 29.69 -7.72 24.05
CA ILE C 42 29.07 -6.65 24.90
C ILE C 42 28.16 -7.29 25.96
N ILE C 43 27.61 -8.44 25.63
CA ILE C 43 26.58 -9.08 26.52
C ILE C 43 27.15 -9.25 27.93
N SER C 44 28.31 -9.88 28.13
CA SER C 44 28.89 -10.08 29.49
C SER C 44 29.13 -8.72 30.16
N GLN C 45 29.54 -7.68 29.42
CA GLN C 45 29.86 -6.35 30.01
C GLN C 45 28.58 -5.76 30.61
N LEU C 46 27.45 -5.87 29.91
CA LEU C 46 26.18 -5.32 30.42
C LEU C 46 25.69 -6.16 31.60
N GLU C 47 25.75 -7.50 31.50
CA GLU C 47 25.26 -8.41 32.57
C GLU C 47 26.10 -8.14 33.84
N SER C 48 27.42 -8.01 33.70
CA SER C 48 28.38 -7.68 34.81
C SER C 48 27.99 -6.35 35.46
N PHE C 49 27.76 -5.34 34.62
CA PHE C 49 27.39 -3.97 35.09
C PHE C 49 26.07 -4.01 35.87
N ILE C 50 25.07 -4.74 35.37
CA ILE C 50 23.79 -4.86 36.10
C ILE C 50 24.06 -5.54 37.45
N ARG C 51 24.81 -6.64 37.48
CA ARG C 51 25.08 -7.39 38.74
C ARG C 51 25.70 -6.43 39.75
N ASP C 52 26.72 -5.71 39.32
CA ASP C 52 27.58 -4.90 40.22
C ASP C 52 26.83 -3.64 40.65
N SER C 53 26.09 -3.01 39.72
CA SER C 53 25.48 -1.67 39.88
C SER C 53 24.14 -1.80 40.60
N PHE C 54 23.36 -2.86 40.33
CA PHE C 54 22.03 -3.11 40.94
C PHE C 54 22.16 -3.99 42.20
N LEU C 55 23.36 -4.48 42.49
CA LEU C 55 23.64 -5.31 43.69
C LEU C 55 22.82 -6.61 43.63
N ILE C 56 23.01 -7.36 42.56
CA ILE C 56 22.37 -8.69 42.42
C ILE C 56 23.27 -9.68 43.16
N GLU C 57 22.67 -10.62 43.88
CA GLU C 57 23.40 -11.64 44.67
C GLU C 57 24.06 -12.69 43.77
N GLU C 58 25.12 -13.33 44.27
CA GLU C 58 25.91 -14.36 43.53
C GLU C 58 25.04 -15.58 43.22
N SER C 59 24.07 -15.91 44.04
CA SER C 59 23.14 -17.04 43.83
C SER C 59 22.22 -16.77 42.63
N LYS C 60 22.23 -15.58 42.05
CA LYS C 60 21.37 -15.24 40.89
C LYS C 60 22.22 -15.14 39.63
N ALA C 61 21.71 -15.67 38.52
CA ALA C 61 22.21 -15.36 37.16
C ALA C 61 21.61 -14.01 36.74
N VAL C 62 22.36 -13.27 35.94
CA VAL C 62 21.90 -12.05 35.25
C VAL C 62 21.94 -12.31 33.76
N ILE C 63 20.77 -12.34 33.13
CA ILE C 63 20.55 -12.77 31.72
C ILE C 63 19.80 -11.65 30.98
N VAL C 64 20.51 -10.94 30.09
CA VAL C 64 19.81 -9.92 29.26
C VAL C 64 19.06 -10.60 28.12
N THR C 65 17.98 -9.92 27.69
CA THR C 65 17.04 -10.35 26.63
C THR C 65 16.64 -9.13 25.80
N SER C 66 15.88 -9.36 24.71
CA SER C 66 15.50 -8.31 23.74
C SER C 66 14.60 -7.25 24.40
N ASN C 67 13.82 -7.63 25.42
CA ASN C 67 12.85 -6.69 26.04
C ASN C 67 12.35 -7.30 27.35
N GLY C 68 11.68 -6.50 28.17
CA GLY C 68 11.15 -6.98 29.47
C GLY C 68 10.23 -8.16 29.27
N THR C 69 9.37 -8.09 28.26
CA THR C 69 8.42 -9.16 27.90
C THR C 69 9.15 -10.47 27.58
N SER C 70 10.21 -10.43 26.78
CA SER C 70 11.00 -11.64 26.43
C SER C 70 11.82 -12.08 27.64
N ALA C 71 12.15 -11.16 28.58
CA ALA C 71 12.77 -11.56 29.87
C ALA C 71 11.80 -12.53 30.56
N LEU C 72 10.54 -12.12 30.73
CA LEU C 72 9.49 -12.96 31.38
C LEU C 72 9.25 -14.25 30.56
N HIS C 73 9.10 -14.15 29.25
CA HIS C 73 8.76 -15.32 28.37
C HIS C 73 9.92 -16.33 28.37
N ALA C 74 11.17 -15.88 28.25
CA ALA C 74 12.37 -16.74 28.22
C ALA C 74 12.53 -17.42 29.59
N LEU C 75 12.21 -16.69 30.66
CA LEU C 75 12.25 -17.23 32.04
C LEU C 75 11.29 -18.43 32.13
N VAL C 76 10.03 -18.26 31.76
CA VAL C 76 9.00 -19.32 31.81
C VAL C 76 9.38 -20.43 30.81
N GLY C 77 9.78 -20.11 29.58
CA GLY C 77 10.11 -21.14 28.59
C GLY C 77 11.28 -21.98 29.05
N GLY C 78 12.26 -21.34 29.67
CA GLY C 78 13.47 -22.02 30.19
C GLY C 78 13.09 -23.00 31.28
N ILE C 79 12.26 -22.55 32.22
CA ILE C 79 11.84 -23.41 33.36
C ILE C 79 10.95 -24.54 32.82
N ASN C 80 9.98 -24.20 31.97
CA ASN C 80 9.13 -25.19 31.28
C ASN C 80 10.02 -26.30 30.72
N ARG C 81 11.07 -25.95 30.00
CA ARG C 81 11.94 -27.00 29.37
C ARG C 81 12.63 -27.83 30.46
N GLN C 82 13.14 -27.17 31.49
CA GLN C 82 13.86 -27.86 32.59
C GLN C 82 12.92 -28.85 33.30
N LEU C 83 11.63 -28.53 33.48
CA LEU C 83 10.69 -29.36 34.28
C LEU C 83 9.89 -30.31 33.37
N GLY C 84 10.11 -30.26 32.06
CA GLY C 84 9.52 -31.22 31.10
C GLY C 84 8.03 -31.02 30.94
N ARG C 85 7.45 -29.87 31.32
CA ARG C 85 6.03 -29.58 30.98
C ARG C 85 5.79 -28.09 31.03
N GLU C 86 4.65 -27.67 30.49
CA GLU C 86 4.21 -26.25 30.39
C GLU C 86 3.53 -25.89 31.72
N LEU C 87 4.21 -25.10 32.54
CA LEU C 87 3.76 -24.72 33.90
C LEU C 87 2.63 -23.70 33.80
N LYS C 88 1.70 -23.80 34.75
CA LYS C 88 0.52 -22.92 34.84
C LYS C 88 0.87 -21.83 35.85
N PHE C 89 0.81 -20.56 35.44
CA PHE C 89 1.09 -19.41 36.35
C PHE C 89 -0.20 -18.63 36.59
N VAL C 90 -0.30 -18.10 37.81
CA VAL C 90 -1.30 -17.05 38.17
C VAL C 90 -0.58 -15.70 38.09
N THR C 91 -1.22 -14.71 37.50
CA THR C 91 -0.78 -13.30 37.50
C THR C 91 -1.92 -12.47 38.07
N GLN C 92 -1.59 -11.23 38.47
CA GLN C 92 -2.58 -10.27 39.01
C GLN C 92 -3.21 -9.49 37.86
N SER C 93 -4.48 -9.08 38.00
CA SER C 93 -5.21 -8.31 36.96
C SER C 93 -4.55 -6.94 36.76
N PHE C 94 -4.01 -6.36 37.83
CA PHE C 94 -3.42 -5.01 37.85
C PHE C 94 -1.96 -5.12 37.42
N THR C 95 -1.76 -5.29 36.11
CA THR C 95 -0.42 -5.45 35.50
C THR C 95 -0.51 -5.23 33.98
N PHE C 96 0.64 -5.25 33.38
CA PHE C 96 0.86 -5.06 31.92
C PHE C 96 0.59 -6.40 31.24
N PRO C 97 0.15 -6.41 29.95
CA PRO C 97 -0.20 -7.65 29.25
C PRO C 97 0.83 -8.79 29.18
N SER C 98 2.11 -8.48 29.40
CA SER C 98 3.23 -9.45 29.21
C SER C 98 2.98 -10.78 29.93
N SER C 99 2.44 -10.74 31.15
CA SER C 99 2.21 -11.96 31.98
C SER C 99 0.92 -12.71 31.58
N ASN C 100 0.22 -12.31 30.50
CA ASN C 100 -0.88 -13.13 29.88
C ASN C 100 -0.64 -13.31 28.38
N GLN C 101 0.62 -13.51 27.99
CA GLN C 101 1.07 -13.56 26.56
C GLN C 101 2.16 -14.63 26.42
N GLY C 102 2.44 -15.11 25.21
CA GLY C 102 3.56 -16.03 24.99
C GLY C 102 3.37 -17.32 25.79
N PRO C 103 4.40 -17.87 26.47
CA PRO C 103 4.20 -19.08 27.26
C PRO C 103 3.24 -18.86 28.45
N LEU C 104 2.75 -17.62 28.65
CA LEU C 104 1.81 -17.24 29.73
C LEU C 104 0.46 -16.84 29.13
N LYS C 105 0.22 -17.13 27.86
CA LYS C 105 -1.03 -16.68 27.17
C LYS C 105 -2.27 -17.27 27.84
N ASP C 106 -2.13 -18.41 28.53
CA ASP C 106 -3.25 -19.07 29.27
C ASP C 106 -2.99 -19.03 30.80
N SER C 107 -2.20 -18.05 31.26
CA SER C 107 -2.04 -17.79 32.72
C SER C 107 -3.42 -17.54 33.34
N ILE C 108 -3.55 -17.81 34.64
CA ILE C 108 -4.81 -17.53 35.38
C ILE C 108 -4.69 -16.11 35.93
N ILE C 109 -5.67 -15.26 35.67
CA ILE C 109 -5.70 -13.87 36.19
C ILE C 109 -6.55 -13.82 37.46
N VAL C 110 -5.95 -13.38 38.57
CA VAL C 110 -6.69 -13.08 39.83
C VAL C 110 -6.52 -11.59 40.20
N ASP C 111 -7.35 -11.12 41.14
CA ASP C 111 -7.35 -9.70 41.58
C ASP C 111 -6.11 -9.43 42.43
N ILE C 112 -5.81 -8.14 42.61
CA ILE C 112 -4.86 -7.69 43.65
C ILE C 112 -5.62 -7.59 44.98
N ASP C 113 -4.87 -7.50 46.06
CA ASP C 113 -5.38 -6.98 47.36
C ASP C 113 -5.03 -5.47 47.43
N GLU C 114 -5.43 -4.81 48.52
CA GLU C 114 -5.29 -3.35 48.67
C GLU C 114 -3.83 -2.96 48.87
N ASP C 115 -2.91 -3.90 49.02
CA ASP C 115 -1.45 -3.60 49.12
C ASP C 115 -0.80 -3.62 47.72
N GLY C 116 -1.56 -3.83 46.65
CA GLY C 116 -1.07 -3.62 45.26
C GLY C 116 -0.49 -4.86 44.60
N GLY C 117 -0.43 -5.99 45.27
CA GLY C 117 0.03 -7.26 44.71
C GLY C 117 -1.07 -8.31 44.62
N LEU C 118 -0.77 -9.38 43.89
CA LEU C 118 -1.63 -10.59 43.76
C LEU C 118 -2.26 -11.01 45.11
N ASP C 119 -3.57 -11.14 45.12
CA ASP C 119 -4.38 -11.56 46.30
C ASP C 119 -4.27 -13.07 46.50
N LEU C 120 -3.45 -13.49 47.46
CA LEU C 120 -3.15 -14.92 47.77
C LEU C 120 -4.41 -15.67 48.22
N ASN C 121 -5.42 -14.97 48.75
CA ASN C 121 -6.73 -15.58 49.08
C ASN C 121 -7.36 -16.12 47.80
N ALA C 122 -7.14 -15.49 46.65
CA ALA C 122 -7.80 -15.84 45.37
C ALA C 122 -7.22 -17.11 44.72
N VAL C 123 -6.14 -17.70 45.27
CA VAL C 123 -5.47 -18.91 44.71
C VAL C 123 -5.54 -20.13 45.66
N LYS C 124 -6.29 -20.08 46.77
CA LYS C 124 -6.14 -21.11 47.86
C LYS C 124 -6.36 -22.53 47.29
N ASN C 125 -7.46 -22.76 46.56
CA ASN C 125 -7.85 -24.09 45.99
C ASN C 125 -8.09 -23.96 44.48
N ILE C 126 -7.00 -23.81 43.71
CA ILE C 126 -7.01 -23.87 42.22
C ILE C 126 -5.68 -24.50 41.79
N GLU C 127 -5.60 -24.99 40.56
CA GLU C 127 -4.39 -25.73 40.07
C GLU C 127 -3.44 -24.74 39.38
N TYR C 128 -2.22 -24.61 39.90
CA TYR C 128 -1.16 -23.71 39.36
C TYR C 128 0.19 -24.20 39.85
N ASP C 129 1.28 -23.83 39.16
CA ASP C 129 2.65 -24.22 39.57
C ASP C 129 3.40 -23.02 40.13
N GLY C 130 2.95 -21.80 39.85
CA GLY C 130 3.72 -20.59 40.18
C GLY C 130 2.85 -19.36 40.14
N ILE C 131 3.34 -18.28 40.73
CA ILE C 131 2.59 -16.99 40.70
C ILE C 131 3.54 -15.91 40.18
N ILE C 132 2.97 -14.92 39.51
CA ILE C 132 3.71 -13.73 39.04
C ILE C 132 3.11 -12.53 39.78
N VAL C 133 3.91 -11.84 40.60
CA VAL C 133 3.50 -10.65 41.41
C VAL C 133 4.17 -9.41 40.83
N THR C 134 3.41 -8.37 40.49
CA THR C 134 3.98 -7.12 39.92
C THR C 134 4.21 -6.10 41.04
N ASN C 135 5.46 -5.64 41.16
CA ASN C 135 5.92 -4.51 41.99
C ASN C 135 5.73 -3.23 41.17
N ILE C 136 4.68 -2.45 41.46
CA ILE C 136 4.08 -1.44 40.55
C ILE C 136 4.94 -0.17 40.51
N HIS C 137 5.55 0.10 39.36
CA HIS C 137 6.20 1.39 39.02
C HIS C 137 7.25 1.75 40.07
N GLY C 138 7.94 0.74 40.64
CA GLY C 138 9.10 0.92 41.52
C GLY C 138 8.68 0.71 42.98
N ASN C 139 7.39 0.77 43.25
CA ASN C 139 6.80 0.34 44.54
C ASN C 139 6.97 -1.18 44.70
N VAL C 140 7.07 -1.65 45.94
CA VAL C 140 7.13 -3.12 46.22
C VAL C 140 6.03 -3.48 47.22
N VAL C 141 5.47 -4.66 46.98
CA VAL C 141 4.51 -5.40 47.86
C VAL C 141 5.27 -5.87 49.10
N ASP C 142 4.56 -6.46 50.05
CA ASP C 142 5.17 -7.12 51.22
C ASP C 142 5.78 -8.43 50.70
N ILE C 143 7.02 -8.35 50.21
CA ILE C 143 7.65 -9.43 49.42
C ILE C 143 7.66 -10.74 50.24
N ASN C 144 7.91 -10.66 51.55
CA ASN C 144 8.12 -11.86 52.39
C ASN C 144 6.80 -12.63 52.51
N LYS C 145 5.64 -11.98 52.45
CA LYS C 145 4.35 -12.73 52.49
C LYS C 145 4.25 -13.67 51.28
N TYR C 146 4.77 -13.27 50.11
CA TYR C 146 4.72 -14.10 48.87
C TYR C 146 5.81 -15.18 48.94
N VAL C 147 7.02 -14.83 49.37
CA VAL C 147 8.14 -15.82 49.57
C VAL C 147 7.61 -16.93 50.50
N ASP C 148 7.02 -16.55 51.64
CA ASP C 148 6.55 -17.51 52.69
C ASP C 148 5.45 -18.38 52.09
N PHE C 149 4.47 -17.81 51.40
CA PHE C 149 3.33 -18.58 50.83
C PHE C 149 3.82 -19.59 49.79
N CYS C 150 4.67 -19.17 48.85
CA CYS C 150 5.20 -20.04 47.77
C CYS C 150 6.11 -21.13 48.39
N MET C 151 6.90 -20.79 49.38
CA MET C 151 7.74 -21.76 50.12
C MET C 151 6.82 -22.80 50.80
N ASN C 152 5.67 -22.43 51.39
CA ASN C 152 4.77 -23.35 52.14
C ASN C 152 3.89 -24.20 51.21
N HIS C 153 3.54 -23.69 50.03
CA HIS C 153 2.66 -24.38 49.05
C HIS C 153 3.47 -25.02 47.92
N ASN C 154 4.80 -25.00 48.03
CA ASN C 154 5.78 -25.49 47.01
C ASN C 154 5.42 -24.93 45.61
N LYS C 155 5.43 -23.61 45.47
CA LYS C 155 5.09 -22.90 44.21
C LYS C 155 6.31 -22.07 43.76
N LEU C 156 6.41 -21.85 42.45
CA LEU C 156 7.42 -20.94 41.85
C LEU C 156 6.97 -19.49 42.11
N LEU C 157 7.91 -18.61 42.42
CA LEU C 157 7.63 -17.17 42.67
C LEU C 157 8.50 -16.32 41.76
N ILE C 158 7.83 -15.60 40.87
CA ILE C 158 8.47 -14.63 39.94
C ILE C 158 7.95 -13.23 40.29
N PHE C 159 8.85 -12.26 40.40
CA PHE C 159 8.44 -10.83 40.50
C PHE C 159 8.55 -10.19 39.13
N ASP C 160 7.44 -9.65 38.62
CA ASP C 160 7.51 -8.69 37.49
C ASP C 160 8.04 -7.34 38.03
N ASN C 161 9.35 -7.12 37.96
CA ASN C 161 10.04 -5.85 38.31
C ASN C 161 10.36 -5.05 37.04
N ALA C 162 9.59 -5.20 35.96
CA ALA C 162 9.81 -4.41 34.72
C ALA C 162 10.17 -2.96 35.07
N ALA C 163 9.41 -2.33 35.97
CA ALA C 163 9.49 -0.89 36.29
C ALA C 163 10.15 -0.67 37.66
N THR C 164 10.90 -1.67 38.17
CA THR C 164 11.33 -1.70 39.60
C THR C 164 12.74 -2.28 39.66
N GLY C 165 13.72 -1.58 39.10
CA GLY C 165 15.09 -2.10 39.01
C GLY C 165 15.92 -1.81 40.25
N TYR C 166 15.50 -0.88 41.10
CA TYR C 166 16.36 -0.38 42.22
C TYR C 166 15.49 0.10 43.38
N THR C 167 14.62 -0.79 43.86
CA THR C 167 13.91 -0.60 45.14
C THR C 167 14.40 -1.70 46.08
N PHE C 168 14.73 -1.34 47.32
CA PHE C 168 15.35 -2.29 48.27
C PHE C 168 14.31 -2.71 49.31
N TYR C 169 14.37 -3.98 49.67
CA TYR C 169 13.50 -4.62 50.67
C TYR C 169 14.41 -5.38 51.62
N LEU C 170 14.37 -5.04 52.90
CA LEU C 170 15.21 -5.64 53.97
C LEU C 170 16.66 -5.72 53.52
N GLY C 171 17.20 -4.64 52.98
CA GLY C 171 18.65 -4.43 52.77
C GLY C 171 19.16 -4.93 51.43
N LYS C 172 18.31 -5.43 50.53
CA LYS C 172 18.77 -5.91 49.19
C LYS C 172 17.76 -5.58 48.08
N ASN C 173 18.27 -5.50 46.86
CA ASN C 173 17.46 -5.19 45.67
C ASN C 173 16.28 -6.17 45.68
N SER C 174 15.05 -5.69 45.55
CA SER C 174 13.83 -6.52 45.49
C SER C 174 13.98 -7.60 44.40
N CYS C 175 14.83 -7.36 43.40
CA CYS C 175 15.09 -8.31 42.30
C CYS C 175 15.69 -9.61 42.81
N ASN C 176 16.28 -9.60 44.00
CA ASN C 176 16.98 -10.78 44.56
C ASN C 176 15.97 -11.71 45.21
N TYR C 177 14.68 -11.36 45.25
CA TYR C 177 13.68 -12.19 45.97
C TYR C 177 12.86 -12.99 44.95
N GLY C 178 12.21 -14.05 45.43
CA GLY C 178 11.55 -15.08 44.63
C GLY C 178 12.58 -15.98 43.95
N HIS C 179 12.11 -16.96 43.17
CA HIS C 179 12.98 -17.78 42.29
C HIS C 179 13.55 -16.85 41.23
N ALA C 180 12.79 -15.86 40.77
CA ALA C 180 13.29 -14.93 39.72
C ALA C 180 12.54 -13.61 39.74
N SER C 181 13.14 -12.61 39.11
CA SER C 181 12.46 -11.35 38.74
C SER C 181 12.91 -10.97 37.34
N ILE C 182 12.17 -10.07 36.71
CA ILE C 182 12.58 -9.50 35.39
C ILE C 182 12.54 -7.98 35.51
N ILE C 183 13.39 -7.33 34.72
CA ILE C 183 13.52 -5.86 34.64
C ILE C 183 13.39 -5.46 33.17
N SER C 184 12.79 -4.31 32.90
CA SER C 184 12.70 -3.73 31.53
C SER C 184 13.74 -2.62 31.40
N PHE C 185 14.47 -2.64 30.27
CA PHE C 185 15.32 -1.54 29.78
C PHE C 185 14.66 -0.86 28.56
N HIS C 186 13.36 -0.96 28.47
CA HIS C 186 12.55 -0.15 27.50
C HIS C 186 12.88 1.34 27.69
N HIS C 187 12.74 2.14 26.62
CA HIS C 187 13.08 3.58 26.63
C HIS C 187 12.29 4.30 27.74
N THR C 188 11.10 3.79 28.08
CA THR C 188 10.17 4.45 29.05
C THR C 188 10.55 4.15 30.50
N ALA C 189 11.40 3.14 30.76
CA ALA C 189 11.94 2.80 32.09
C ALA C 189 13.04 3.80 32.47
N PRO C 190 13.17 4.12 33.76
CA PRO C 190 14.24 5.02 34.20
C PRO C 190 15.62 4.60 33.70
N PHE C 191 15.91 3.29 33.74
CA PHE C 191 17.25 2.75 33.42
C PHE C 191 17.34 2.38 31.94
N GLY C 192 16.26 2.56 31.17
CA GLY C 192 16.13 2.00 29.81
C GLY C 192 16.68 2.89 28.70
N PHE C 193 16.91 2.28 27.54
CA PHE C 193 17.34 3.00 26.30
C PHE C 193 17.00 2.14 25.09
N GLY C 194 15.98 2.53 24.31
CA GLY C 194 15.43 1.76 23.18
C GLY C 194 14.62 0.56 23.69
N GLU C 195 15.17 -0.66 23.52
CA GLU C 195 14.50 -1.89 24.00
C GLU C 195 15.50 -2.72 24.75
N GLY C 196 15.03 -3.39 25.81
CA GLY C 196 15.84 -4.42 26.46
C GLY C 196 15.12 -5.02 27.65
N GLY C 197 15.66 -6.15 28.11
CA GLY C 197 15.13 -6.86 29.28
C GLY C 197 16.27 -7.52 30.03
N CYS C 198 16.05 -7.92 31.28
CA CYS C 198 17.07 -8.70 32.05
C CYS C 198 16.32 -9.66 32.97
N ILE C 199 16.83 -10.88 33.11
CA ILE C 199 16.30 -11.89 34.05
C ILE C 199 17.28 -11.99 35.20
N ILE C 200 16.75 -12.00 36.42
CA ILE C 200 17.50 -12.30 37.65
C ILE C 200 16.88 -13.59 38.15
N VAL C 201 17.64 -14.68 38.17
CA VAL C 201 17.05 -16.03 38.40
C VAL C 201 18.04 -16.94 39.13
N ASP C 202 17.53 -17.84 39.96
CA ASP C 202 18.35 -18.87 40.66
C ASP C 202 19.22 -19.60 39.64
N ARG C 203 20.46 -19.93 40.00
CA ARG C 203 21.44 -20.61 39.13
C ARG C 203 20.86 -21.91 38.57
N LEU C 204 20.06 -22.61 39.34
CA LEU C 204 19.46 -23.93 38.97
C LEU C 204 18.89 -23.88 37.54
N TYR C 205 18.34 -22.74 37.11
CA TYR C 205 17.61 -22.62 35.81
C TYR C 205 18.41 -21.85 34.76
N GLU C 206 19.61 -21.37 35.10
CA GLU C 206 20.39 -20.45 34.25
C GLU C 206 20.68 -21.05 32.86
N ASN C 207 21.27 -22.24 32.81
CA ASN C 207 21.67 -22.86 31.54
C ASN C 207 20.41 -23.03 30.63
N ASN C 208 19.32 -23.65 31.10
CA ASN C 208 18.13 -23.85 30.24
C ASN C 208 17.60 -22.50 29.73
N ILE C 209 17.63 -21.45 30.56
CA ILE C 209 17.13 -20.10 30.16
C ILE C 209 18.08 -19.49 29.12
N ARG C 210 19.40 -19.57 29.30
CA ARG C 210 20.37 -18.97 28.32
C ARG C 210 20.19 -19.67 26.98
N ILE C 211 20.18 -20.98 26.93
CA ILE C 211 20.14 -21.67 25.62
C ILE C 211 18.71 -21.47 25.05
N GLY C 212 17.74 -21.22 25.91
CA GLY C 212 16.37 -20.87 25.49
C GLY C 212 16.23 -19.53 24.78
N LEU C 213 17.24 -18.64 24.90
CA LEU C 213 17.33 -17.37 24.14
C LEU C 213 17.67 -17.66 22.68
N ASN C 214 18.31 -18.84 22.47
CA ASN C 214 18.87 -19.29 21.17
C ASN C 214 18.09 -20.54 20.68
N PHE C 215 16.76 -20.50 20.74
CA PHE C 215 15.85 -21.57 20.22
C PHE C 215 16.02 -22.84 21.06
N GLY C 216 16.80 -22.79 22.14
CA GLY C 216 17.13 -23.97 22.97
C GLY C 216 18.41 -24.65 22.54
N LEU C 217 19.02 -24.18 21.45
CA LEU C 217 20.24 -24.77 20.86
C LEU C 217 21.42 -24.41 21.75
N ASP C 218 22.34 -25.34 21.93
CA ASP C 218 23.59 -25.06 22.69
C ASP C 218 24.74 -25.57 21.84
N ASN C 219 25.49 -24.67 21.20
CA ASN C 219 26.58 -25.01 20.25
C ASN C 219 27.67 -25.89 20.92
N SER C 220 27.81 -25.84 22.25
CA SER C 220 28.85 -26.62 22.97
C SER C 220 28.48 -28.10 23.04
N LEU C 221 27.24 -28.49 22.69
CA LEU C 221 26.81 -29.92 22.68
C LEU C 221 27.03 -30.51 21.28
N GLY C 222 27.46 -29.72 20.31
CA GLY C 222 27.66 -30.19 18.92
C GLY C 222 26.41 -30.88 18.42
N GLU C 223 26.52 -32.17 18.07
CA GLU C 223 25.44 -32.98 17.42
C GLU C 223 24.27 -33.18 18.39
N LYS C 224 24.51 -33.11 19.69
CA LYS C 224 23.48 -33.28 20.75
C LYS C 224 22.62 -31.99 20.91
N SER C 225 23.03 -30.86 20.32
CA SER C 225 22.28 -29.56 20.36
C SER C 225 20.85 -29.82 19.89
N GLN C 226 19.85 -29.44 20.65
CA GLN C 226 18.44 -29.78 20.35
C GLN C 226 17.54 -28.55 20.58
N TYR C 227 16.75 -28.15 19.60
CA TYR C 227 15.80 -27.03 19.82
C TYR C 227 14.72 -27.50 20.80
N SER C 228 14.06 -26.52 21.44
CA SER C 228 12.83 -26.70 22.24
C SER C 228 11.67 -25.94 21.63
N ASN C 229 10.51 -26.56 21.60
CA ASN C 229 9.28 -25.82 21.24
C ASN C 229 8.95 -24.83 22.38
N GLN C 230 9.65 -24.87 23.50
CA GLN C 230 9.41 -23.92 24.61
C GLN C 230 10.28 -22.66 24.47
N ALA C 231 11.17 -22.63 23.48
CA ALA C 231 12.16 -21.56 23.27
C ALA C 231 11.76 -20.67 22.09
N SER C 232 12.63 -19.72 21.78
CA SER C 232 12.41 -18.73 20.70
C SER C 232 13.72 -17.96 20.50
N ASN C 233 13.64 -16.91 19.71
CA ASN C 233 14.71 -15.90 19.61
C ASN C 233 14.38 -14.85 20.67
N TYR C 234 15.03 -14.93 21.83
CA TYR C 234 14.76 -14.03 22.98
C TYR C 234 16.01 -13.23 23.41
N ARG C 235 17.13 -13.39 22.70
CA ARG C 235 18.44 -12.83 23.14
C ARG C 235 18.45 -11.30 22.99
N MET C 236 19.36 -10.63 23.70
CA MET C 236 19.66 -9.21 23.45
C MET C 236 20.78 -9.14 22.39
N CYS C 237 20.61 -8.26 21.42
CA CYS C 237 21.59 -7.92 20.34
C CYS C 237 22.67 -7.04 20.98
N ASP C 238 23.94 -7.25 20.67
CA ASP C 238 25.04 -6.50 21.33
C ASP C 238 24.96 -5.01 20.99
N LEU C 239 24.36 -4.63 19.86
CA LEU C 239 24.11 -3.19 19.57
C LEU C 239 23.28 -2.58 20.69
N ASN C 240 22.17 -3.21 21.06
CA ASN C 240 21.25 -2.68 22.10
C ASN C 240 22.00 -2.71 23.43
N ALA C 241 22.76 -3.78 23.69
CA ALA C 241 23.50 -3.91 24.96
C ALA C 241 24.44 -2.71 25.12
N ALA C 242 25.10 -2.27 24.05
CA ALA C 242 26.01 -1.09 24.06
C ALA C 242 25.24 0.20 24.38
N PHE C 243 24.09 0.45 23.73
CA PHE C 243 23.32 1.67 24.05
C PHE C 243 22.93 1.67 25.52
N ILE C 244 22.48 0.54 26.06
CA ILE C 244 21.94 0.44 27.45
C ILE C 244 23.12 0.59 28.42
N LEU C 245 24.19 -0.17 28.20
CA LEU C 245 25.39 -0.10 29.08
C LEU C 245 25.86 1.35 29.17
N SER C 246 26.00 2.03 28.03
CA SER C 246 26.49 3.43 27.95
C SER C 246 25.55 4.35 28.74
N TYR C 247 24.24 4.23 28.54
CA TYR C 247 23.26 5.10 29.23
C TYR C 247 23.38 4.88 30.74
N LEU C 248 23.51 3.62 31.15
CA LEU C 248 23.63 3.23 32.58
C LEU C 248 24.95 3.75 33.18
N GLN C 249 26.06 3.50 32.51
CA GLN C 249 27.39 4.03 32.93
C GLN C 249 27.26 5.53 33.25
N ASN C 250 26.56 6.25 32.40
CA ASN C 250 26.60 7.73 32.44
C ASN C 250 25.56 8.25 33.42
N ASN C 251 24.55 7.47 33.79
CA ASN C 251 23.36 8.08 34.42
C ASN C 251 22.80 7.32 35.61
N TYR C 252 23.19 6.07 35.89
CA TYR C 252 22.32 5.28 36.79
C TYR C 252 22.33 5.88 38.20
N LYS C 253 23.48 6.40 38.67
CA LYS C 253 23.57 6.96 40.05
C LYS C 253 22.69 8.19 40.19
N LYS C 254 22.80 9.12 39.25
CA LYS C 254 21.95 10.33 39.20
C LYS C 254 20.48 9.90 39.12
N ILE C 255 20.12 8.87 38.37
CA ILE C 255 18.70 8.40 38.29
C ILE C 255 18.23 7.93 39.68
N ILE C 256 19.04 7.13 40.37
CA ILE C 256 18.66 6.58 41.70
C ILE C 256 18.47 7.76 42.65
N ASN C 257 19.43 8.68 42.70
CA ASN C 257 19.46 9.77 43.72
C ASN C 257 18.28 10.71 43.46
N ARG C 258 18.08 11.14 42.20
CA ARG C 258 17.05 12.16 41.89
C ARG C 258 15.64 11.54 42.03
N HIS C 259 15.42 10.32 41.52
CA HIS C 259 14.08 9.67 41.66
C HIS C 259 13.71 9.56 43.15
N SER C 260 14.67 9.23 44.01
CA SER C 260 14.47 9.21 45.48
C SER C 260 14.12 10.62 45.97
N GLU C 261 14.85 11.65 45.53
CA GLU C 261 14.61 13.06 45.91
C GLU C 261 13.19 13.46 45.52
N ILE C 262 12.71 12.99 44.37
CA ILE C 262 11.38 13.37 43.80
C ILE C 262 10.31 12.74 44.69
N TYR C 263 10.51 11.47 45.04
CA TYR C 263 9.55 10.73 45.89
C TYR C 263 9.45 11.45 47.25
N GLU C 264 10.59 11.89 47.77
CA GLU C 264 10.67 12.61 49.08
C GLU C 264 9.76 13.84 49.06
N ILE C 265 9.75 14.60 47.96
CA ILE C 265 8.98 15.88 47.90
C ILE C 265 7.48 15.54 47.94
N TYR C 266 7.06 14.51 47.20
CA TYR C 266 5.62 14.10 47.19
C TYR C 266 5.24 13.54 48.55
N LYS C 267 6.15 12.77 49.16
CA LYS C 267 5.89 12.14 50.46
C LYS C 267 5.57 13.23 51.49
N ASN C 268 6.30 14.33 51.44
CA ASN C 268 6.25 15.37 52.48
C ASN C 268 5.28 16.48 52.06
N ASN C 269 4.67 16.41 50.87
CA ASN C 269 3.81 17.50 50.33
C ASN C 269 2.62 16.88 49.57
N LEU C 270 2.10 15.77 50.07
CA LEU C 270 1.03 14.99 49.43
C LEU C 270 -0.17 15.88 49.19
N PRO C 271 -0.66 16.02 47.95
CA PRO C 271 -1.88 16.80 47.70
C PRO C 271 -3.08 16.21 48.46
N LYS C 272 -3.98 17.09 48.91
CA LYS C 272 -5.19 16.73 49.70
C LYS C 272 -5.92 15.57 49.01
N ARG C 273 -6.33 14.60 49.80
CA ARG C 273 -7.23 13.47 49.43
C ARG C 273 -6.50 12.49 48.49
N PHE C 274 -5.16 12.58 48.35
CA PHE C 274 -4.34 11.60 47.61
C PHE C 274 -3.54 10.77 48.62
N LYS C 275 -3.27 9.53 48.29
CA LYS C 275 -2.37 8.64 49.07
C LYS C 275 -1.25 8.19 48.13
N LEU C 276 -0.06 7.98 48.69
CA LEU C 276 1.03 7.30 47.96
C LEU C 276 0.57 5.87 47.64
N PHE C 277 0.96 5.37 46.48
CA PHE C 277 0.68 3.96 46.13
C PHE C 277 1.27 3.08 47.21
N PRO C 278 0.56 2.02 47.63
CA PRO C 278 1.07 1.12 48.66
C PRO C 278 2.50 0.67 48.35
N ASN C 279 3.38 0.81 49.33
CA ASN C 279 4.80 0.44 49.16
C ASN C 279 5.32 -0.15 50.48
N HIS C 280 6.32 -1.02 50.45
CA HIS C 280 6.82 -1.74 51.65
C HIS C 280 8.34 -1.60 51.77
N SER C 281 8.99 -0.68 51.05
CA SER C 281 10.45 -0.45 51.21
C SER C 281 10.64 0.56 52.33
N LYS C 282 11.71 0.48 53.09
CA LYS C 282 12.01 1.45 54.17
C LYS C 282 12.53 2.74 53.54
N LYS C 283 13.45 2.62 52.60
CA LYS C 283 13.99 3.78 51.85
C LYS C 283 13.09 4.03 50.63
N ASN C 284 13.03 5.27 50.20
CA ASN C 284 12.14 5.73 49.09
C ASN C 284 12.36 4.77 47.92
N PRO C 285 11.30 4.30 47.22
CA PRO C 285 11.49 3.53 46.00
C PRO C 285 12.01 4.42 44.85
N VAL C 286 12.56 3.77 43.84
CA VAL C 286 13.01 4.42 42.57
C VAL C 286 11.93 4.12 41.54
N CYS C 287 11.08 5.11 41.33
CA CYS C 287 9.80 4.98 40.59
C CYS C 287 9.98 5.35 39.12
N SER C 288 9.20 4.66 38.28
CA SER C 288 9.05 4.88 36.82
C SER C 288 8.03 5.98 36.58
N SER C 289 7.15 6.21 37.55
CA SER C 289 6.23 7.36 37.66
C SER C 289 5.82 7.47 39.14
N ILE C 290 5.39 8.64 39.57
CA ILE C 290 4.84 8.80 40.94
C ILE C 290 3.37 8.39 40.86
N CYS C 291 3.04 7.25 41.46
CA CYS C 291 1.65 6.73 41.52
C CYS C 291 0.96 7.24 42.80
N LEU C 292 -0.13 8.02 42.65
CA LEU C 292 -1.01 8.48 43.78
C LEU C 292 -2.37 7.84 43.55
N LEU C 293 -3.07 7.49 44.63
CA LEU C 293 -4.50 7.14 44.59
C LEU C 293 -5.35 8.31 45.14
N PHE C 294 -6.24 8.83 44.31
CA PHE C 294 -7.30 9.76 44.76
C PHE C 294 -8.31 9.00 45.61
N ASP C 295 -9.17 9.71 46.32
CA ASP C 295 -10.09 9.06 47.29
C ASP C 295 -11.38 8.67 46.56
N LYS C 296 -11.53 9.03 45.28
CA LYS C 296 -12.68 8.51 44.51
C LYS C 296 -12.30 8.38 43.04
N PRO C 297 -13.11 7.63 42.26
CA PRO C 297 -12.89 7.50 40.82
C PRO C 297 -12.88 8.87 40.16
N PHE C 298 -12.01 9.04 39.18
CA PHE C 298 -11.96 10.26 38.35
C PHE C 298 -11.44 9.89 36.95
N ARG C 299 -11.70 10.76 36.00
CA ARG C 299 -11.26 10.62 34.60
C ARG C 299 -9.94 11.38 34.39
N LEU C 300 -9.00 10.74 33.69
CA LEU C 300 -7.65 11.25 33.36
C LEU C 300 -7.79 12.61 32.68
N ASP C 301 -8.83 12.79 31.84
CA ASP C 301 -8.96 14.00 31.00
C ASP C 301 -9.26 15.22 31.89
N LYS C 302 -9.53 15.02 33.19
CA LYS C 302 -9.70 16.13 34.15
C LYS C 302 -8.34 16.59 34.70
N ILE C 303 -7.23 15.88 34.40
CA ILE C 303 -5.88 16.30 34.88
C ILE C 303 -5.27 17.17 33.80
N PRO C 304 -4.99 18.46 34.07
CA PRO C 304 -4.55 19.38 33.01
C PRO C 304 -3.03 19.39 32.75
N PHE C 305 -2.36 18.28 32.97
CA PHE C 305 -0.94 18.13 32.59
C PHE C 305 -0.70 16.68 32.17
N LEU C 306 0.48 16.41 31.61
CA LEU C 306 0.88 15.07 31.16
C LEU C 306 0.84 14.09 32.33
N SER C 307 0.04 13.04 32.20
CA SER C 307 -0.18 12.01 33.25
C SER C 307 -0.79 10.80 32.58
N ARG C 308 -0.76 9.66 33.25
CA ARG C 308 -1.31 8.40 32.72
C ARG C 308 -2.03 7.67 33.86
N LYS C 309 -2.83 6.69 33.48
CA LYS C 309 -3.32 5.62 34.38
C LYS C 309 -2.73 4.31 33.90
N TYR C 310 -2.01 3.62 34.77
CA TYR C 310 -1.68 2.18 34.62
C TYR C 310 -2.21 1.46 35.85
N TYR C 311 -2.52 0.17 35.77
CA TYR C 311 -2.66 -0.65 34.57
C TYR C 311 -4.14 -0.92 34.36
N LYS C 312 -4.64 -0.74 33.13
CA LYS C 312 -6.02 -1.13 32.78
C LYS C 312 -6.11 -2.62 33.11
N PRO C 313 -7.06 -3.05 33.98
CA PRO C 313 -7.03 -4.45 34.42
C PRO C 313 -7.08 -5.42 33.23
N LEU C 314 -6.23 -6.46 33.25
CA LEU C 314 -6.25 -7.53 32.21
C LEU C 314 -7.61 -8.21 32.16
N ASP C 315 -8.20 -8.43 33.34
CA ASP C 315 -9.59 -8.90 33.53
C ASP C 315 -10.35 -7.76 34.21
N LEU C 316 -11.24 -7.11 33.48
CA LEU C 316 -12.00 -5.91 33.92
C LEU C 316 -12.95 -6.27 35.07
N SER C 317 -13.20 -7.58 35.30
CA SER C 317 -14.08 -8.10 36.37
C SER C 317 -13.36 -8.15 37.73
N SER C 318 -12.05 -7.87 37.86
CA SER C 318 -11.32 -7.88 39.16
C SER C 318 -11.56 -6.56 39.89
N PRO C 319 -12.29 -6.55 41.03
CA PRO C 319 -12.80 -5.29 41.57
C PRO C 319 -11.75 -4.35 42.19
N VAL C 320 -10.74 -4.86 42.90
CA VAL C 320 -9.70 -3.99 43.51
C VAL C 320 -8.84 -3.39 42.38
N SER C 321 -8.52 -4.21 41.38
CA SER C 321 -7.75 -3.81 40.18
C SER C 321 -8.48 -2.65 39.49
N LEU C 322 -9.78 -2.78 39.29
CA LEU C 322 -10.60 -1.74 38.62
C LEU C 322 -10.65 -0.47 39.50
N ASP C 323 -10.80 -0.63 40.80
CA ASP C 323 -10.86 0.48 41.78
C ASP C 323 -9.57 1.31 41.72
N PHE C 324 -8.43 0.64 41.84
CA PHE C 324 -7.08 1.22 41.72
C PHE C 324 -6.97 1.98 40.38
N TYR C 325 -7.45 1.39 39.28
CA TYR C 325 -7.25 1.97 37.93
C TYR C 325 -8.06 3.27 37.85
N GLN C 326 -9.26 3.24 38.40
CA GLN C 326 -10.18 4.40 38.36
C GLN C 326 -9.63 5.53 39.25
N ARG C 327 -8.86 5.20 40.27
CA ARG C 327 -8.42 6.14 41.33
C ARG C 327 -6.97 6.55 41.15
N ILE C 328 -6.18 5.82 40.35
CA ILE C 328 -4.71 6.08 40.27
C ILE C 328 -4.49 7.31 39.39
N LEU C 329 -3.45 8.08 39.72
CA LEU C 329 -2.75 9.00 38.81
C LEU C 329 -1.26 8.64 38.77
N CYS C 330 -0.75 8.41 37.58
CA CYS C 330 0.68 8.18 37.33
C CYS C 330 1.29 9.46 36.76
N ILE C 331 2.13 10.11 37.57
CA ILE C 331 2.77 11.42 37.28
C ILE C 331 4.18 11.19 36.76
N PRO C 332 4.64 11.98 35.75
CA PRO C 332 6.01 11.91 35.29
C PRO C 332 7.02 11.94 36.43
N CYS C 333 7.99 11.05 36.34
CA CYS C 333 9.12 10.97 37.28
C CYS C 333 10.38 10.69 36.48
N ASN C 334 11.18 11.73 36.23
CA ASN C 334 12.46 11.56 35.49
C ASN C 334 13.44 12.67 35.88
N ILE C 335 14.71 12.54 35.51
CA ILE C 335 15.79 13.47 35.92
C ILE C 335 15.69 14.83 35.22
N ASP C 336 14.71 15.07 34.33
CA ASP C 336 14.55 16.41 33.70
C ASP C 336 13.63 17.30 34.55
N LEU C 337 12.79 16.71 35.40
CA LEU C 337 11.81 17.44 36.24
C LEU C 337 12.54 18.41 37.17
N THR C 338 12.11 19.68 37.24
CA THR C 338 12.64 20.66 38.23
C THR C 338 11.77 20.58 39.49
N ASP C 339 12.31 21.02 40.63
CA ASP C 339 11.52 21.14 41.88
C ASP C 339 10.35 22.08 41.63
N ARG C 340 10.56 23.14 40.84
CA ARG C 340 9.51 24.13 40.49
C ARG C 340 8.33 23.38 39.83
N GLN C 341 8.62 22.46 38.90
CA GLN C 341 7.58 21.67 38.19
C GLN C 341 6.85 20.76 39.18
N ILE C 342 7.56 20.15 40.12
CA ILE C 342 6.96 19.20 41.09
C ILE C 342 5.99 19.96 42.00
N TYR C 343 6.39 21.13 42.48
CA TYR C 343 5.52 21.89 43.40
C TYR C 343 4.34 22.46 42.60
N GLU C 344 4.56 22.81 41.33
CA GLU C 344 3.43 23.23 40.46
C GLU C 344 2.44 22.07 40.24
N ILE C 345 2.91 20.86 39.88
CA ILE C 345 2.07 19.62 39.82
C ILE C 345 1.24 19.50 41.12
N ILE C 346 1.87 19.60 42.28
CA ILE C 346 1.14 19.38 43.57
C ILE C 346 0.09 20.49 43.76
N GLY C 347 0.41 21.75 43.46
CA GLY C 347 -0.60 22.83 43.47
C GLY C 347 -1.78 22.51 42.56
N VAL C 348 -1.52 22.06 41.33
CA VAL C 348 -2.61 21.69 40.39
C VAL C 348 -3.45 20.56 40.98
N LEU C 349 -2.84 19.59 41.66
CA LEU C 349 -3.59 18.43 42.20
C LEU C 349 -4.43 18.86 43.43
N ASN C 350 -3.94 19.84 44.21
CA ASN C 350 -4.73 20.48 45.28
C ASN C 350 -5.94 21.18 44.68
N GLU C 351 -5.76 21.94 43.59
CA GLU C 351 -6.86 22.64 42.84
C GLU C 351 -7.85 21.61 42.29
N PHE C 352 -7.34 20.51 41.75
CA PHE C 352 -8.13 19.33 41.30
C PHE C 352 -8.96 18.77 42.46
N ALA C 353 -8.34 18.49 43.61
CA ALA C 353 -9.06 17.97 44.79
C ALA C 353 -10.30 18.85 45.07
N ASP C 354 -10.13 20.18 45.02
CA ASP C 354 -11.17 21.17 45.39
C ASP C 354 -12.32 21.16 44.38
N LYS C 355 -12.10 20.68 43.15
CA LYS C 355 -13.14 20.64 42.11
C LYS C 355 -13.73 19.23 42.01
N ASN C 356 -13.29 18.30 42.85
CA ASN C 356 -13.75 16.89 42.81
C ASN C 356 -14.10 16.46 44.24
N LYS D 9 40.78 -15.15 4.63
CA LYS D 9 40.29 -16.52 4.95
C LYS D 9 38.76 -16.45 4.85
N LEU D 10 38.13 -17.60 4.63
CA LEU D 10 36.66 -17.71 4.54
C LEU D 10 36.03 -17.26 5.86
N THR D 11 34.96 -16.49 5.75
CA THR D 11 33.98 -16.21 6.83
C THR D 11 32.57 -16.56 6.33
N TRP D 12 31.69 -16.83 7.27
CA TRP D 12 30.28 -17.15 6.97
C TRP D 12 29.58 -15.89 6.46
N VAL D 13 29.78 -14.79 7.16
CA VAL D 13 29.16 -13.48 6.89
C VAL D 13 30.25 -12.55 6.34
N SER D 14 29.93 -11.64 5.41
CA SER D 14 30.86 -10.53 5.07
C SER D 14 31.14 -9.73 6.35
N GLU D 15 32.36 -9.21 6.46
CA GLU D 15 32.72 -8.20 7.47
C GLU D 15 31.74 -7.02 7.34
N LYS D 16 31.03 -6.70 8.43
CA LYS D 16 30.01 -5.61 8.46
C LYS D 16 30.37 -4.64 9.58
N LYS D 17 30.31 -3.36 9.26
CA LYS D 17 30.63 -2.24 10.18
C LYS D 17 29.62 -1.13 9.96
N PRO D 18 29.19 -0.44 11.05
CA PRO D 18 28.28 0.68 10.90
C PRO D 18 28.95 1.76 10.04
N ASP D 19 28.17 2.35 9.14
CA ASP D 19 28.43 3.67 8.55
C ASP D 19 27.99 4.71 9.60
N TRP D 20 28.87 5.03 10.54
CA TRP D 20 28.53 5.87 11.72
C TRP D 20 27.95 7.20 11.26
N SER D 21 28.50 7.76 10.19
CA SER D 21 27.96 9.00 9.57
C SER D 21 26.45 8.81 9.34
N ASN D 22 26.08 7.78 8.59
CA ASN D 22 24.65 7.58 8.17
C ASN D 22 23.78 7.17 9.39
N VAL D 23 24.23 6.18 10.17
CA VAL D 23 23.51 5.67 11.37
C VAL D 23 23.25 6.85 12.32
N GLN D 24 24.29 7.64 12.67
CA GLN D 24 24.14 8.79 13.61
C GLN D 24 23.16 9.80 12.98
N LYS D 25 23.25 10.06 11.69
CA LYS D 25 22.31 11.00 10.97
C LYS D 25 20.87 10.52 11.15
N LEU D 26 20.63 9.22 10.95
CA LEU D 26 19.25 8.65 11.03
C LEU D 26 18.76 8.75 12.48
N ILE D 27 19.60 8.38 13.45
CA ILE D 27 19.17 8.26 14.88
C ILE D 27 19.00 9.67 15.47
N ALA D 28 19.66 10.69 14.90
CA ALA D 28 19.38 12.11 15.24
C ALA D 28 17.87 12.37 15.29
N ALA D 29 17.07 11.76 14.42
CA ALA D 29 15.60 12.01 14.37
C ALA D 29 14.93 11.39 15.63
N CYS D 30 15.50 10.32 16.18
CA CYS D 30 15.10 9.78 17.51
C CYS D 30 15.52 10.78 18.61
N GLU D 31 16.77 11.24 18.54
CA GLU D 31 17.37 12.16 19.55
C GLU D 31 16.48 13.40 19.64
N ALA D 32 15.91 13.84 18.51
CA ALA D 32 15.10 15.08 18.41
C ALA D 32 13.84 14.97 19.25
N THR D 33 13.20 13.80 19.28
CA THR D 33 11.85 13.62 19.86
C THR D 33 11.91 12.70 21.08
N ASN D 34 13.04 12.04 21.34
CA ASN D 34 13.14 11.00 22.40
C ASN D 34 12.32 9.74 22.02
N GLN D 35 11.89 9.58 20.75
CA GLN D 35 11.16 8.34 20.35
C GLN D 35 12.15 7.40 19.66
N TYR D 36 12.66 6.45 20.42
CA TYR D 36 13.66 5.45 20.00
C TYR D 36 12.97 4.10 19.76
N THR D 37 11.71 3.98 20.18
CA THR D 37 10.92 2.73 20.07
C THR D 37 9.43 3.06 20.07
N ASN D 38 8.58 2.04 20.11
CA ASN D 38 7.10 2.13 20.05
C ASN D 38 6.73 2.86 18.75
N ILE D 39 7.47 2.58 17.68
CA ILE D 39 7.31 3.10 16.29
C ILE D 39 7.72 4.57 16.31
N GLY D 40 9.02 4.80 16.41
CA GLY D 40 9.66 6.10 16.20
C GLY D 40 9.75 6.47 14.72
N PRO D 41 10.59 7.48 14.38
CA PRO D 41 10.62 8.02 13.03
C PRO D 41 11.46 7.20 12.04
N ILE D 42 12.17 6.16 12.47
CA ILE D 42 13.02 5.34 11.54
C ILE D 42 12.16 4.21 10.96
N ILE D 43 11.18 3.69 11.69
CA ILE D 43 10.39 2.49 11.23
C ILE D 43 9.85 2.70 9.80
N SER D 44 9.12 3.78 9.51
CA SER D 44 8.49 4.00 8.19
C SER D 44 9.58 4.13 7.11
N GLN D 45 10.74 4.69 7.44
CA GLN D 45 11.86 4.85 6.49
C GLN D 45 12.44 3.47 6.11
N LEU D 46 12.61 2.57 7.08
CA LEU D 46 13.10 1.20 6.78
C LEU D 46 12.03 0.43 6.01
N GLU D 47 10.77 0.49 6.44
CA GLU D 47 9.67 -0.23 5.74
C GLU D 47 9.62 0.25 4.29
N SER D 48 9.70 1.56 4.05
CA SER D 48 9.68 2.12 2.66
C SER D 48 10.89 1.63 1.88
N PHE D 49 12.07 1.68 2.49
CA PHE D 49 13.28 1.24 1.77
C PHE D 49 13.14 -0.23 1.37
N ILE D 50 12.64 -1.09 2.27
CA ILE D 50 12.44 -2.53 1.95
C ILE D 50 11.43 -2.65 0.80
N ARG D 51 10.28 -1.95 0.89
CA ARG D 51 9.25 -1.94 -0.18
C ARG D 51 9.90 -1.56 -1.52
N ASP D 52 10.62 -0.43 -1.59
CA ASP D 52 11.08 0.15 -2.88
C ASP D 52 12.25 -0.65 -3.44
N SER D 53 13.14 -1.16 -2.58
CA SER D 53 14.39 -1.84 -2.97
C SER D 53 14.14 -3.33 -3.27
N PHE D 54 13.27 -4.01 -2.51
CA PHE D 54 13.01 -5.46 -2.68
C PHE D 54 11.82 -5.65 -3.63
N LEU D 55 11.17 -4.56 -4.05
CA LEU D 55 10.04 -4.55 -5.01
C LEU D 55 8.88 -5.33 -4.41
N ILE D 56 8.42 -4.88 -3.26
CA ILE D 56 7.22 -5.49 -2.62
C ILE D 56 5.98 -4.83 -3.25
N GLU D 57 4.96 -5.61 -3.55
CA GLU D 57 3.74 -5.06 -4.21
C GLU D 57 2.90 -4.29 -3.21
N GLU D 58 2.06 -3.36 -3.72
CA GLU D 58 1.30 -2.46 -2.85
C GLU D 58 0.24 -3.24 -2.06
N SER D 59 -0.13 -4.44 -2.54
CA SER D 59 -1.18 -5.27 -1.89
C SER D 59 -0.64 -5.81 -0.56
N LYS D 60 0.63 -5.58 -0.28
CA LYS D 60 1.33 -6.16 0.89
C LYS D 60 1.74 -5.03 1.80
N ALA D 61 1.46 -5.16 3.07
CA ALA D 61 2.06 -4.34 4.15
C ALA D 61 3.49 -4.84 4.33
N VAL D 62 4.36 -3.92 4.69
CA VAL D 62 5.77 -4.17 5.08
C VAL D 62 5.89 -3.76 6.52
N ILE D 63 6.11 -4.74 7.42
CA ILE D 63 6.00 -4.55 8.88
C ILE D 63 7.31 -5.06 9.49
N VAL D 64 8.16 -4.16 9.99
CA VAL D 64 9.44 -4.63 10.62
C VAL D 64 9.17 -5.07 12.05
N THR D 65 9.95 -6.03 12.54
CA THR D 65 9.84 -6.69 13.86
C THR D 65 11.26 -6.90 14.41
N SER D 66 11.35 -7.42 15.64
CA SER D 66 12.61 -7.50 16.42
C SER D 66 13.57 -8.53 15.79
N ASN D 67 13.04 -9.56 15.09
CA ASN D 67 13.87 -10.63 14.51
C ASN D 67 12.99 -11.42 13.53
N GLY D 68 13.59 -12.26 12.71
CA GLY D 68 12.80 -13.09 11.79
C GLY D 68 11.80 -13.94 12.55
N THR D 69 12.23 -14.52 13.67
CA THR D 69 11.35 -15.36 14.51
C THR D 69 10.12 -14.52 14.89
N SER D 70 10.32 -13.27 15.37
CA SER D 70 9.18 -12.42 15.82
C SER D 70 8.34 -11.99 14.62
N ALA D 71 8.91 -11.87 13.40
CA ALA D 71 8.09 -11.61 12.20
C ALA D 71 7.10 -12.77 12.02
N LEU D 72 7.59 -14.01 12.04
CA LEU D 72 6.69 -15.19 11.88
C LEU D 72 5.66 -15.24 13.03
N HIS D 73 6.04 -14.97 14.27
CA HIS D 73 5.16 -15.13 15.47
C HIS D 73 4.14 -13.98 15.48
N ALA D 74 4.55 -12.75 15.19
CA ALA D 74 3.67 -11.55 15.07
C ALA D 74 2.67 -11.73 13.93
N LEU D 75 3.08 -12.33 12.81
CA LEU D 75 2.21 -12.63 11.65
C LEU D 75 1.09 -13.58 12.12
N VAL D 76 1.45 -14.67 12.79
CA VAL D 76 0.47 -15.70 13.21
C VAL D 76 -0.41 -15.13 14.35
N GLY D 77 0.20 -14.43 15.31
CA GLY D 77 -0.55 -13.84 16.45
C GLY D 77 -1.61 -12.87 15.98
N GLY D 78 -1.26 -12.05 14.99
CA GLY D 78 -2.15 -11.03 14.43
C GLY D 78 -3.30 -11.67 13.68
N ILE D 79 -3.02 -12.72 12.92
CA ILE D 79 -4.09 -13.42 12.16
C ILE D 79 -5.00 -14.17 13.15
N ASN D 80 -4.41 -14.80 14.18
CA ASN D 80 -5.15 -15.49 15.29
C ASN D 80 -6.16 -14.49 15.85
N ARG D 81 -5.68 -13.30 16.18
CA ARG D 81 -6.57 -12.30 16.80
C ARG D 81 -7.68 -11.91 15.82
N GLN D 82 -7.35 -11.63 14.55
CA GLN D 82 -8.34 -11.24 13.53
C GLN D 82 -9.43 -12.32 13.35
N LEU D 83 -9.07 -13.61 13.28
CA LEU D 83 -10.03 -14.69 12.98
C LEU D 83 -10.66 -15.24 14.26
N GLY D 84 -10.17 -14.82 15.43
CA GLY D 84 -10.77 -15.12 16.74
C GLY D 84 -10.51 -16.55 17.18
N ARG D 85 -9.42 -17.19 16.73
CA ARG D 85 -9.01 -18.52 17.24
C ARG D 85 -7.51 -18.71 17.01
N GLU D 86 -6.94 -19.68 17.70
CA GLU D 86 -5.52 -20.06 17.55
C GLU D 86 -5.42 -20.99 16.34
N LEU D 87 -4.95 -20.46 15.21
CA LEU D 87 -4.82 -21.26 13.98
C LEU D 87 -3.79 -22.38 14.13
N LYS D 88 -4.03 -23.46 13.41
CA LYS D 88 -3.20 -24.68 13.45
C LYS D 88 -2.45 -24.72 12.13
N PHE D 89 -1.13 -24.56 12.17
CA PHE D 89 -0.28 -24.53 10.95
C PHE D 89 0.49 -25.84 10.83
N VAL D 90 0.79 -26.18 9.58
CA VAL D 90 1.72 -27.29 9.24
C VAL D 90 3.02 -26.64 8.78
N THR D 91 4.16 -27.09 9.26
CA THR D 91 5.49 -26.65 8.78
C THR D 91 6.27 -27.89 8.35
N GLN D 92 7.38 -27.70 7.66
CA GLN D 92 8.21 -28.79 7.10
C GLN D 92 9.30 -29.12 8.13
N SER D 93 9.78 -30.36 8.16
CA SER D 93 10.81 -30.80 9.15
C SER D 93 12.14 -30.11 8.83
N PHE D 94 12.41 -29.92 7.54
CA PHE D 94 13.68 -29.35 7.03
C PHE D 94 13.59 -27.82 7.09
N THR D 95 13.67 -27.27 8.30
CA THR D 95 13.60 -25.83 8.58
C THR D 95 14.22 -25.55 9.96
N PHE D 96 14.29 -24.26 10.26
CA PHE D 96 14.77 -23.67 11.53
C PHE D 96 13.65 -23.76 12.57
N PRO D 97 13.99 -23.81 13.88
CA PRO D 97 13.01 -24.00 14.96
C PRO D 97 11.84 -23.00 15.03
N SER D 98 12.01 -21.82 14.45
CA SER D 98 11.07 -20.68 14.55
C SER D 98 9.63 -21.14 14.26
N SER D 99 9.41 -21.99 13.25
CA SER D 99 8.04 -22.36 12.82
C SER D 99 7.44 -23.46 13.70
N ASN D 100 8.08 -23.83 14.83
CA ASN D 100 7.53 -24.78 15.86
C ASN D 100 7.68 -24.14 17.27
N GLN D 101 7.53 -22.81 17.37
CA GLN D 101 7.78 -22.03 18.62
C GLN D 101 6.74 -20.93 18.74
N GLY D 102 6.61 -20.34 19.93
CA GLY D 102 5.66 -19.22 20.11
C GLY D 102 4.25 -19.70 19.76
N PRO D 103 3.48 -18.91 18.98
CA PRO D 103 2.11 -19.29 18.63
C PRO D 103 2.12 -20.52 17.71
N LEU D 104 3.33 -21.02 17.34
CA LEU D 104 3.48 -22.19 16.45
C LEU D 104 4.14 -23.33 17.23
N LYS D 105 4.17 -23.26 18.57
CA LYS D 105 4.87 -24.30 19.38
C LYS D 105 4.20 -25.67 19.19
N ASP D 106 2.92 -25.69 18.82
CA ASP D 106 2.14 -26.93 18.59
C ASP D 106 1.84 -27.10 17.09
N SER D 107 2.62 -26.47 16.22
CA SER D 107 2.53 -26.67 14.75
C SER D 107 2.78 -28.15 14.42
N ILE D 108 2.15 -28.61 13.38
CA ILE D 108 2.32 -30.00 12.88
C ILE D 108 3.53 -30.03 11.97
N ILE D 109 4.41 -31.02 12.16
CA ILE D 109 5.64 -31.14 11.33
C ILE D 109 5.47 -32.34 10.40
N VAL D 110 5.59 -32.10 9.11
CA VAL D 110 5.59 -33.13 8.04
C VAL D 110 6.90 -33.01 7.25
N ASP D 111 7.16 -33.99 6.41
CA ASP D 111 8.41 -34.06 5.61
C ASP D 111 8.36 -33.01 4.50
N ILE D 112 9.52 -32.69 3.95
CA ILE D 112 9.63 -32.05 2.60
C ILE D 112 9.45 -33.12 1.52
N ASP D 113 9.22 -32.62 0.33
CA ASP D 113 9.35 -33.37 -0.95
C ASP D 113 10.75 -33.09 -1.52
N GLU D 114 11.08 -33.77 -2.63
CA GLU D 114 12.45 -33.77 -3.20
C GLU D 114 12.82 -32.39 -3.77
N ASP D 115 11.86 -31.44 -3.85
CA ASP D 115 12.09 -30.05 -4.30
C ASP D 115 12.40 -29.12 -3.12
N GLY D 116 12.43 -29.64 -1.89
CA GLY D 116 12.97 -28.92 -0.72
C GLY D 116 11.90 -28.19 0.10
N GLY D 117 10.64 -28.33 -0.27
CA GLY D 117 9.49 -27.69 0.40
C GLY D 117 8.54 -28.69 1.00
N LEU D 118 7.73 -28.22 1.96
CA LEU D 118 6.66 -28.99 2.64
C LEU D 118 5.99 -29.94 1.64
N ASP D 119 5.82 -31.22 2.02
CA ASP D 119 5.21 -32.24 1.13
C ASP D 119 3.68 -32.07 1.17
N LEU D 120 3.04 -31.55 0.13
CA LEU D 120 1.56 -31.34 0.14
C LEU D 120 0.79 -32.67 0.30
N ASN D 121 1.38 -33.79 -0.15
CA ASN D 121 0.74 -35.12 0.01
C ASN D 121 0.62 -35.47 1.49
N ALA D 122 1.45 -34.89 2.35
CA ALA D 122 1.54 -35.36 3.75
C ALA D 122 0.40 -34.73 4.56
N VAL D 123 -0.31 -33.74 4.02
CA VAL D 123 -1.39 -33.05 4.78
C VAL D 123 -2.77 -33.59 4.39
N LYS D 124 -2.85 -34.57 3.46
CA LYS D 124 -4.17 -35.02 2.90
C LYS D 124 -5.23 -35.23 4.00
N ASN D 125 -4.95 -35.98 5.07
CA ASN D 125 -5.95 -36.34 6.12
C ASN D 125 -5.71 -35.55 7.41
N ILE D 126 -5.05 -34.40 7.34
CA ILE D 126 -4.68 -33.58 8.53
C ILE D 126 -5.75 -32.48 8.67
N GLU D 127 -6.13 -32.16 9.90
CA GLU D 127 -6.93 -30.94 10.23
C GLU D 127 -5.94 -29.80 10.46
N TYR D 128 -5.97 -28.77 9.62
CA TYR D 128 -5.07 -27.58 9.75
C TYR D 128 -5.73 -26.38 9.10
N ASP D 129 -5.27 -25.19 9.44
CA ASP D 129 -5.75 -23.90 8.87
C ASP D 129 -4.79 -23.37 7.80
N GLY D 130 -3.49 -23.69 7.90
CA GLY D 130 -2.50 -23.10 6.99
C GLY D 130 -1.23 -23.90 6.93
N ILE D 131 -0.37 -23.55 5.99
CA ILE D 131 0.97 -24.20 5.89
C ILE D 131 2.07 -23.12 5.84
N ILE D 132 3.27 -23.53 6.25
CA ILE D 132 4.48 -22.68 6.31
C ILE D 132 5.54 -23.45 5.52
N VAL D 133 5.93 -22.84 4.41
CA VAL D 133 6.84 -23.44 3.40
C VAL D 133 8.13 -22.64 3.44
N THR D 134 9.27 -23.31 3.65
CA THR D 134 10.57 -22.64 3.71
C THR D 134 11.24 -22.67 2.34
N ASN D 135 11.57 -21.48 1.81
CA ASN D 135 12.43 -21.25 0.62
C ASN D 135 13.87 -21.24 1.17
N ILE D 136 14.57 -22.34 0.96
CA ILE D 136 15.81 -22.68 1.72
C ILE D 136 17.00 -21.85 1.22
N HIS D 137 17.59 -21.03 2.10
CA HIS D 137 18.85 -20.30 1.88
C HIS D 137 18.85 -19.49 0.58
N GLY D 138 17.70 -18.93 0.20
CA GLY D 138 17.53 -18.05 -0.97
C GLY D 138 17.02 -18.83 -2.19
N ASN D 139 17.01 -20.15 -2.11
CA ASN D 139 16.37 -21.02 -3.14
C ASN D 139 14.86 -20.91 -2.97
N VAL D 140 14.09 -21.12 -4.04
CA VAL D 140 12.60 -21.14 -3.96
C VAL D 140 12.06 -22.46 -4.51
N VAL D 141 11.01 -22.91 -3.84
CA VAL D 141 10.12 -24.02 -4.27
C VAL D 141 9.35 -23.59 -5.52
N ASP D 142 8.67 -24.57 -6.12
CA ASP D 142 7.65 -24.30 -7.16
C ASP D 142 6.49 -23.57 -6.49
N ILE D 143 6.63 -22.26 -6.31
CA ILE D 143 5.71 -21.46 -5.45
C ILE D 143 4.26 -21.67 -5.89
N ASN D 144 4.00 -21.80 -7.18
CA ASN D 144 2.60 -21.86 -7.68
C ASN D 144 1.93 -23.18 -7.29
N LYS D 145 2.65 -24.28 -7.08
CA LYS D 145 1.92 -25.50 -6.65
C LYS D 145 1.35 -25.25 -5.25
N TYR D 146 2.03 -24.46 -4.40
CA TYR D 146 1.55 -24.12 -3.03
C TYR D 146 0.40 -23.11 -3.10
N VAL D 147 0.55 -22.10 -3.93
CA VAL D 147 -0.51 -21.05 -4.13
C VAL D 147 -1.81 -21.76 -4.54
N ASP D 148 -1.72 -22.65 -5.55
CA ASP D 148 -2.88 -23.34 -6.16
C ASP D 148 -3.49 -24.31 -5.15
N PHE D 149 -2.68 -25.09 -4.44
CA PHE D 149 -3.15 -26.01 -3.36
C PHE D 149 -3.96 -25.22 -2.33
N CYS D 150 -3.39 -24.15 -1.78
CA CYS D 150 -4.00 -23.43 -0.63
C CYS D 150 -5.28 -22.71 -1.11
N MET D 151 -5.30 -22.22 -2.36
CA MET D 151 -6.51 -21.66 -3.01
C MET D 151 -7.61 -22.75 -3.06
N ASN D 152 -7.31 -23.93 -3.61
CA ASN D 152 -8.28 -25.04 -3.82
C ASN D 152 -8.79 -25.56 -2.48
N HIS D 153 -7.98 -25.60 -1.41
CA HIS D 153 -8.37 -26.21 -0.10
C HIS D 153 -8.71 -25.13 0.93
N ASN D 154 -8.67 -23.86 0.52
CA ASN D 154 -8.99 -22.66 1.34
C ASN D 154 -8.14 -22.70 2.63
N LYS D 155 -6.82 -22.70 2.46
CA LYS D 155 -5.82 -22.69 3.55
C LYS D 155 -4.98 -21.41 3.44
N LEU D 156 -4.50 -20.91 4.58
CA LEU D 156 -3.49 -19.83 4.61
C LEU D 156 -2.15 -20.41 4.14
N LEU D 157 -1.41 -19.60 3.42
CA LEU D 157 -0.06 -19.90 2.88
C LEU D 157 0.92 -18.84 3.40
N ILE D 158 1.89 -19.29 4.21
CA ILE D 158 3.03 -18.45 4.66
C ILE D 158 4.35 -18.98 4.11
N PHE D 159 5.18 -18.14 3.51
CA PHE D 159 6.55 -18.53 3.10
C PHE D 159 7.54 -18.01 4.16
N ASP D 160 8.30 -18.95 4.72
CA ASP D 160 9.41 -18.58 5.60
C ASP D 160 10.56 -18.23 4.65
N ASN D 161 10.68 -16.94 4.32
CA ASN D 161 11.77 -16.38 3.49
C ASN D 161 12.87 -15.75 4.38
N ALA D 162 13.06 -16.24 5.59
CA ALA D 162 14.07 -15.67 6.51
C ALA D 162 15.37 -15.40 5.73
N ALA D 163 15.76 -16.33 4.89
CA ALA D 163 17.05 -16.35 4.17
C ALA D 163 16.86 -15.97 2.71
N THR D 164 15.71 -15.41 2.32
CA THR D 164 15.30 -15.33 0.90
C THR D 164 14.60 -13.99 0.63
N GLY D 165 15.35 -12.90 0.70
CA GLY D 165 14.83 -11.53 0.52
C GLY D 165 14.81 -11.06 -0.91
N TYR D 166 15.56 -11.68 -1.81
CA TYR D 166 15.66 -11.20 -3.21
C TYR D 166 15.85 -12.36 -4.21
N THR D 167 14.95 -13.32 -4.20
CA THR D 167 14.84 -14.35 -5.27
C THR D 167 13.48 -14.15 -5.96
N PHE D 168 13.50 -14.02 -7.29
CA PHE D 168 12.29 -13.65 -8.08
C PHE D 168 11.68 -14.90 -8.68
N TYR D 169 10.35 -14.96 -8.66
CA TYR D 169 9.55 -16.07 -9.21
C TYR D 169 8.47 -15.46 -10.13
N LEU D 170 8.49 -15.90 -11.40
CA LEU D 170 7.67 -15.33 -12.50
C LEU D 170 7.64 -13.80 -12.39
N GLY D 171 8.81 -13.18 -12.28
CA GLY D 171 8.99 -11.72 -12.47
C GLY D 171 8.69 -10.91 -11.20
N LYS D 172 8.39 -11.57 -10.06
CA LYS D 172 8.05 -10.90 -8.77
C LYS D 172 8.93 -11.43 -7.64
N ASN D 173 9.29 -10.57 -6.69
CA ASN D 173 9.98 -10.99 -5.45
C ASN D 173 9.16 -12.14 -4.85
N SER D 174 9.78 -13.29 -4.59
CA SER D 174 9.11 -14.46 -3.97
C SER D 174 8.35 -14.05 -2.70
N CYS D 175 8.78 -12.98 -1.99
CA CYS D 175 8.07 -12.43 -0.79
C CYS D 175 6.60 -12.04 -1.08
N ASN D 176 6.26 -11.79 -2.34
CA ASN D 176 4.92 -11.32 -2.78
C ASN D 176 3.89 -12.44 -2.87
N TYR D 177 4.28 -13.70 -2.72
CA TYR D 177 3.40 -14.87 -2.91
C TYR D 177 2.93 -15.40 -1.55
N GLY D 178 1.83 -16.15 -1.59
CA GLY D 178 1.04 -16.55 -0.41
C GLY D 178 0.32 -15.34 0.20
N HIS D 179 -0.34 -15.55 1.34
CA HIS D 179 -0.95 -14.48 2.17
C HIS D 179 0.18 -13.67 2.78
N ALA D 180 1.34 -14.30 3.05
CA ALA D 180 2.43 -13.56 3.67
C ALA D 180 3.77 -14.30 3.53
N SER D 181 4.84 -13.52 3.68
CA SER D 181 6.20 -14.06 3.89
C SER D 181 6.89 -13.28 5.00
N ILE D 182 7.96 -13.86 5.53
CA ILE D 182 8.83 -13.19 6.53
C ILE D 182 10.26 -13.28 6.04
N ILE D 183 11.01 -12.27 6.40
CA ILE D 183 12.47 -12.14 6.10
C ILE D 183 13.21 -11.88 7.40
N SER D 184 14.45 -12.37 7.51
CA SER D 184 15.35 -12.06 8.64
C SER D 184 16.40 -11.01 8.22
N PHE D 185 16.66 -10.03 9.11
CA PHE D 185 17.81 -9.09 9.05
C PHE D 185 18.80 -9.37 10.17
N HIS D 186 18.82 -10.63 10.64
CA HIS D 186 19.88 -11.18 11.52
C HIS D 186 21.22 -10.93 10.85
N HIS D 187 22.25 -10.65 11.64
CA HIS D 187 23.62 -10.40 11.13
C HIS D 187 24.05 -11.49 10.13
N THR D 188 23.62 -12.74 10.31
CA THR D 188 24.04 -13.88 9.44
C THR D 188 23.33 -13.82 8.07
N ALA D 189 22.26 -13.05 7.90
CA ALA D 189 21.52 -12.93 6.62
C ALA D 189 22.28 -11.98 5.69
N PRO D 190 22.26 -12.20 4.37
CA PRO D 190 22.95 -11.30 3.43
C PRO D 190 22.57 -9.83 3.61
N PHE D 191 21.30 -9.53 3.92
CA PHE D 191 20.84 -8.13 4.03
C PHE D 191 20.79 -7.69 5.50
N GLY D 192 21.33 -8.47 6.44
CA GLY D 192 21.05 -8.21 7.86
C GLY D 192 22.11 -7.38 8.53
N PHE D 193 21.79 -6.85 9.70
CA PHE D 193 22.77 -6.17 10.59
C PHE D 193 22.24 -6.27 12.01
N GLY D 194 22.91 -7.03 12.88
CA GLY D 194 22.46 -7.24 14.26
C GLY D 194 21.31 -8.22 14.34
N GLU D 195 20.10 -7.72 14.63
CA GLU D 195 18.83 -8.50 14.64
C GLU D 195 17.75 -7.65 13.98
N GLY D 196 16.84 -8.31 13.27
CA GLY D 196 15.66 -7.65 12.71
C GLY D 196 14.82 -8.63 11.93
N GLY D 197 13.55 -8.29 11.77
CA GLY D 197 12.67 -9.11 10.94
C GLY D 197 11.79 -8.24 10.11
N CYS D 198 11.08 -8.82 9.15
CA CYS D 198 10.09 -8.09 8.35
C CYS D 198 9.01 -9.06 7.91
N ILE D 199 7.77 -8.59 7.98
CA ILE D 199 6.57 -9.35 7.58
C ILE D 199 6.14 -8.66 6.30
N ILE D 200 5.84 -9.43 5.25
CA ILE D 200 5.20 -8.97 4.00
C ILE D 200 3.85 -9.67 3.97
N VAL D 201 2.75 -8.95 4.12
CA VAL D 201 1.46 -9.61 4.39
C VAL D 201 0.37 -8.84 3.68
N ASP D 202 -0.62 -9.58 3.20
CA ASP D 202 -1.89 -9.01 2.69
C ASP D 202 -2.41 -7.94 3.64
N ARG D 203 -2.84 -6.84 3.03
CA ARG D 203 -3.34 -5.63 3.72
C ARG D 203 -4.46 -5.97 4.72
N LEU D 204 -5.24 -7.02 4.45
CA LEU D 204 -6.42 -7.45 5.23
C LEU D 204 -6.01 -7.63 6.71
N TYR D 205 -4.77 -8.05 6.98
CA TYR D 205 -4.29 -8.41 8.35
C TYR D 205 -3.34 -7.37 8.93
N GLU D 206 -3.01 -6.31 8.18
CA GLU D 206 -1.96 -5.33 8.55
C GLU D 206 -2.25 -4.74 9.94
N ASN D 207 -3.44 -4.14 10.14
CA ASN D 207 -3.72 -3.41 11.40
C ASN D 207 -3.61 -4.37 12.61
N ASN D 208 -4.18 -5.57 12.57
CA ASN D 208 -4.11 -6.50 13.71
C ASN D 208 -2.65 -6.96 13.96
N ILE D 209 -1.86 -7.12 12.90
CA ILE D 209 -0.43 -7.51 13.03
C ILE D 209 0.37 -6.34 13.60
N ARG D 210 0.15 -5.10 13.15
CA ARG D 210 0.90 -3.92 13.65
C ARG D 210 0.57 -3.68 15.13
N ILE D 211 -0.71 -3.72 15.53
CA ILE D 211 -1.06 -3.45 16.95
C ILE D 211 -0.61 -4.65 17.78
N GLY D 212 -0.46 -5.81 17.13
CA GLY D 212 0.02 -7.04 17.76
C GLY D 212 1.49 -6.99 18.07
N LEU D 213 2.27 -6.07 17.48
CA LEU D 213 3.69 -5.88 17.91
C LEU D 213 3.73 -5.16 19.27
N ASN D 214 2.63 -4.47 19.60
CA ASN D 214 2.44 -3.58 20.77
C ASN D 214 1.39 -4.20 21.73
N PHE D 215 1.46 -5.50 21.97
CA PHE D 215 0.63 -6.23 22.97
C PHE D 215 -0.83 -6.30 22.52
N GLY D 216 -1.11 -5.87 21.29
CA GLY D 216 -2.50 -5.79 20.77
C GLY D 216 -3.11 -4.42 21.00
N LEU D 217 -2.39 -3.53 21.68
CA LEU D 217 -2.89 -2.18 22.07
C LEU D 217 -2.81 -1.23 20.87
N ASP D 218 -3.82 -0.38 20.75
CA ASP D 218 -3.90 0.67 19.71
C ASP D 218 -4.22 1.98 20.45
N ASN D 219 -3.22 2.83 20.62
CA ASN D 219 -3.35 4.13 21.33
C ASN D 219 -4.48 4.96 20.72
N SER D 220 -4.67 4.90 19.40
CA SER D 220 -5.65 5.73 18.65
C SER D 220 -7.08 5.30 18.96
N LEU D 221 -7.30 4.16 19.65
CA LEU D 221 -8.67 3.75 20.10
C LEU D 221 -9.03 4.38 21.44
N GLY D 222 -8.10 5.09 22.09
CA GLY D 222 -8.34 5.60 23.46
C GLY D 222 -8.61 4.47 24.44
N GLU D 223 -9.77 4.51 25.10
CA GLU D 223 -10.15 3.57 26.19
C GLU D 223 -10.75 2.30 25.56
N LYS D 224 -10.87 2.23 24.24
CA LYS D 224 -11.28 0.96 23.57
C LYS D 224 -10.04 0.11 23.25
N SER D 225 -8.84 0.64 23.47
CA SER D 225 -7.55 -0.11 23.32
C SER D 225 -7.62 -1.34 24.21
N GLN D 226 -7.38 -2.51 23.62
CA GLN D 226 -7.59 -3.83 24.24
C GLN D 226 -6.37 -4.70 23.91
N TYR D 227 -5.68 -5.19 24.92
CA TYR D 227 -4.59 -6.18 24.70
C TYR D 227 -5.21 -7.48 24.19
N SER D 228 -4.41 -8.29 23.50
CA SER D 228 -4.78 -9.69 23.12
C SER D 228 -3.76 -10.63 23.74
N ASN D 229 -4.21 -11.76 24.28
CA ASN D 229 -3.30 -12.84 24.76
C ASN D 229 -2.55 -13.49 23.57
N GLN D 230 -2.91 -13.17 22.31
CA GLN D 230 -2.27 -13.66 21.05
C GLN D 230 -1.07 -12.76 20.67
N ALA D 231 -0.86 -11.67 21.39
CA ALA D 231 0.14 -10.65 21.03
C ALA D 231 1.35 -10.73 21.95
N SER D 232 2.27 -9.79 21.77
CA SER D 232 3.49 -9.69 22.60
C SER D 232 4.17 -8.35 22.32
N ASN D 233 5.38 -8.23 22.81
CA ASN D 233 6.34 -7.20 22.34
C ASN D 233 7.15 -7.81 21.19
N TYR D 234 6.78 -7.46 19.97
CA TYR D 234 7.40 -7.99 18.74
C TYR D 234 8.01 -6.87 17.89
N ARG D 235 7.90 -5.62 18.31
CA ARG D 235 8.27 -4.47 17.42
C ARG D 235 9.80 -4.43 17.22
N MET D 236 10.24 -3.79 16.13
CA MET D 236 11.65 -3.42 15.93
C MET D 236 11.88 -2.06 16.60
N CYS D 237 12.98 -1.97 17.33
CA CYS D 237 13.50 -0.74 17.95
C CYS D 237 14.07 0.16 16.82
N ASP D 238 13.79 1.46 16.85
CA ASP D 238 14.30 2.43 15.84
C ASP D 238 15.84 2.42 15.79
N LEU D 239 16.52 2.09 16.88
CA LEU D 239 18.01 2.02 16.88
C LEU D 239 18.42 0.95 15.87
N ASN D 240 17.82 -0.24 15.99
CA ASN D 240 18.10 -1.38 15.08
C ASN D 240 17.68 -1.03 13.65
N ALA D 241 16.55 -0.35 13.49
CA ALA D 241 16.04 0.06 12.18
C ALA D 241 17.09 0.93 11.48
N ALA D 242 17.76 1.83 12.19
CA ALA D 242 18.82 2.70 11.62
C ALA D 242 19.99 1.84 11.09
N PHE D 243 20.51 0.93 11.91
CA PHE D 243 21.70 0.11 11.54
C PHE D 243 21.35 -0.69 10.29
N ILE D 244 20.14 -1.26 10.23
CA ILE D 244 19.75 -2.13 9.09
C ILE D 244 19.54 -1.26 7.85
N LEU D 245 18.83 -0.15 8.01
CA LEU D 245 18.50 0.76 6.89
C LEU D 245 19.82 1.26 6.30
N SER D 246 20.80 1.61 7.12
CA SER D 246 22.11 2.12 6.64
C SER D 246 22.84 1.03 5.87
N TYR D 247 22.91 -0.17 6.46
CA TYR D 247 23.54 -1.35 5.82
C TYR D 247 22.89 -1.58 4.44
N LEU D 248 21.56 -1.60 4.37
CA LEU D 248 20.82 -1.87 3.11
C LEU D 248 21.18 -0.77 2.10
N GLN D 249 21.07 0.49 2.51
CA GLN D 249 21.34 1.64 1.61
C GLN D 249 22.72 1.47 0.99
N ASN D 250 23.72 1.05 1.77
CA ASN D 250 25.14 1.06 1.31
C ASN D 250 25.45 -0.19 0.49
N ASN D 251 24.72 -1.30 0.69
CA ASN D 251 25.21 -2.63 0.22
C ASN D 251 24.22 -3.45 -0.62
N TYR D 252 22.92 -3.16 -0.60
CA TYR D 252 21.89 -4.13 -1.08
C TYR D 252 22.18 -4.49 -2.55
N LYS D 253 22.50 -3.51 -3.40
CA LYS D 253 22.79 -3.72 -4.84
C LYS D 253 24.00 -4.65 -5.05
N LYS D 254 25.11 -4.37 -4.39
CA LYS D 254 26.35 -5.19 -4.50
C LYS D 254 26.04 -6.63 -4.06
N ILE D 255 25.28 -6.80 -2.97
CA ILE D 255 24.87 -8.12 -2.41
C ILE D 255 24.13 -8.89 -3.52
N ILE D 256 23.11 -8.31 -4.12
CA ILE D 256 22.28 -9.01 -5.13
C ILE D 256 23.19 -9.42 -6.29
N ASN D 257 23.96 -8.46 -6.82
CA ASN D 257 24.81 -8.67 -8.02
C ASN D 257 25.87 -9.73 -7.75
N ARG D 258 26.67 -9.58 -6.69
CA ARG D 258 27.79 -10.52 -6.38
C ARG D 258 27.27 -11.90 -5.92
N HIS D 259 26.24 -12.01 -5.08
CA HIS D 259 25.65 -13.34 -4.73
C HIS D 259 25.21 -14.06 -6.01
N SER D 260 24.57 -13.36 -6.95
CA SER D 260 24.14 -13.95 -8.24
C SER D 260 25.36 -14.37 -9.07
N GLU D 261 26.41 -13.57 -9.06
CA GLU D 261 27.69 -13.88 -9.74
C GLU D 261 28.31 -15.15 -9.12
N ILE D 262 28.28 -15.26 -7.80
CA ILE D 262 28.89 -16.41 -7.06
C ILE D 262 28.11 -17.67 -7.46
N TYR D 263 26.78 -17.57 -7.51
CA TYR D 263 25.89 -18.69 -7.87
C TYR D 263 26.29 -19.16 -9.27
N GLU D 264 26.53 -18.22 -10.20
CA GLU D 264 26.82 -18.55 -11.64
C GLU D 264 28.11 -19.39 -11.72
N ILE D 265 29.12 -19.04 -10.94
CA ILE D 265 30.44 -19.75 -10.95
C ILE D 265 30.20 -21.21 -10.55
N TYR D 266 29.47 -21.45 -9.47
CA TYR D 266 29.17 -22.82 -9.00
C TYR D 266 28.35 -23.52 -10.07
N LYS D 267 27.36 -22.82 -10.63
CA LYS D 267 26.44 -23.45 -11.62
C LYS D 267 27.28 -23.95 -12.80
N ASN D 268 28.27 -23.17 -13.24
CA ASN D 268 29.07 -23.45 -14.47
C ASN D 268 30.31 -24.29 -14.14
N ASN D 269 30.65 -24.50 -12.85
CA ASN D 269 31.87 -25.23 -12.42
C ASN D 269 31.46 -26.19 -11.31
N LEU D 270 30.33 -26.87 -11.49
CA LEU D 270 29.74 -27.74 -10.45
C LEU D 270 30.71 -28.86 -10.16
N PRO D 271 31.09 -29.07 -8.90
CA PRO D 271 31.89 -30.23 -8.52
C PRO D 271 31.12 -31.53 -8.81
N LYS D 272 31.87 -32.51 -9.33
CA LYS D 272 31.49 -33.92 -9.58
C LYS D 272 30.58 -34.45 -8.47
N ARG D 273 29.45 -35.05 -8.83
CA ARG D 273 28.57 -35.82 -7.91
C ARG D 273 27.92 -34.88 -6.88
N PHE D 274 27.98 -33.57 -7.10
CA PHE D 274 27.17 -32.59 -6.33
C PHE D 274 26.13 -31.98 -7.27
N LYS D 275 24.96 -31.67 -6.74
CA LYS D 275 23.94 -30.85 -7.45
C LYS D 275 23.61 -29.59 -6.66
N LEU D 276 23.25 -28.55 -7.37
CA LEU D 276 22.67 -27.32 -6.77
C LEU D 276 21.37 -27.73 -6.05
N PHE D 277 21.16 -27.18 -4.86
CA PHE D 277 19.91 -27.38 -4.09
C PHE D 277 18.76 -27.03 -5.05
N PRO D 278 17.65 -27.79 -5.03
CA PRO D 278 16.53 -27.48 -5.92
C PRO D 278 16.08 -26.02 -5.84
N ASN D 279 15.90 -25.40 -7.00
CA ASN D 279 15.54 -23.97 -7.11
C ASN D 279 14.66 -23.78 -8.35
N HIS D 280 13.68 -22.89 -8.29
CA HIS D 280 12.66 -22.77 -9.37
C HIS D 280 12.52 -21.31 -9.81
N SER D 281 13.57 -20.51 -9.68
CA SER D 281 13.65 -19.15 -10.25
C SER D 281 14.40 -19.24 -11.59
N LYS D 282 13.96 -18.50 -12.60
CA LYS D 282 14.61 -18.47 -13.94
C LYS D 282 15.93 -17.70 -13.83
N LYS D 283 16.04 -16.67 -13.00
CA LYS D 283 17.36 -16.00 -12.72
C LYS D 283 17.99 -16.59 -11.45
N ASN D 284 19.31 -16.49 -11.34
CA ASN D 284 20.04 -17.00 -10.14
C ASN D 284 19.35 -16.46 -8.88
N PRO D 285 19.15 -17.33 -7.87
CA PRO D 285 18.67 -16.87 -6.57
C PRO D 285 19.79 -16.10 -5.87
N VAL D 286 19.43 -15.28 -4.88
CA VAL D 286 20.37 -14.60 -3.98
C VAL D 286 20.44 -15.41 -2.67
N CYS D 287 21.52 -16.15 -2.49
CA CYS D 287 21.63 -17.17 -1.44
C CYS D 287 22.33 -16.62 -0.20
N SER D 288 21.94 -17.15 0.95
CA SER D 288 22.58 -16.90 2.27
C SER D 288 23.78 -17.84 2.42
N SER D 289 23.83 -18.91 1.62
CA SER D 289 24.92 -19.90 1.50
C SER D 289 24.71 -20.67 0.19
N ILE D 290 25.79 -21.16 -0.41
CA ILE D 290 25.66 -22.02 -1.64
C ILE D 290 25.41 -23.41 -1.10
N CYS D 291 24.19 -23.89 -1.30
CA CYS D 291 23.70 -25.21 -0.86
C CYS D 291 23.92 -26.23 -1.97
N LEU D 292 24.81 -27.19 -1.77
CA LEU D 292 24.99 -28.32 -2.71
C LEU D 292 24.42 -29.59 -2.04
N LEU D 293 23.90 -30.52 -2.82
CA LEU D 293 23.58 -31.89 -2.37
C LEU D 293 24.56 -32.89 -3.00
N PHE D 294 25.38 -33.55 -2.19
CA PHE D 294 26.21 -34.69 -2.66
C PHE D 294 25.27 -35.88 -2.96
N ASP D 295 25.73 -36.85 -3.75
CA ASP D 295 24.83 -37.97 -4.17
C ASP D 295 24.71 -39.00 -3.03
N LYS D 296 25.55 -38.91 -1.99
CA LYS D 296 25.52 -39.84 -0.82
C LYS D 296 25.62 -39.07 0.50
N PRO D 297 25.08 -39.62 1.61
CA PRO D 297 25.35 -39.06 2.94
C PRO D 297 26.86 -38.94 3.20
N PHE D 298 27.28 -37.85 3.82
CA PHE D 298 28.68 -37.68 4.26
C PHE D 298 28.67 -36.81 5.51
N ARG D 299 29.77 -36.88 6.23
CA ARG D 299 30.01 -36.13 7.48
C ARG D 299 30.73 -34.82 7.13
N LEU D 300 30.29 -33.74 7.77
CA LEU D 300 30.86 -32.38 7.61
C LEU D 300 32.38 -32.39 7.85
N ASP D 301 32.88 -33.22 8.75
CA ASP D 301 34.31 -33.19 9.12
C ASP D 301 35.18 -33.67 7.94
N LYS D 302 34.60 -34.21 6.86
CA LYS D 302 35.42 -34.56 5.66
C LYS D 302 35.64 -33.34 4.75
N ILE D 303 35.06 -32.18 5.07
CA ILE D 303 35.20 -30.95 4.26
C ILE D 303 36.19 -30.01 4.94
N PRO D 304 37.41 -29.84 4.40
CA PRO D 304 38.46 -29.08 5.08
C PRO D 304 38.45 -27.56 4.81
N PHE D 305 37.30 -26.93 5.03
CA PHE D 305 37.10 -25.47 4.95
C PHE D 305 35.81 -25.14 5.67
N LEU D 306 35.63 -23.86 6.02
CA LEU D 306 34.43 -23.37 6.74
C LEU D 306 33.18 -23.76 5.95
N SER D 307 32.29 -24.52 6.57
CA SER D 307 31.05 -24.98 5.92
C SER D 307 30.13 -25.52 7.02
N ARG D 308 28.87 -25.67 6.69
CA ARG D 308 27.79 -26.04 7.64
CA ARG D 308 27.84 -26.10 7.66
C ARG D 308 26.83 -27.02 6.95
N LYS D 309 26.02 -27.67 7.76
CA LYS D 309 24.78 -28.36 7.35
C LYS D 309 23.63 -27.62 8.02
N TYR D 310 22.68 -27.18 7.20
CA TYR D 310 21.33 -26.74 7.59
C TYR D 310 20.33 -27.58 6.77
N TYR D 311 19.12 -27.85 7.28
CA TYR D 311 18.70 -27.71 8.66
C TYR D 311 18.55 -29.08 9.30
N LYS D 312 19.07 -29.26 10.52
CA LYS D 312 18.82 -30.49 11.31
C LYS D 312 17.30 -30.62 11.41
N PRO D 313 16.74 -31.74 10.94
CA PRO D 313 15.28 -31.88 10.88
C PRO D 313 14.61 -31.69 12.26
N LEU D 314 13.51 -30.93 12.30
CA LEU D 314 12.76 -30.66 13.56
C LEU D 314 12.21 -32.00 14.06
N ASP D 315 11.77 -32.83 13.14
CA ASP D 315 11.34 -34.24 13.38
C ASP D 315 12.33 -35.11 12.60
N LEU D 316 13.25 -35.77 13.31
CA LEU D 316 14.35 -36.59 12.74
C LEU D 316 13.79 -37.86 12.07
N SER D 317 12.52 -38.22 12.32
CA SER D 317 11.78 -39.33 11.63
C SER D 317 11.38 -38.96 10.19
N SER D 318 11.37 -37.69 9.77
CA SER D 318 11.02 -37.25 8.40
C SER D 318 12.14 -37.65 7.43
N PRO D 319 11.95 -38.67 6.56
CA PRO D 319 13.08 -39.27 5.83
C PRO D 319 13.72 -38.43 4.70
N VAL D 320 12.95 -37.61 3.97
CA VAL D 320 13.53 -36.74 2.91
C VAL D 320 14.30 -35.59 3.57
N SER D 321 13.75 -35.00 4.63
CA SER D 321 14.46 -33.98 5.46
C SER D 321 15.80 -34.54 5.95
N LEU D 322 15.79 -35.72 6.56
CA LEU D 322 17.03 -36.36 7.08
C LEU D 322 17.99 -36.64 5.91
N ASP D 323 17.51 -37.17 4.77
CA ASP D 323 18.32 -37.42 3.55
C ASP D 323 19.01 -36.10 3.15
N PHE D 324 18.27 -34.99 3.10
CA PHE D 324 18.81 -33.64 2.69
C PHE D 324 19.91 -33.22 3.67
N TYR D 325 19.65 -33.34 4.97
CA TYR D 325 20.60 -32.93 6.04
C TYR D 325 21.90 -33.72 5.86
N GLN D 326 21.78 -35.04 5.64
CA GLN D 326 22.95 -35.94 5.50
C GLN D 326 23.73 -35.63 4.21
N ARG D 327 23.09 -35.12 3.16
CA ARG D 327 23.70 -34.92 1.82
C ARG D 327 24.03 -33.45 1.54
N ILE D 328 23.63 -32.52 2.40
CA ILE D 328 23.79 -31.09 2.06
C ILE D 328 25.15 -30.59 2.54
N LEU D 329 25.70 -29.68 1.75
CA LEU D 329 26.86 -28.84 2.12
C LEU D 329 26.42 -27.40 1.89
N CYS D 330 26.49 -26.59 2.93
CA CYS D 330 26.23 -25.13 2.88
C CYS D 330 27.58 -24.42 2.95
N ILE D 331 27.92 -23.78 1.86
CA ILE D 331 29.19 -23.09 1.61
C ILE D 331 28.98 -21.60 1.81
N PRO D 332 29.97 -20.92 2.41
CA PRO D 332 29.87 -19.48 2.62
C PRO D 332 29.54 -18.77 1.31
N CYS D 333 28.66 -17.79 1.38
CA CYS D 333 28.27 -16.96 0.22
C CYS D 333 28.11 -15.52 0.70
N ASN D 334 29.07 -14.66 0.40
CA ASN D 334 29.07 -13.26 0.88
C ASN D 334 30.01 -12.45 -0.02
N ILE D 335 29.89 -11.12 0.07
CA ILE D 335 30.58 -10.15 -0.83
C ILE D 335 32.07 -10.05 -0.47
N ASP D 336 32.59 -10.77 0.52
CA ASP D 336 34.05 -10.77 0.80
C ASP D 336 34.73 -11.92 0.02
N LEU D 337 34.00 -12.96 -0.35
CA LEU D 337 34.57 -14.14 -1.05
C LEU D 337 35.20 -13.71 -2.36
N THR D 338 36.41 -14.17 -2.66
CA THR D 338 37.09 -13.92 -3.96
C THR D 338 36.84 -15.09 -4.92
N ASP D 339 37.07 -14.90 -6.22
CA ASP D 339 37.00 -16.00 -7.21
C ASP D 339 38.06 -17.05 -6.87
N ARG D 340 39.19 -16.59 -6.35
CA ARG D 340 40.25 -17.52 -5.92
C ARG D 340 39.70 -18.47 -4.84
N GLN D 341 39.06 -17.92 -3.80
CA GLN D 341 38.47 -18.77 -2.72
C GLN D 341 37.47 -19.77 -3.34
N ILE D 342 36.59 -19.30 -4.24
CA ILE D 342 35.53 -20.16 -4.85
C ILE D 342 36.19 -21.32 -5.63
N TYR D 343 37.19 -21.06 -6.47
CA TYR D 343 37.86 -22.11 -7.27
C TYR D 343 38.65 -23.03 -6.33
N GLU D 344 39.20 -22.54 -5.23
CA GLU D 344 39.87 -23.40 -4.21
C GLU D 344 38.83 -24.35 -3.60
N ILE D 345 37.65 -23.83 -3.21
CA ILE D 345 36.52 -24.66 -2.68
C ILE D 345 36.18 -25.76 -3.71
N ILE D 346 35.97 -25.39 -4.97
CA ILE D 346 35.57 -26.35 -6.03
C ILE D 346 36.61 -27.48 -6.17
N GLY D 347 37.89 -27.12 -6.26
CA GLY D 347 39.02 -28.09 -6.21
C GLY D 347 38.90 -29.04 -5.03
N VAL D 348 38.65 -28.52 -3.82
CA VAL D 348 38.57 -29.35 -2.58
C VAL D 348 37.39 -30.31 -2.73
N LEU D 349 36.28 -29.84 -3.29
CA LEU D 349 35.05 -30.66 -3.40
C LEU D 349 35.23 -31.71 -4.51
N ASN D 350 35.91 -31.37 -5.61
CA ASN D 350 36.20 -32.36 -6.68
C ASN D 350 37.01 -33.51 -6.08
N GLU D 351 38.00 -33.18 -5.25
CA GLU D 351 38.82 -34.16 -4.51
C GLU D 351 37.95 -34.97 -3.55
N PHE D 352 37.13 -34.31 -2.74
CA PHE D 352 36.25 -35.00 -1.77
C PHE D 352 35.43 -36.06 -2.53
N ALA D 353 34.89 -35.71 -3.70
CA ALA D 353 34.07 -36.60 -4.55
C ALA D 353 34.90 -37.83 -5.02
N ASP D 354 36.15 -37.66 -5.45
CA ASP D 354 36.99 -38.79 -5.93
C ASP D 354 37.19 -39.76 -4.77
N LYS D 355 37.22 -39.27 -3.54
CA LYS D 355 37.61 -40.04 -2.33
C LYS D 355 36.38 -40.67 -1.66
N ASN D 356 35.15 -40.32 -2.04
CA ASN D 356 33.93 -40.75 -1.31
C ASN D 356 32.86 -41.25 -2.29
O41 Z7P E . -13.77 25.65 -18.36
C41 Z7P E . -14.71 26.11 -17.69
C51 Z7P E . -15.90 25.39 -17.50
C61 Z7P E . -16.92 25.96 -16.79
N31 Z7P E . -14.63 27.34 -17.16
C21 Z7P E . -15.61 27.94 -16.46
O21 Z7P E . -15.48 29.10 -16.02
N11 Z7P E . -16.79 27.22 -16.25
C1 Z7P E . -17.92 27.82 -15.52
O4 Z7P E . -18.44 26.97 -14.50
C2 Z7P E . -19.11 27.96 -16.46
O2 Z7P E . -18.97 29.18 -17.13
C3 Z7P E . -20.29 27.96 -15.55
O3 Z7P E . -20.42 29.29 -14.98
C4 Z7P E . -19.87 27.01 -14.41
C5 Z7P E . -20.46 25.60 -14.46
O5 Z7P E . -20.18 25.08 -15.77
P Z7P E . -21.14 24.21 -16.60
O1P Z7P E . -22.56 24.68 -16.83
O2P Z7P E . -20.47 24.00 -17.93
OPP Z7P E . -21.23 22.74 -16.00
P2 Z7P E . -22.18 22.07 -14.90
O3P Z7P E . -22.62 23.10 -13.86
O4P Z7P E . -23.13 21.19 -15.62
O1G Z7P E . -21.14 21.01 -14.19
C1G Z7P E . -19.95 21.53 -13.61
O5G Z7P E . -20.17 21.64 -12.19
C5G Z7P E . -20.30 20.42 -11.48
C6G Z7P E . -20.64 20.75 -10.03
C4G Z7P E . -18.94 19.67 -11.57
C3G Z7P E . -18.59 19.38 -13.06
O3G Z7P E . -17.21 19.04 -13.16
C2G Z7P E . -18.76 20.62 -13.97
O2G Z7P E . -18.86 20.31 -15.36
N4A Z7P E . -19.11 18.43 -10.76
C4A Z7P E . -18.62 17.31 -11.09
C4L Z7P E . -18.85 16.15 -10.23
C3L Z7P E . -19.56 16.33 -8.94
O3L Z7P E . -20.00 17.60 -8.59
C2L Z7P E . -19.77 15.16 -8.08
C2A Z7P E . -20.49 15.25 -6.79
C5L Z7P E . -18.40 14.79 -10.62
C6L Z7P E . -18.67 13.76 -9.72
N1L Z7P E . -19.32 13.95 -8.52
C5B Z7P E . -17.67 14.51 -11.91
OP4 Z7P E . -16.39 15.08 -11.97
PL Z7P E . -15.85 15.51 -13.43
OP1 Z7P E . -14.51 16.06 -13.19
OP2 Z7P E . -16.72 16.67 -13.96
OP3 Z7P E . -16.06 14.24 -14.28
CL CL F . -0.74 28.96 -11.95
CL CL G . -13.44 17.21 12.67
C1 EDO H . -27.12 19.20 -10.90
O1 EDO H . -27.81 20.44 -10.72
C2 EDO H . -26.40 19.01 -12.20
O2 EDO H . -27.27 18.86 -13.33
O41 Z7P I . 3.12 8.54 -25.10
C41 Z7P I . 3.48 7.49 -25.68
C51 Z7P I . 2.83 6.27 -25.46
C61 Z7P I . 3.32 5.12 -26.11
N31 Z7P I . 4.57 7.55 -26.45
C21 Z7P I . 5.06 6.46 -27.07
O21 Z7P I . 6.04 6.62 -27.81
N11 Z7P I . 4.41 5.21 -26.92
C1 Z7P I . 4.95 4.00 -27.53
O4 Z7P I . 3.98 3.24 -28.19
C2 Z7P I . 5.43 3.07 -26.41
O2 Z7P I . 6.78 3.38 -26.06
C3 Z7P I . 5.35 1.74 -27.06
O3 Z7P I . 6.57 1.73 -27.80
C4 Z7P I . 4.21 1.86 -28.05
C5 Z7P I . 2.91 1.23 -27.61
O5 Z7P I . 2.71 1.75 -26.30
P Z7P I . 2.01 0.94 -25.16
O1P Z7P I . 2.65 -0.41 -24.88
O2P Z7P I . 1.99 1.72 -23.90
OPP Z7P I . 0.50 0.74 -25.52
P2 Z7P I . -0.26 -0.45 -26.19
O3P Z7P I . 0.48 -1.12 -27.33
O4P Z7P I . -0.98 -1.35 -25.21
O1G Z7P I . -1.54 0.30 -26.86
C1G Z7P I . -1.24 1.37 -27.73
O5G Z7P I . -1.36 0.92 -29.08
C5G Z7P I . -2.69 0.61 -29.42
C6G Z7P I . -2.67 -0.02 -30.80
C4G Z7P I . -3.52 1.88 -29.44
C3G Z7P I . -3.52 2.56 -28.08
O3G Z7P I . -4.01 3.92 -28.26
C2G Z7P I . -2.11 2.59 -27.46
O2G Z7P I . -2.25 2.75 -26.04
N4A Z7P I . -4.81 1.51 -30.00
C4A Z7P I . -5.92 1.98 -29.59
C4L Z7P I . -7.19 1.61 -30.14
C3L Z7P I . -7.25 0.70 -31.31
O3L Z7P I . -6.15 0.22 -31.82
C2L Z7P I . -8.52 0.34 -31.86
C2A Z7P I . -8.59 -0.60 -33.03
C5L Z7P I . -8.50 2.06 -29.64
C6L Z7P I . -9.66 1.63 -30.24
N1L Z7P I . -9.64 0.80 -31.28
C5B Z7P I . -8.63 3.00 -28.45
OP4 Z7P I . -8.11 4.28 -28.73
PL Z7P I . -7.55 5.09 -27.51
OP1 Z7P I . -7.20 6.40 -28.13
OP2 Z7P I . -6.26 4.39 -27.01
OP3 Z7P I . -8.63 5.13 -26.44
CL CL J . 4.08 20.04 -34.43
CL CL K . -10.76 2.35 -53.41
C1 EDO L . -0.45 35.92 -21.05
O1 EDO L . 0.30 36.06 -19.83
C2 EDO L . -0.15 34.67 -21.79
O2 EDO L . -0.17 33.49 -21.00
NA NA M . 5.65 21.44 -40.93
O41 Z7P N . 10.77 5.73 22.73
C41 Z7P N . 9.85 6.18 23.45
C51 Z7P N . 8.71 5.50 23.74
C61 Z7P N . 7.70 6.06 24.49
N31 Z7P N . 10.01 7.40 23.97
C21 Z7P N . 9.06 7.99 24.68
O21 Z7P N . 9.25 9.15 25.11
N11 Z7P N . 7.87 7.28 25.00
C1 Z7P N . 6.82 7.96 25.76
O4 Z7P N . 6.42 7.20 26.89
C2 Z7P N . 5.53 8.07 24.97
O2 Z7P N . 5.52 9.21 24.14
C3 Z7P N . 4.46 8.13 26.00
O3 Z7P N . 4.38 9.45 26.63
C4 Z7P N . 5.01 7.23 27.09
C5 Z7P N . 4.46 5.82 27.08
O5 Z7P N . 4.63 5.21 25.77
P Z7P N . 3.47 4.45 24.99
O1P Z7P N . 2.16 5.12 25.12
O2P Z7P N . 4.09 4.31 23.62
OPP Z7P N . 3.44 2.99 25.65
P2 Z7P N . 2.53 2.27 26.71
O3P Z7P N . 2.04 3.20 27.80
O4P Z7P N . 1.46 1.45 26.10
O1G Z7P N . 3.55 1.23 27.39
C1G Z7P N . 4.81 1.72 27.86
O5G Z7P N . 4.72 1.89 29.27
C5G Z7P N . 4.59 0.63 29.97
C6G Z7P N . 4.18 0.97 31.39
C4G Z7P N . 5.92 -0.15 29.84
C3G Z7P N . 6.18 -0.44 28.35
O3G Z7P N . 7.55 -0.80 28.19
C2G Z7P N . 5.99 0.81 27.48
O2G Z7P N . 5.93 0.40 26.10
N4A Z7P N . 5.84 -1.40 30.61
C4A Z7P N . 6.26 -2.55 30.30
C4L Z7P N . 6.07 -3.66 31.20
C3L Z7P N . 5.45 -3.49 32.51
O3L Z7P N . 5.09 -2.28 32.86
C2L Z7P N . 5.23 -4.65 33.37
C2A Z7P N . 4.60 -4.60 34.75
C5L Z7P N . 6.44 -5.04 30.82
C6L Z7P N . 6.18 -6.06 31.71
N1L Z7P N . 5.63 -5.85 32.91
C5B Z7P N . 7.08 -5.40 29.48
OP4 Z7P N . 8.29 -4.72 29.29
PL Z7P N . 8.77 -4.33 27.81
OP1 Z7P N . 10.21 -3.88 27.98
OP2 Z7P N . 7.88 -3.24 27.25
OP3 Z7P N . 8.60 -5.64 27.06
CL CL O . 24.18 8.88 28.08
CL CL P . 12.84 -2.51 53.69
C1 EDO Q . 8.54 1.94 32.11
O1 EDO Q . 7.43 2.23 31.28
C2 EDO Q . 8.34 0.91 33.17
O2 EDO Q . 7.65 -0.29 32.77
NA NA R . 38.70 -7.85 12.26
O41 Z7P S . 26.88 -11.53 14.81
C41 Z7P S . 27.20 -12.61 14.23
C51 Z7P S . 26.51 -13.81 14.47
C61 Z7P S . 26.92 -14.97 13.81
N31 Z7P S . 28.23 -12.63 13.37
C21 Z7P S . 28.66 -13.76 12.77
O21 Z7P S . 29.65 -13.72 12.01
N11 Z7P S . 28.00 -14.99 12.99
C1 Z7P S . 28.46 -16.22 12.34
O4 Z7P S . 27.39 -16.98 11.78
C2 Z7P S . 29.01 -17.18 13.41
O2 Z7P S . 30.38 -16.98 13.83
C3 Z7P S . 28.86 -18.52 12.78
O3 Z7P S . 29.98 -18.80 11.91
C4 Z7P S . 27.65 -18.36 11.88
C5 Z7P S . 26.41 -19.03 12.40
O5 Z7P S . 26.00 -18.42 13.60
P Z7P S . 25.54 -19.30 14.85
O1P Z7P S . 26.19 -20.66 14.90
O2P Z7P S . 25.70 -18.56 16.13
OPP Z7P S . 23.94 -19.43 14.59
P2 Z7P S . 23.05 -20.65 14.04
O3P Z7P S . 23.78 -21.40 12.94
O4P Z7P S . 22.44 -21.47 15.09
O1G Z7P S . 21.75 -19.88 13.40
C1G Z7P S . 22.07 -18.75 12.60
O5G Z7P S . 21.91 -19.18 11.26
C5G Z7P S . 20.54 -19.45 10.92
C6G Z7P S . 20.53 -20.12 9.56
C4G Z7P S . 19.72 -18.18 11.00
C3G Z7P S . 19.79 -17.56 12.40
O3G Z7P S . 19.31 -16.20 12.31
C2G Z7P S . 21.21 -17.51 12.96
O2G Z7P S . 21.19 -17.28 14.37
N4A Z7P S . 18.34 -18.55 10.62
C4A Z7P S . 17.29 -18.07 11.12
C4L Z7P S . 16.00 -18.48 10.60
C3L Z7P S . 15.90 -19.38 9.43
O3L Z7P S . 16.97 -19.87 8.80
C2L Z7P S . 14.55 -19.77 8.93
C2A Z7P S . 14.41 -20.73 7.78
C5L Z7P S . 14.75 -17.98 11.17
C6L Z7P S . 13.54 -18.41 10.60
N1L Z7P S . 13.48 -19.27 9.56
C5B Z7P S . 14.71 -17.03 12.36
OP4 Z7P S . 15.31 -15.77 12.01
PL Z7P S . 15.90 -14.90 13.22
OP1 Z7P S . 16.26 -13.57 12.62
OP2 Z7P S . 17.19 -15.69 13.59
OP3 Z7P S . 15.00 -14.84 14.43
CL CL T . 27.54 -0.14 5.53
CL CL U . 10.87 -17.45 -12.57
C1 EDO V . 19.94 -39.37 -3.74
O1 EDO V . 21.06 -39.99 -3.11
C2 EDO V . 18.67 -39.73 -3.09
O2 EDO V . 18.55 -41.12 -2.88
C1 EDO W . 16.54 -10.16 18.45
O1 EDO W . 15.76 -9.02 18.74
C2 EDO W . 16.98 -11.02 19.57
O2 EDO W . 15.99 -11.57 20.45
C1 EDO X . -8.68 -18.26 5.38
O1 EDO X . -8.10 -18.68 4.15
C2 EDO X . -8.30 -19.12 6.52
O2 EDO X . -9.34 -19.98 6.93
#